data_1SDR
# 
_entry.id   1SDR 
# 
_audit_conform.dict_name       mmcif_pdbx.dic 
_audit_conform.dict_version    5.386 
_audit_conform.dict_location   http://mmcif.pdb.org/dictionaries/ascii/mmcif_pdbx.dic 
# 
loop_
_database_2.database_id 
_database_2.database_code 
_database_2.pdbx_database_accession 
_database_2.pdbx_DOI 
PDB   1SDR         pdb_00001sdr 10.2210/pdb1sdr/pdb 
RCSB  ARL062       ?            ?                   
WWPDB D_1000176335 ?            ?                   
# 
loop_
_pdbx_audit_revision_history.ordinal 
_pdbx_audit_revision_history.data_content_type 
_pdbx_audit_revision_history.major_revision 
_pdbx_audit_revision_history.minor_revision 
_pdbx_audit_revision_history.revision_date 
1 'Structure model' 1 0 1995-02-27 
2 'Structure model' 1 1 2008-05-22 
3 'Structure model' 1 2 2011-07-13 
4 'Structure model' 1 3 2024-02-14 
# 
_pdbx_audit_revision_details.ordinal             1 
_pdbx_audit_revision_details.revision_ordinal    1 
_pdbx_audit_revision_details.data_content_type   'Structure model' 
_pdbx_audit_revision_details.provider            repository 
_pdbx_audit_revision_details.type                'Initial release' 
_pdbx_audit_revision_details.description         ? 
_pdbx_audit_revision_details.details             ? 
# 
loop_
_pdbx_audit_revision_group.ordinal 
_pdbx_audit_revision_group.revision_ordinal 
_pdbx_audit_revision_group.data_content_type 
_pdbx_audit_revision_group.group 
1 2 'Structure model' 'Version format compliance' 
2 3 'Structure model' 'Version format compliance' 
3 4 'Structure model' 'Data collection'           
4 4 'Structure model' 'Database references'       
# 
loop_
_pdbx_audit_revision_category.ordinal 
_pdbx_audit_revision_category.revision_ordinal 
_pdbx_audit_revision_category.data_content_type 
_pdbx_audit_revision_category.category 
1 4 'Structure model' chem_comp_atom 
2 4 'Structure model' chem_comp_bond 
3 4 'Structure model' database_2     
# 
loop_
_pdbx_audit_revision_item.ordinal 
_pdbx_audit_revision_item.revision_ordinal 
_pdbx_audit_revision_item.data_content_type 
_pdbx_audit_revision_item.item 
1 4 'Structure model' '_database_2.pdbx_DOI'                
2 4 'Structure model' '_database_2.pdbx_database_accession' 
# 
_pdbx_database_status.status_code                     REL 
_pdbx_database_status.entry_id                        1SDR 
_pdbx_database_status.recvd_initial_deposition_date   1994-12-11 
_pdbx_database_status.deposit_site                    BNL 
_pdbx_database_status.process_site                    BNL 
_pdbx_database_status.status_code_sf                  REL 
_pdbx_database_status.status_code_mr                  ? 
_pdbx_database_status.SG_entry                        ? 
_pdbx_database_status.pdb_format_compatible           Y 
_pdbx_database_status.status_code_cs                  ? 
_pdbx_database_status.status_code_nmr_data            ? 
_pdbx_database_status.methods_development_category    ? 
# 
loop_
_audit_author.name 
_audit_author.pdbx_ordinal 
'Schindelin, H.' 1 
'Zhang, M.'      2 
'Bald, R.'       3 
'Fuerste, J.-P.' 4 
'Erdmann, V.A.'  5 
'Heinemann, U.'  6 
# 
loop_
_citation.id 
_citation.title 
_citation.journal_abbrev 
_citation.journal_volume 
_citation.page_first 
_citation.page_last 
_citation.year 
_citation.journal_id_ASTM 
_citation.country 
_citation.journal_id_ISSN 
_citation.journal_id_CSD 
_citation.book_publisher 
_citation.pdbx_database_id_PubMed 
_citation.pdbx_database_id_DOI 
primary 'Crystal structure of an RNA dodecamer containing the Escherichia coli Shine-Dalgarno sequence.' J.Mol.Biol.            
249 595  603 1995 JMOBAK UK 0022-2836 0070 ? 7540215 10.1006/jmbi.1995.0321 
1       'A Single Base Change in the Shine-Dalgarno Region of 16s RRNA of Escherichia Coli Affects Translation of Many Proteins' 
Proc.Natl.Acad.Sci.USA 84  4757 ?   1987 PNASA6 US 0027-8424 0040 ? ?       ?                      
2       
;Specialized Ribosome Systems: Preferential Translation of a Single MRNA Species by a Subpopulation of Mutated Ribosomes in Escherichia Coli
;
Proc.Natl.Acad.Sci.USA 84  4762 ?   1987 PNASA6 US 0027-8424 0040 ? ?       ?                      
# 
loop_
_citation_author.citation_id 
_citation_author.name 
_citation_author.ordinal 
_citation_author.identifier_ORCID 
primary 'Schindelin, H.' 1  ? 
primary 'Zhang, M.'      2  ? 
primary 'Bald, R.'       3  ? 
primary 'Furste, J.P.'   4  ? 
primary 'Erdmann, V.A.'  5  ? 
primary 'Heinemann, U.'  6  ? 
1       'Jacobs, W.F.'   7  ? 
1       'Santer, M.'     8  ? 
1       'Dahlberg, A.E.' 9  ? 
2       'Hui, A.'        10 ? 
2       'De Boer, H.A.'  11 ? 
# 
loop_
_entity.id 
_entity.type 
_entity.src_method 
_entity.pdbx_description 
_entity.formula_weight 
_entity.pdbx_number_of_molecules 
_entity.pdbx_ec 
_entity.pdbx_mutation 
_entity.pdbx_fragment 
_entity.details 
1 polymer syn 
;RNA (5'-R(*UP*AP*AP*GP*GP*AP*GP*GP*UP*GP*AP*U)-3')
;
3916.392 2  ? ? ? ? 
2 polymer syn 
;RNA (5'-R(*AP*UP*CP*AP*CP*CP*UP*CP*CP*UP*UP*A)-3')
;
3693.232 2  ? ? ? ? 
3 water   nat water                                                18.015   39 ? ? ? ? 
# 
loop_
_entity_poly.entity_id 
_entity_poly.type 
_entity_poly.nstd_linkage 
_entity_poly.nstd_monomer 
_entity_poly.pdbx_seq_one_letter_code 
_entity_poly.pdbx_seq_one_letter_code_can 
_entity_poly.pdbx_strand_id 
_entity_poly.pdbx_target_identifier 
1 polyribonucleotide no no UAAGGAGGUGAU UAAGGAGGUGAU A,C ? 
2 polyribonucleotide no no AUCACCUCCUUA AUCACCUCCUUA B,D ? 
# 
_pdbx_entity_nonpoly.entity_id   3 
_pdbx_entity_nonpoly.name        water 
_pdbx_entity_nonpoly.comp_id     HOH 
# 
loop_
_entity_poly_seq.entity_id 
_entity_poly_seq.num 
_entity_poly_seq.mon_id 
_entity_poly_seq.hetero 
1 1  U n 
1 2  A n 
1 3  A n 
1 4  G n 
1 5  G n 
1 6  A n 
1 7  G n 
1 8  G n 
1 9  U n 
1 10 G n 
1 11 A n 
1 12 U n 
2 1  A n 
2 2  U n 
2 3  C n 
2 4  A n 
2 5  C n 
2 6  C n 
2 7  U n 
2 8  C n 
2 9  C n 
2 10 U n 
2 11 U n 
2 12 A n 
# 
loop_
_chem_comp.id 
_chem_comp.type 
_chem_comp.mon_nstd_flag 
_chem_comp.name 
_chem_comp.pdbx_synonyms 
_chem_comp.formula 
_chem_comp.formula_weight 
A   'RNA linking' y "ADENOSINE-5'-MONOPHOSPHATE" ? 'C10 H14 N5 O7 P' 347.221 
C   'RNA linking' y "CYTIDINE-5'-MONOPHOSPHATE"  ? 'C9 H14 N3 O8 P'  323.197 
G   'RNA linking' y "GUANOSINE-5'-MONOPHOSPHATE" ? 'C10 H14 N5 O8 P' 363.221 
HOH non-polymer   . WATER                        ? 'H2 O'            18.015  
U   'RNA linking' y "URIDINE-5'-MONOPHOSPHATE"   ? 'C9 H13 N2 O9 P'  324.181 
# 
loop_
_pdbx_poly_seq_scheme.asym_id 
_pdbx_poly_seq_scheme.entity_id 
_pdbx_poly_seq_scheme.seq_id 
_pdbx_poly_seq_scheme.mon_id 
_pdbx_poly_seq_scheme.ndb_seq_num 
_pdbx_poly_seq_scheme.pdb_seq_num 
_pdbx_poly_seq_scheme.auth_seq_num 
_pdbx_poly_seq_scheme.pdb_mon_id 
_pdbx_poly_seq_scheme.auth_mon_id 
_pdbx_poly_seq_scheme.pdb_strand_id 
_pdbx_poly_seq_scheme.pdb_ins_code 
_pdbx_poly_seq_scheme.hetero 
A 1 1  U 1  1  1  U U A . n 
A 1 2  A 2  2  2  A A A . n 
A 1 3  A 3  3  3  A A A . n 
A 1 4  G 4  4  4  G G A . n 
A 1 5  G 5  5  5  G G A . n 
A 1 6  A 6  6  6  A A A . n 
A 1 7  G 7  7  7  G G A . n 
A 1 8  G 8  8  8  G G A . n 
A 1 9  U 9  9  9  U U A . n 
A 1 10 G 10 10 10 G G A . n 
A 1 11 A 11 11 11 A A A . n 
A 1 12 U 12 12 12 U U A . n 
B 2 1  A 1  13 13 A A B . n 
B 2 2  U 2  14 14 U U B . n 
B 2 3  C 3  15 15 C C B . n 
B 2 4  A 4  16 16 A A B . n 
B 2 5  C 5  17 17 C C B . n 
B 2 6  C 6  18 18 C C B . n 
B 2 7  U 7  19 19 U U B . n 
B 2 8  C 8  20 20 C C B . n 
B 2 9  C 9  21 21 C C B . n 
B 2 10 U 10 22 22 U U B . n 
B 2 11 U 11 23 23 U U B . n 
B 2 12 A 12 24 24 A A B . n 
C 1 1  U 1  25 25 U U C . n 
C 1 2  A 2  26 26 A A C . n 
C 1 3  A 3  27 27 A A C . n 
C 1 4  G 4  28 28 G G C . n 
C 1 5  G 5  29 29 G G C . n 
C 1 6  A 6  30 30 A A C . n 
C 1 7  G 7  31 31 G G C . n 
C 1 8  G 8  32 32 G G C . n 
C 1 9  U 9  33 33 U U C . n 
C 1 10 G 10 34 34 G G C . n 
C 1 11 A 11 35 35 A A C . n 
C 1 12 U 12 36 36 U U C . n 
D 2 1  A 1  37 37 A A D . n 
D 2 2  U 2  38 38 U U D . n 
D 2 3  C 3  39 39 C C D . n 
D 2 4  A 4  40 40 A A D . n 
D 2 5  C 5  41 41 C C D . n 
D 2 6  C 6  42 42 C C D . n 
D 2 7  U 7  43 43 U U D . n 
D 2 8  C 8  44 44 C C D . n 
D 2 9  C 9  45 45 C C D . n 
D 2 10 U 10 46 46 U U D . n 
D 2 11 U 11 47 47 U U D . n 
D 2 12 A 12 48 48 A A D . n 
# 
loop_
_pdbx_nonpoly_scheme.asym_id 
_pdbx_nonpoly_scheme.entity_id 
_pdbx_nonpoly_scheme.mon_id 
_pdbx_nonpoly_scheme.ndb_seq_num 
_pdbx_nonpoly_scheme.pdb_seq_num 
_pdbx_nonpoly_scheme.auth_seq_num 
_pdbx_nonpoly_scheme.pdb_mon_id 
_pdbx_nonpoly_scheme.auth_mon_id 
_pdbx_nonpoly_scheme.pdb_strand_id 
_pdbx_nonpoly_scheme.pdb_ins_code 
E 3 HOH 1  49 49 HOH HOH A . 
E 3 HOH 2  62 62 HOH HOH A . 
E 3 HOH 3  65 65 HOH HOH A . 
E 3 HOH 4  69 69 HOH HOH A . 
E 3 HOH 5  72 72 HOH HOH A . 
E 3 HOH 6  82 82 HOH HOH A . 
E 3 HOH 7  83 83 HOH HOH A . 
F 3 HOH 1  50 50 HOH HOH B . 
F 3 HOH 2  52 52 HOH HOH B . 
F 3 HOH 3  57 57 HOH HOH B . 
F 3 HOH 4  58 58 HOH HOH B . 
F 3 HOH 5  64 64 HOH HOH B . 
F 3 HOH 6  67 67 HOH HOH B . 
F 3 HOH 7  68 68 HOH HOH B . 
F 3 HOH 8  71 71 HOH HOH B . 
F 3 HOH 9  74 74 HOH HOH B . 
F 3 HOH 10 79 79 HOH HOH B . 
F 3 HOH 11 81 81 HOH HOH B . 
F 3 HOH 12 87 87 HOH HOH B . 
G 3 HOH 1  53 53 HOH HOH C . 
G 3 HOH 2  54 54 HOH HOH C . 
G 3 HOH 3  55 55 HOH HOH C . 
G 3 HOH 4  56 56 HOH HOH C . 
G 3 HOH 5  59 59 HOH HOH C . 
G 3 HOH 6  60 60 HOH HOH C . 
G 3 HOH 7  66 66 HOH HOH C . 
G 3 HOH 8  75 75 HOH HOH C . 
G 3 HOH 9  77 77 HOH HOH C . 
G 3 HOH 10 78 78 HOH HOH C . 
G 3 HOH 11 80 80 HOH HOH C . 
G 3 HOH 12 84 84 HOH HOH C . 
G 3 HOH 13 85 85 HOH HOH C . 
H 3 HOH 1  51 51 HOH HOH D . 
H 3 HOH 2  61 61 HOH HOH D . 
H 3 HOH 3  63 63 HOH HOH D . 
H 3 HOH 4  70 70 HOH HOH D . 
H 3 HOH 5  73 73 HOH HOH D . 
H 3 HOH 6  76 76 HOH HOH D . 
H 3 HOH 7  86 86 HOH HOH D . 
# 
_software.name             X-PLOR 
_software.classification   refinement 
_software.version          . 
_software.citation_id      ? 
_software.pdbx_ordinal     1 
# 
_cell.entry_id           1SDR 
_cell.length_a           27.690 
_cell.length_b           30.900 
_cell.length_c           41.980 
_cell.angle_alpha        90.92 
_cell.angle_beta         103.63 
_cell.angle_gamma        113.81 
_cell.Z_PDB              2 
_cell.pdbx_unique_axis   ? 
# 
_symmetry.entry_id                         1SDR 
_symmetry.space_group_name_H-M             'P 1' 
_symmetry.pdbx_full_space_group_name_H-M   ? 
_symmetry.cell_setting                     ? 
_symmetry.Int_Tables_number                1 
# 
_exptl.entry_id          1SDR 
_exptl.method            'X-RAY DIFFRACTION' 
_exptl.crystals_number   ? 
# 
_exptl_crystal.id                    1 
_exptl_crystal.density_meas          ? 
_exptl_crystal.density_Matthews      1.95 
_exptl_crystal.density_percent_sol   36.9000 
_exptl_crystal.description           ? 
# 
_diffrn.id                     1 
_diffrn.crystal_id             1 
_diffrn.ambient_temp           ? 
_diffrn.ambient_temp_details   ? 
# 
_diffrn_radiation.diffrn_id                        1 
_diffrn_radiation.wavelength_id                    1 
_diffrn_radiation.pdbx_monochromatic_or_laue_m_l   ? 
_diffrn_radiation.monochromator                    ? 
_diffrn_radiation.pdbx_diffrn_protocol             ? 
_diffrn_radiation.pdbx_scattering_type             x-ray 
# 
_diffrn_radiation_wavelength.id           1 
_diffrn_radiation_wavelength.wavelength   . 
_diffrn_radiation_wavelength.wt           1.0 
# 
_diffrn_source.diffrn_id                   1 
_diffrn_source.source                      ? 
_diffrn_source.type                        ? 
_diffrn_source.pdbx_synchrotron_site       ? 
_diffrn_source.pdbx_synchrotron_beamline   ? 
_diffrn_source.pdbx_wavelength             ? 
_diffrn_source.pdbx_wavelength_list        ? 
# 
_reflns.entry_id                     1SDR 
_reflns.observed_criterion_sigma_I   0.000 
_reflns.observed_criterion_sigma_F   ? 
_reflns.d_resolution_low             8.000 
_reflns.d_resolution_high            2.600 
_reflns.number_obs                   3050 
_reflns.number_all                   ? 
_reflns.percent_possible_obs         83.600 
_reflns.pdbx_Rmerge_I_obs            ? 
_reflns.pdbx_Rsym_value              ? 
_reflns.pdbx_netI_over_sigmaI        ? 
_reflns.B_iso_Wilson_estimate        ? 
_reflns.pdbx_redundancy              ? 
_reflns.pdbx_diffrn_id               1 
_reflns.pdbx_ordinal                 1 
# 
_refine.entry_id                                 1SDR 
_refine.ls_number_reflns_obs                     2957 
_refine.ls_number_reflns_all                     ? 
_refine.pdbx_ls_sigma_I                          ? 
_refine.pdbx_ls_sigma_F                          0.000 
_refine.pdbx_data_cutoff_high_absF               ? 
_refine.pdbx_data_cutoff_low_absF                ? 
_refine.pdbx_data_cutoff_high_rms_absF           ? 
_refine.ls_d_res_low                             8.000 
_refine.ls_d_res_high                            2.600 
_refine.ls_percent_reflns_obs                    ? 
_refine.ls_R_factor_obs                          0.1950000 
_refine.ls_R_factor_all                          ? 
_refine.ls_R_factor_R_work                       0.1950000 
_refine.ls_R_factor_R_free                       ? 
_refine.ls_R_factor_R_free_error                 ? 
_refine.ls_R_factor_R_free_error_details         ? 
_refine.ls_percent_reflns_R_free                 ? 
_refine.ls_number_reflns_R_free                  ? 
_refine.ls_number_parameters                     ? 
_refine.ls_number_restraints                     ? 
_refine.occupancy_min                            ? 
_refine.occupancy_max                            ? 
_refine.B_iso_mean                               13.85 
_refine.aniso_B[1][1]                            ? 
_refine.aniso_B[2][2]                            ? 
_refine.aniso_B[3][3]                            ? 
_refine.aniso_B[1][2]                            ? 
_refine.aniso_B[1][3]                            ? 
_refine.aniso_B[2][3]                            ? 
_refine.solvent_model_details                    ? 
_refine.solvent_model_param_ksol                 ? 
_refine.solvent_model_param_bsol                 ? 
_refine.pdbx_ls_cross_valid_method               ? 
_refine.details                                  ? 
_refine.pdbx_starting_model                      ? 
_refine.pdbx_method_to_determine_struct          ? 
_refine.pdbx_isotropic_thermal_model             ? 
_refine.pdbx_stereochemistry_target_values       ? 
_refine.pdbx_stereochem_target_val_spec_case     ? 
_refine.pdbx_R_Free_selection_details            ? 
_refine.pdbx_overall_ESU_R                       ? 
_refine.pdbx_overall_ESU_R_Free                  ? 
_refine.overall_SU_ML                            ? 
_refine.overall_SU_B                             ? 
_refine.pdbx_refine_id                           'X-RAY DIFFRACTION' 
_refine.pdbx_diffrn_id                           1 
_refine.pdbx_TLS_residual_ADP_flag               ? 
_refine.correlation_coeff_Fo_to_Fc               ? 
_refine.correlation_coeff_Fo_to_Fc_free          ? 
_refine.pdbx_solvent_vdw_probe_radii             ? 
_refine.pdbx_solvent_ion_probe_radii             ? 
_refine.pdbx_solvent_shrinkage_radii             ? 
_refine.pdbx_overall_phase_error                 ? 
_refine.overall_SU_R_Cruickshank_DPI             ? 
_refine.pdbx_overall_SU_R_free_Cruickshank_DPI   ? 
_refine.pdbx_overall_SU_R_Blow_DPI               ? 
_refine.pdbx_overall_SU_R_free_Blow_DPI          ? 
# 
_refine_hist.pdbx_refine_id                   'X-RAY DIFFRACTION' 
_refine_hist.cycle_id                         LAST 
_refine_hist.pdbx_number_atoms_protein        0 
_refine_hist.pdbx_number_atoms_nucleic_acid   1006 
_refine_hist.pdbx_number_atoms_ligand         0 
_refine_hist.number_atoms_solvent             39 
_refine_hist.number_atoms_total               1045 
_refine_hist.d_res_high                       2.600 
_refine_hist.d_res_low                        8.000 
# 
loop_
_refine_ls_restr.type 
_refine_ls_restr.dev_ideal 
_refine_ls_restr.dev_ideal_target 
_refine_ls_restr.weight 
_refine_ls_restr.number 
_refine_ls_restr.pdbx_refine_id 
_refine_ls_restr.pdbx_restraint_function 
x_bond_d                0.019 ? ? ? 'X-RAY DIFFRACTION' ? 
x_bond_d_na             ?     ? ? ? 'X-RAY DIFFRACTION' ? 
x_bond_d_prot           ?     ? ? ? 'X-RAY DIFFRACTION' ? 
x_angle_d               ?     ? ? ? 'X-RAY DIFFRACTION' ? 
x_angle_d_na            ?     ? ? ? 'X-RAY DIFFRACTION' ? 
x_angle_d_prot          ?     ? ? ? 'X-RAY DIFFRACTION' ? 
x_angle_deg             2.82  ? ? ? 'X-RAY DIFFRACTION' ? 
x_angle_deg_na          ?     ? ? ? 'X-RAY DIFFRACTION' ? 
x_angle_deg_prot        ?     ? ? ? 'X-RAY DIFFRACTION' ? 
x_dihedral_angle_d      28.7  ? ? ? 'X-RAY DIFFRACTION' ? 
x_dihedral_angle_d_na   ?     ? ? ? 'X-RAY DIFFRACTION' ? 
x_dihedral_angle_d_prot ?     ? ? ? 'X-RAY DIFFRACTION' ? 
x_improper_angle_d      ?     ? ? ? 'X-RAY DIFFRACTION' ? 
x_improper_angle_d_na   ?     ? ? ? 'X-RAY DIFFRACTION' ? 
x_improper_angle_d_prot ?     ? ? ? 'X-RAY DIFFRACTION' ? 
x_mcbond_it             ?     ? ? ? 'X-RAY DIFFRACTION' ? 
x_mcangle_it            ?     ? ? ? 'X-RAY DIFFRACTION' ? 
x_scbond_it             ?     ? ? ? 'X-RAY DIFFRACTION' ? 
x_scangle_it            ?     ? ? ? 'X-RAY DIFFRACTION' ? 
# 
_struct_ncs_oper.id             1 
_struct_ncs_oper.code           given 
_struct_ncs_oper.details        ? 
_struct_ncs_oper.matrix[1][1]   0.37773012 
_struct_ncs_oper.matrix[1][2]   -0.27885708 
_struct_ncs_oper.matrix[1][3]   -0.88292217 
_struct_ncs_oper.matrix[2][1]   0.04810187 
_struct_ncs_oper.matrix[2][2]   -0.94637589 
_struct_ncs_oper.matrix[2][3]   0.31946685 
_struct_ncs_oper.matrix[3][1]   -0.92466657 
_struct_ncs_oper.matrix[3][2]   -0.16314358 
_struct_ncs_oper.matrix[3][3]   -0.34406423 
_struct_ncs_oper.vector[1]      0.19426 
_struct_ncs_oper.vector[2]      2.17789 
_struct_ncs_oper.vector[3]      -3.23867 
# 
_struct.entry_id                  1SDR 
_struct.title                     'CRYSTAL STRUCTURE OF AN RNA DODECAMER CONTAINING THE ESCHERICHIA COLI SHINE-DALGARNO SEQUENCE' 
_struct.pdbx_model_details        ? 
_struct.pdbx_CASP_flag            ? 
_struct.pdbx_model_type_details   ? 
# 
_struct_keywords.entry_id        1SDR 
_struct_keywords.pdbx_keywords   RNA 
_struct_keywords.text            'A-RNA, DOUBLE HELIX, RNA' 
# 
loop_
_struct_asym.id 
_struct_asym.pdbx_blank_PDB_chainid_flag 
_struct_asym.pdbx_modified 
_struct_asym.entity_id 
_struct_asym.details 
A N N 1 ? 
B N N 2 ? 
C N N 1 ? 
D N N 2 ? 
E N N 3 ? 
F N N 3 ? 
G N N 3 ? 
H N N 3 ? 
# 
loop_
_struct_ref.id 
_struct_ref.entity_id 
_struct_ref.db_name 
_struct_ref.db_code 
_struct_ref.pdbx_db_accession 
_struct_ref.pdbx_db_isoform 
_struct_ref.pdbx_seq_one_letter_code 
_struct_ref.pdbx_align_begin 
1 1 PDB 1SDR 1SDR ? ? ? 
2 2 PDB 1SDR 1SDR ? ? ? 
# 
loop_
_struct_ref_seq.align_id 
_struct_ref_seq.ref_id 
_struct_ref_seq.pdbx_PDB_id_code 
_struct_ref_seq.pdbx_strand_id 
_struct_ref_seq.seq_align_beg 
_struct_ref_seq.pdbx_seq_align_beg_ins_code 
_struct_ref_seq.seq_align_end 
_struct_ref_seq.pdbx_seq_align_end_ins_code 
_struct_ref_seq.pdbx_db_accession 
_struct_ref_seq.db_align_beg 
_struct_ref_seq.pdbx_db_align_beg_ins_code 
_struct_ref_seq.db_align_end 
_struct_ref_seq.pdbx_db_align_end_ins_code 
_struct_ref_seq.pdbx_auth_seq_align_beg 
_struct_ref_seq.pdbx_auth_seq_align_end 
1 1 1SDR A 1 ? 12 ? 1SDR 1  ? 12 ? 1  12 
2 2 1SDR B 1 ? 12 ? 1SDR 13 ? 24 ? 13 24 
3 1 1SDR C 1 ? 12 ? 1SDR 25 ? 36 ? 25 36 
4 2 1SDR D 1 ? 12 ? 1SDR 37 ? 48 ? 37 48 
# 
loop_
_pdbx_struct_assembly.id 
_pdbx_struct_assembly.details 
_pdbx_struct_assembly.method_details 
_pdbx_struct_assembly.oligomeric_details 
_pdbx_struct_assembly.oligomeric_count 
1 author_defined_assembly ? dimeric 2 
2 author_defined_assembly ? dimeric 2 
# 
loop_
_pdbx_struct_assembly_gen.assembly_id 
_pdbx_struct_assembly_gen.oper_expression 
_pdbx_struct_assembly_gen.asym_id_list 
1 1 A,B,E,F 
2 1 C,D,G,H 
# 
_pdbx_struct_oper_list.id                   1 
_pdbx_struct_oper_list.type                 'identity operation' 
_pdbx_struct_oper_list.name                 1_555 
_pdbx_struct_oper_list.symmetry_operation   x,y,z 
_pdbx_struct_oper_list.matrix[1][1]         1.0000000000 
_pdbx_struct_oper_list.matrix[1][2]         0.0000000000 
_pdbx_struct_oper_list.matrix[1][3]         0.0000000000 
_pdbx_struct_oper_list.vector[1]            0.0000000000 
_pdbx_struct_oper_list.matrix[2][1]         0.0000000000 
_pdbx_struct_oper_list.matrix[2][2]         1.0000000000 
_pdbx_struct_oper_list.matrix[2][3]         0.0000000000 
_pdbx_struct_oper_list.vector[2]            0.0000000000 
_pdbx_struct_oper_list.matrix[3][1]         0.0000000000 
_pdbx_struct_oper_list.matrix[3][2]         0.0000000000 
_pdbx_struct_oper_list.matrix[3][3]         1.0000000000 
_pdbx_struct_oper_list.vector[3]            0.0000000000 
# 
loop_
_struct_biol.id 
1 
2 
# 
loop_
_struct_conn.id 
_struct_conn.conn_type_id 
_struct_conn.pdbx_leaving_atom_flag 
_struct_conn.pdbx_PDB_id 
_struct_conn.ptnr1_label_asym_id 
_struct_conn.ptnr1_label_comp_id 
_struct_conn.ptnr1_label_seq_id 
_struct_conn.ptnr1_label_atom_id 
_struct_conn.pdbx_ptnr1_label_alt_id 
_struct_conn.pdbx_ptnr1_PDB_ins_code 
_struct_conn.pdbx_ptnr1_standard_comp_id 
_struct_conn.ptnr1_symmetry 
_struct_conn.ptnr2_label_asym_id 
_struct_conn.ptnr2_label_comp_id 
_struct_conn.ptnr2_label_seq_id 
_struct_conn.ptnr2_label_atom_id 
_struct_conn.pdbx_ptnr2_label_alt_id 
_struct_conn.pdbx_ptnr2_PDB_ins_code 
_struct_conn.ptnr1_auth_asym_id 
_struct_conn.ptnr1_auth_comp_id 
_struct_conn.ptnr1_auth_seq_id 
_struct_conn.ptnr2_auth_asym_id 
_struct_conn.ptnr2_auth_comp_id 
_struct_conn.ptnr2_auth_seq_id 
_struct_conn.ptnr2_symmetry 
_struct_conn.pdbx_ptnr3_label_atom_id 
_struct_conn.pdbx_ptnr3_label_seq_id 
_struct_conn.pdbx_ptnr3_label_comp_id 
_struct_conn.pdbx_ptnr3_label_asym_id 
_struct_conn.pdbx_ptnr3_label_alt_id 
_struct_conn.pdbx_ptnr3_PDB_ins_code 
_struct_conn.details 
_struct_conn.pdbx_dist_value 
_struct_conn.pdbx_value_order 
_struct_conn.pdbx_role 
hydrog1  hydrog ? ? A U 1  N3 ? ? ? 1_555 B A 12 N1 ? ? A U 1  B A 24 1_555 ? ? ? ? ? ? WATSON-CRICK ? ? ? 
hydrog2  hydrog ? ? A U 1  O4 ? ? ? 1_555 B A 12 N6 ? ? A U 1  B A 24 1_555 ? ? ? ? ? ? WATSON-CRICK ? ? ? 
hydrog3  hydrog ? ? A A 2  N1 ? ? ? 1_555 B U 11 N3 ? ? A A 2  B U 23 1_555 ? ? ? ? ? ? WATSON-CRICK ? ? ? 
hydrog4  hydrog ? ? A A 2  N6 ? ? ? 1_555 B U 11 O4 ? ? A A 2  B U 23 1_555 ? ? ? ? ? ? WATSON-CRICK ? ? ? 
hydrog5  hydrog ? ? A A 3  N1 ? ? ? 1_555 B U 10 N3 ? ? A A 3  B U 22 1_555 ? ? ? ? ? ? WATSON-CRICK ? ? ? 
hydrog6  hydrog ? ? A A 3  N6 ? ? ? 1_555 B U 10 O4 ? ? A A 3  B U 22 1_555 ? ? ? ? ? ? WATSON-CRICK ? ? ? 
hydrog7  hydrog ? ? A G 4  N1 ? ? ? 1_555 B C 9  N3 ? ? A G 4  B C 21 1_555 ? ? ? ? ? ? WATSON-CRICK ? ? ? 
hydrog8  hydrog ? ? A G 4  N2 ? ? ? 1_555 B C 9  O2 ? ? A G 4  B C 21 1_555 ? ? ? ? ? ? WATSON-CRICK ? ? ? 
hydrog9  hydrog ? ? A G 4  O6 ? ? ? 1_555 B C 9  N4 ? ? A G 4  B C 21 1_555 ? ? ? ? ? ? WATSON-CRICK ? ? ? 
hydrog10 hydrog ? ? A G 5  N1 ? ? ? 1_555 B C 8  N3 ? ? A G 5  B C 20 1_555 ? ? ? ? ? ? WATSON-CRICK ? ? ? 
hydrog11 hydrog ? ? A G 5  N2 ? ? ? 1_555 B C 8  O2 ? ? A G 5  B C 20 1_555 ? ? ? ? ? ? WATSON-CRICK ? ? ? 
hydrog12 hydrog ? ? A G 5  O6 ? ? ? 1_555 B C 8  N4 ? ? A G 5  B C 20 1_555 ? ? ? ? ? ? WATSON-CRICK ? ? ? 
hydrog13 hydrog ? ? A A 6  N1 ? ? ? 1_555 B U 7  N3 ? ? A A 6  B U 19 1_555 ? ? ? ? ? ? WATSON-CRICK ? ? ? 
hydrog14 hydrog ? ? A A 6  N6 ? ? ? 1_555 B U 7  O4 ? ? A A 6  B U 19 1_555 ? ? ? ? ? ? WATSON-CRICK ? ? ? 
hydrog15 hydrog ? ? A G 7  N1 ? ? ? 1_555 B C 6  N3 ? ? A G 7  B C 18 1_555 ? ? ? ? ? ? WATSON-CRICK ? ? ? 
hydrog16 hydrog ? ? A G 7  N2 ? ? ? 1_555 B C 6  O2 ? ? A G 7  B C 18 1_555 ? ? ? ? ? ? WATSON-CRICK ? ? ? 
hydrog17 hydrog ? ? A G 7  O6 ? ? ? 1_555 B C 6  N4 ? ? A G 7  B C 18 1_555 ? ? ? ? ? ? WATSON-CRICK ? ? ? 
hydrog18 hydrog ? ? A G 8  N1 ? ? ? 1_555 B C 5  N3 ? ? A G 8  B C 17 1_555 ? ? ? ? ? ? WATSON-CRICK ? ? ? 
hydrog19 hydrog ? ? A G 8  N2 ? ? ? 1_555 B C 5  O2 ? ? A G 8  B C 17 1_555 ? ? ? ? ? ? WATSON-CRICK ? ? ? 
hydrog20 hydrog ? ? A G 8  O6 ? ? ? 1_555 B C 5  N4 ? ? A G 8  B C 17 1_555 ? ? ? ? ? ? WATSON-CRICK ? ? ? 
hydrog21 hydrog ? ? A U 9  N3 ? ? ? 1_555 B A 4  N1 ? ? A U 9  B A 16 1_555 ? ? ? ? ? ? WATSON-CRICK ? ? ? 
hydrog22 hydrog ? ? A U 9  O4 ? ? ? 1_555 B A 4  N6 ? ? A U 9  B A 16 1_555 ? ? ? ? ? ? WATSON-CRICK ? ? ? 
hydrog23 hydrog ? ? A G 10 N1 ? ? ? 1_555 B C 3  N3 ? ? A G 10 B C 15 1_555 ? ? ? ? ? ? WATSON-CRICK ? ? ? 
hydrog24 hydrog ? ? A G 10 N2 ? ? ? 1_555 B C 3  O2 ? ? A G 10 B C 15 1_555 ? ? ? ? ? ? WATSON-CRICK ? ? ? 
hydrog25 hydrog ? ? A G 10 O6 ? ? ? 1_555 B C 3  N4 ? ? A G 10 B C 15 1_555 ? ? ? ? ? ? WATSON-CRICK ? ? ? 
hydrog26 hydrog ? ? A A 11 N1 ? ? ? 1_555 B U 2  N3 ? ? A A 11 B U 14 1_555 ? ? ? ? ? ? WATSON-CRICK ? ? ? 
hydrog27 hydrog ? ? A A 11 N6 ? ? ? 1_555 B U 2  O4 ? ? A A 11 B U 14 1_555 ? ? ? ? ? ? WATSON-CRICK ? ? ? 
hydrog28 hydrog ? ? A U 12 N3 ? ? ? 1_555 B A 1  N1 ? ? A U 12 B A 13 1_555 ? ? ? ? ? ? WATSON-CRICK ? ? ? 
hydrog29 hydrog ? ? A U 12 O4 ? ? ? 1_555 B A 1  N6 ? ? A U 12 B A 13 1_555 ? ? ? ? ? ? WATSON-CRICK ? ? ? 
hydrog30 hydrog ? ? C U 1  N3 ? ? ? 1_555 D A 12 N1 ? ? C U 25 D A 48 1_555 ? ? ? ? ? ? WATSON-CRICK ? ? ? 
hydrog31 hydrog ? ? C U 1  O4 ? ? ? 1_555 D A 12 N6 ? ? C U 25 D A 48 1_555 ? ? ? ? ? ? WATSON-CRICK ? ? ? 
hydrog32 hydrog ? ? C A 2  N1 ? ? ? 1_555 D U 11 N3 ? ? C A 26 D U 47 1_555 ? ? ? ? ? ? WATSON-CRICK ? ? ? 
hydrog33 hydrog ? ? C A 2  N6 ? ? ? 1_555 D U 11 O4 ? ? C A 26 D U 47 1_555 ? ? ? ? ? ? WATSON-CRICK ? ? ? 
hydrog34 hydrog ? ? C A 3  N1 ? ? ? 1_555 D U 10 N3 ? ? C A 27 D U 46 1_555 ? ? ? ? ? ? WATSON-CRICK ? ? ? 
hydrog35 hydrog ? ? C A 3  N6 ? ? ? 1_555 D U 10 O4 ? ? C A 27 D U 46 1_555 ? ? ? ? ? ? WATSON-CRICK ? ? ? 
hydrog36 hydrog ? ? C G 4  N1 ? ? ? 1_555 D C 9  N3 ? ? C G 28 D C 45 1_555 ? ? ? ? ? ? WATSON-CRICK ? ? ? 
hydrog37 hydrog ? ? C G 4  N2 ? ? ? 1_555 D C 9  O2 ? ? C G 28 D C 45 1_555 ? ? ? ? ? ? WATSON-CRICK ? ? ? 
hydrog38 hydrog ? ? C G 4  O6 ? ? ? 1_555 D C 9  N4 ? ? C G 28 D C 45 1_555 ? ? ? ? ? ? WATSON-CRICK ? ? ? 
hydrog39 hydrog ? ? C G 5  N1 ? ? ? 1_555 D C 8  N3 ? ? C G 29 D C 44 1_555 ? ? ? ? ? ? WATSON-CRICK ? ? ? 
hydrog40 hydrog ? ? C G 5  N2 ? ? ? 1_555 D C 8  O2 ? ? C G 29 D C 44 1_555 ? ? ? ? ? ? WATSON-CRICK ? ? ? 
hydrog41 hydrog ? ? C G 5  O6 ? ? ? 1_555 D C 8  N4 ? ? C G 29 D C 44 1_555 ? ? ? ? ? ? WATSON-CRICK ? ? ? 
hydrog42 hydrog ? ? C A 6  N1 ? ? ? 1_555 D U 7  N3 ? ? C A 30 D U 43 1_555 ? ? ? ? ? ? WATSON-CRICK ? ? ? 
hydrog43 hydrog ? ? C A 6  N6 ? ? ? 1_555 D U 7  O4 ? ? C A 30 D U 43 1_555 ? ? ? ? ? ? WATSON-CRICK ? ? ? 
hydrog44 hydrog ? ? C G 7  N1 ? ? ? 1_555 D C 6  N3 ? ? C G 31 D C 42 1_555 ? ? ? ? ? ? WATSON-CRICK ? ? ? 
hydrog45 hydrog ? ? C G 7  N2 ? ? ? 1_555 D C 6  O2 ? ? C G 31 D C 42 1_555 ? ? ? ? ? ? WATSON-CRICK ? ? ? 
hydrog46 hydrog ? ? C G 7  O6 ? ? ? 1_555 D C 6  N4 ? ? C G 31 D C 42 1_555 ? ? ? ? ? ? WATSON-CRICK ? ? ? 
hydrog47 hydrog ? ? C G 8  N1 ? ? ? 1_555 D C 5  N3 ? ? C G 32 D C 41 1_555 ? ? ? ? ? ? WATSON-CRICK ? ? ? 
hydrog48 hydrog ? ? C G 8  N2 ? ? ? 1_555 D C 5  O2 ? ? C G 32 D C 41 1_555 ? ? ? ? ? ? WATSON-CRICK ? ? ? 
hydrog49 hydrog ? ? C G 8  O6 ? ? ? 1_555 D C 5  N4 ? ? C G 32 D C 41 1_555 ? ? ? ? ? ? WATSON-CRICK ? ? ? 
hydrog50 hydrog ? ? C U 9  N3 ? ? ? 1_555 D A 4  N1 ? ? C U 33 D A 40 1_555 ? ? ? ? ? ? WATSON-CRICK ? ? ? 
hydrog51 hydrog ? ? C U 9  O4 ? ? ? 1_555 D A 4  N6 ? ? C U 33 D A 40 1_555 ? ? ? ? ? ? WATSON-CRICK ? ? ? 
hydrog52 hydrog ? ? C G 10 N1 ? ? ? 1_555 D C 3  N3 ? ? C G 34 D C 39 1_555 ? ? ? ? ? ? WATSON-CRICK ? ? ? 
hydrog53 hydrog ? ? C G 10 N2 ? ? ? 1_555 D C 3  O2 ? ? C G 34 D C 39 1_555 ? ? ? ? ? ? WATSON-CRICK ? ? ? 
hydrog54 hydrog ? ? C G 10 O6 ? ? ? 1_555 D C 3  N4 ? ? C G 34 D C 39 1_555 ? ? ? ? ? ? WATSON-CRICK ? ? ? 
hydrog55 hydrog ? ? C A 11 N1 ? ? ? 1_555 D U 2  N3 ? ? C A 35 D U 38 1_555 ? ? ? ? ? ? WATSON-CRICK ? ? ? 
hydrog56 hydrog ? ? C A 11 N6 ? ? ? 1_555 D U 2  O4 ? ? C A 35 D U 38 1_555 ? ? ? ? ? ? WATSON-CRICK ? ? ? 
hydrog57 hydrog ? ? C U 12 N3 ? ? ? 1_555 D A 1  N1 ? ? C U 36 D A 37 1_555 ? ? ? ? ? ? WATSON-CRICK ? ? ? 
hydrog58 hydrog ? ? C U 12 O4 ? ? ? 1_555 D A 1  N6 ? ? C U 36 D A 37 1_555 ? ? ? ? ? ? WATSON-CRICK ? ? ? 
# 
_struct_conn_type.id          hydrog 
_struct_conn_type.criteria    ? 
_struct_conn_type.reference   ? 
# 
loop_
_pdbx_validate_rmsd_bond.id 
_pdbx_validate_rmsd_bond.PDB_model_num 
_pdbx_validate_rmsd_bond.auth_atom_id_1 
_pdbx_validate_rmsd_bond.auth_asym_id_1 
_pdbx_validate_rmsd_bond.auth_comp_id_1 
_pdbx_validate_rmsd_bond.auth_seq_id_1 
_pdbx_validate_rmsd_bond.PDB_ins_code_1 
_pdbx_validate_rmsd_bond.label_alt_id_1 
_pdbx_validate_rmsd_bond.auth_atom_id_2 
_pdbx_validate_rmsd_bond.auth_asym_id_2 
_pdbx_validate_rmsd_bond.auth_comp_id_2 
_pdbx_validate_rmsd_bond.auth_seq_id_2 
_pdbx_validate_rmsd_bond.PDB_ins_code_2 
_pdbx_validate_rmsd_bond.label_alt_id_2 
_pdbx_validate_rmsd_bond.bond_value 
_pdbx_validate_rmsd_bond.bond_target_value 
_pdbx_validate_rmsd_bond.bond_deviation 
_pdbx_validate_rmsd_bond.bond_standard_deviation 
_pdbx_validate_rmsd_bond.linker_flag 
1 1 "C2'" A A 6  ? ? "C1'" A A 6  ? ? 1.478 1.526 -0.048 0.008 N 
2 1 "C5'" A U 9  ? ? "C4'" A U 9  ? ? 1.583 1.509 0.074  0.012 N 
3 1 "C2'" A U 12 ? ? "C1'" A U 12 ? ? 1.472 1.526 -0.054 0.008 N 
4 1 P     B U 14 ? ? "O5'" B U 14 ? ? 1.657 1.593 0.064  0.010 N 
5 1 "C2'" B U 14 ? ? "C1'" B U 14 ? ? 1.477 1.526 -0.049 0.008 N 
6 1 "C2'" C U 36 ? ? "C1'" C U 36 ? ? 1.473 1.526 -0.053 0.008 N 
7 1 "C4'" D U 47 ? ? "C3'" D U 47 ? ? 1.454 1.521 -0.067 0.010 N 
# 
loop_
_pdbx_validate_rmsd_angle.id 
_pdbx_validate_rmsd_angle.PDB_model_num 
_pdbx_validate_rmsd_angle.auth_atom_id_1 
_pdbx_validate_rmsd_angle.auth_asym_id_1 
_pdbx_validate_rmsd_angle.auth_comp_id_1 
_pdbx_validate_rmsd_angle.auth_seq_id_1 
_pdbx_validate_rmsd_angle.PDB_ins_code_1 
_pdbx_validate_rmsd_angle.label_alt_id_1 
_pdbx_validate_rmsd_angle.auth_atom_id_2 
_pdbx_validate_rmsd_angle.auth_asym_id_2 
_pdbx_validate_rmsd_angle.auth_comp_id_2 
_pdbx_validate_rmsd_angle.auth_seq_id_2 
_pdbx_validate_rmsd_angle.PDB_ins_code_2 
_pdbx_validate_rmsd_angle.label_alt_id_2 
_pdbx_validate_rmsd_angle.auth_atom_id_3 
_pdbx_validate_rmsd_angle.auth_asym_id_3 
_pdbx_validate_rmsd_angle.auth_comp_id_3 
_pdbx_validate_rmsd_angle.auth_seq_id_3 
_pdbx_validate_rmsd_angle.PDB_ins_code_3 
_pdbx_validate_rmsd_angle.label_alt_id_3 
_pdbx_validate_rmsd_angle.angle_value 
_pdbx_validate_rmsd_angle.angle_target_value 
_pdbx_validate_rmsd_angle.angle_deviation 
_pdbx_validate_rmsd_angle.angle_standard_deviation 
_pdbx_validate_rmsd_angle.linker_flag 
1  1 "C3'" A A 2  ? ? "O3'" A A 2  ? ? P     A A 3  ? ? 127.54 119.70 7.84   1.20 Y 
2  1 "C3'" A A 3  ? ? "C2'" A A 3  ? ? "C1'" A A 3  ? ? 96.59  101.30 -4.71  0.70 N 
3  1 "O4'" A G 5  ? ? "C1'" A G 5  ? ? N9    A G 5  ? ? 114.30 108.50 5.80   0.70 N 
4  1 N1    A G 5  ? ? C6    A G 5  ? ? O6    A G 5  ? ? 124.08 119.90 4.18   0.60 N 
5  1 C5    A G 5  ? ? C6    A G 5  ? ? O6    A G 5  ? ? 124.98 128.60 -3.62  0.60 N 
6  1 "O4'" A G 7  ? ? "C1'" A G 7  ? ? N9    A G 7  ? ? 114.16 108.50 5.66   0.70 N 
7  1 C5    A G 7  ? ? C6    A G 7  ? ? O6    A G 7  ? ? 124.86 128.60 -3.74  0.60 N 
8  1 P     A U 9  ? ? "O5'" A U 9  ? ? "C5'" A U 9  ? ? 132.27 120.90 11.37  1.60 N 
9  1 "O4'" A A 11 ? ? "C1'" A A 11 ? ? N9    A A 11 ? ? 115.81 108.50 7.31   0.70 N 
10 1 "O4'" B U 14 ? ? "C1'" B U 14 ? ? N1    B U 14 ? ? 113.16 108.50 4.66   0.70 N 
11 1 "O4'" B C 15 ? ? "C1'" B C 15 ? ? N1    B C 15 ? ? 113.96 108.50 5.46   0.70 N 
12 1 "O4'" B C 17 ? ? "C1'" B C 17 ? ? N1    B C 17 ? ? 114.03 108.50 5.53   0.70 N 
13 1 "C5'" B C 18 ? ? "C4'" B C 18 ? ? "O4'" B C 18 ? ? 116.87 109.80 7.07   0.90 N 
14 1 N1    B C 18 ? ? C2    B C 18 ? ? O2    B C 18 ? ? 123.57 118.90 4.67   0.60 N 
15 1 N3    B C 18 ? ? C4    B C 18 ? ? N4    B C 18 ? ? 122.91 118.00 4.91   0.70 N 
16 1 C5    B C 18 ? ? C4    B C 18 ? ? N4    B C 18 ? ? 114.39 120.20 -5.81  0.70 N 
17 1 "C3'" B U 19 ? ? "O3'" B U 19 ? ? P     B C 20 ? ? 128.64 119.70 8.94   1.20 Y 
18 1 "O4'" B C 20 ? ? "C1'" B C 20 ? ? N1    B C 20 ? ? 115.71 108.50 7.21   0.70 N 
19 1 N1    B C 21 ? ? C2    B C 21 ? ? O2    B C 21 ? ? 123.32 118.90 4.42   0.60 N 
20 1 N3    B C 21 ? ? C2    B C 21 ? ? O2    B C 21 ? ? 117.46 121.90 -4.44  0.70 N 
21 1 "O4'" B U 22 ? ? "C1'" B U 22 ? ? N1    B U 22 ? ? 116.66 108.50 8.16   0.70 N 
22 1 "O4'" C A 27 ? ? "C4'" C A 27 ? ? "C3'" C A 27 ? ? 96.84  104.00 -7.16  1.00 N 
23 1 "O4'" C G 28 ? ? "C1'" C G 28 ? ? N9    C G 28 ? ? 112.84 108.50 4.34   0.70 N 
24 1 C5    C G 28 ? ? C6    C G 28 ? ? O6    C G 28 ? ? 124.80 128.60 -3.80  0.60 N 
25 1 "C3'" C G 29 ? ? "O3'" C G 29 ? ? P     C A 30 ? ? 127.59 119.70 7.89   1.20 Y 
26 1 "O4'" C U 33 ? ? "C1'" C U 33 ? ? N1    C U 33 ? ? 117.36 108.50 8.86   0.70 N 
27 1 "C1'" C G 34 ? ? "O4'" C G 34 ? ? "C4'" C G 34 ? ? 105.12 109.70 -4.58  0.70 N 
28 1 "C5'" D A 37 ? ? "C4'" D A 37 ? ? "C3'" D A 37 ? ? 106.18 115.20 -9.02  1.40 N 
29 1 "C5'" D C 39 ? ? "C4'" D C 39 ? ? "O4'" D C 39 ? ? 117.77 109.80 7.97   0.90 N 
30 1 "C4'" D C 39 ? ? "C3'" D C 39 ? ? "C2'" D C 39 ? ? 94.59  102.60 -8.01  1.00 N 
31 1 "O4'" D C 39 ? ? "C1'" D C 39 ? ? N1    D C 39 ? ? 113.63 108.50 5.13   0.70 N 
32 1 "C3'" D C 39 ? ? "O3'" D C 39 ? ? P     D A 40 ? ? 132.60 119.70 12.90  1.20 Y 
33 1 N1    D C 41 ? ? C2    D C 41 ? ? O2    D C 41 ? ? 123.57 118.90 4.67   0.60 N 
34 1 N3    D C 41 ? ? C2    D C 41 ? ? O2    D C 41 ? ? 117.43 121.90 -4.47  0.70 N 
35 1 "O4'" D C 42 ? ? "C1'" D C 42 ? ? N1    D C 42 ? ? 113.45 108.50 4.95   0.70 N 
36 1 N1    D C 42 ? ? C2    D C 42 ? ? O2    D C 42 ? ? 122.56 118.90 3.66   0.60 N 
37 1 N3    D C 42 ? ? C2    D C 42 ? ? O2    D C 42 ? ? 117.01 121.90 -4.89  0.70 N 
38 1 "O4'" D U 43 ? ? "C1'" D U 43 ? ? N1    D U 43 ? ? 112.87 108.50 4.37   0.70 N 
39 1 N3    D U 43 ? ? C2    D U 43 ? ? O2    D U 43 ? ? 117.45 122.20 -4.75  0.70 N 
40 1 P     D C 44 ? ? "O5'" D C 44 ? ? "C5'" D C 44 ? ? 109.88 120.90 -11.02 1.60 N 
41 1 "C4'" D C 44 ? ? "C3'" D C 44 ? ? "C2'" D C 44 ? ? 95.84  102.60 -6.76  1.00 N 
42 1 N1    D C 44 ? ? C2    D C 44 ? ? O2    D C 44 ? ? 122.95 118.90 4.05   0.60 N 
43 1 "O4'" D U 46 ? ? "C4'" D U 46 ? ? "C3'" D U 46 ? ? 97.26  104.00 -6.74  1.00 N 
44 1 "O4'" D U 47 ? ? "C1'" D U 47 ? ? N1    D U 47 ? ? 115.67 108.50 7.17   0.70 N 
45 1 N3    D U 47 ? ? C2    D U 47 ? ? O2    D U 47 ? ? 117.67 122.20 -4.53  0.70 N 
46 1 N1    D A 48 ? ? C6    D A 48 ? ? N6    D A 48 ? ? 122.92 118.60 4.32   0.60 N 
# 
loop_
_chem_comp_atom.comp_id 
_chem_comp_atom.atom_id 
_chem_comp_atom.type_symbol 
_chem_comp_atom.pdbx_aromatic_flag 
_chem_comp_atom.pdbx_stereo_config 
_chem_comp_atom.pdbx_ordinal 
A   OP3    O N N 1   
A   P      P N N 2   
A   OP1    O N N 3   
A   OP2    O N N 4   
A   "O5'"  O N N 5   
A   "C5'"  C N N 6   
A   "C4'"  C N R 7   
A   "O4'"  O N N 8   
A   "C3'"  C N S 9   
A   "O3'"  O N N 10  
A   "C2'"  C N R 11  
A   "O2'"  O N N 12  
A   "C1'"  C N R 13  
A   N9     N Y N 14  
A   C8     C Y N 15  
A   N7     N Y N 16  
A   C5     C Y N 17  
A   C6     C Y N 18  
A   N6     N N N 19  
A   N1     N Y N 20  
A   C2     C Y N 21  
A   N3     N Y N 22  
A   C4     C Y N 23  
A   HOP3   H N N 24  
A   HOP2   H N N 25  
A   "H5'"  H N N 26  
A   "H5''" H N N 27  
A   "H4'"  H N N 28  
A   "H3'"  H N N 29  
A   "HO3'" H N N 30  
A   "H2'"  H N N 31  
A   "HO2'" H N N 32  
A   "H1'"  H N N 33  
A   H8     H N N 34  
A   H61    H N N 35  
A   H62    H N N 36  
A   H2     H N N 37  
C   OP3    O N N 38  
C   P      P N N 39  
C   OP1    O N N 40  
C   OP2    O N N 41  
C   "O5'"  O N N 42  
C   "C5'"  C N N 43  
C   "C4'"  C N R 44  
C   "O4'"  O N N 45  
C   "C3'"  C N S 46  
C   "O3'"  O N N 47  
C   "C2'"  C N R 48  
C   "O2'"  O N N 49  
C   "C1'"  C N R 50  
C   N1     N N N 51  
C   C2     C N N 52  
C   O2     O N N 53  
C   N3     N N N 54  
C   C4     C N N 55  
C   N4     N N N 56  
C   C5     C N N 57  
C   C6     C N N 58  
C   HOP3   H N N 59  
C   HOP2   H N N 60  
C   "H5'"  H N N 61  
C   "H5''" H N N 62  
C   "H4'"  H N N 63  
C   "H3'"  H N N 64  
C   "HO3'" H N N 65  
C   "H2'"  H N N 66  
C   "HO2'" H N N 67  
C   "H1'"  H N N 68  
C   H41    H N N 69  
C   H42    H N N 70  
C   H5     H N N 71  
C   H6     H N N 72  
G   OP3    O N N 73  
G   P      P N N 74  
G   OP1    O N N 75  
G   OP2    O N N 76  
G   "O5'"  O N N 77  
G   "C5'"  C N N 78  
G   "C4'"  C N R 79  
G   "O4'"  O N N 80  
G   "C3'"  C N S 81  
G   "O3'"  O N N 82  
G   "C2'"  C N R 83  
G   "O2'"  O N N 84  
G   "C1'"  C N R 85  
G   N9     N Y N 86  
G   C8     C Y N 87  
G   N7     N Y N 88  
G   C5     C Y N 89  
G   C6     C N N 90  
G   O6     O N N 91  
G   N1     N N N 92  
G   C2     C N N 93  
G   N2     N N N 94  
G   N3     N N N 95  
G   C4     C Y N 96  
G   HOP3   H N N 97  
G   HOP2   H N N 98  
G   "H5'"  H N N 99  
G   "H5''" H N N 100 
G   "H4'"  H N N 101 
G   "H3'"  H N N 102 
G   "HO3'" H N N 103 
G   "H2'"  H N N 104 
G   "HO2'" H N N 105 
G   "H1'"  H N N 106 
G   H8     H N N 107 
G   H1     H N N 108 
G   H21    H N N 109 
G   H22    H N N 110 
HOH O      O N N 111 
HOH H1     H N N 112 
HOH H2     H N N 113 
U   OP3    O N N 114 
U   P      P N N 115 
U   OP1    O N N 116 
U   OP2    O N N 117 
U   "O5'"  O N N 118 
U   "C5'"  C N N 119 
U   "C4'"  C N R 120 
U   "O4'"  O N N 121 
U   "C3'"  C N S 122 
U   "O3'"  O N N 123 
U   "C2'"  C N R 124 
U   "O2'"  O N N 125 
U   "C1'"  C N R 126 
U   N1     N N N 127 
U   C2     C N N 128 
U   O2     O N N 129 
U   N3     N N N 130 
U   C4     C N N 131 
U   O4     O N N 132 
U   C5     C N N 133 
U   C6     C N N 134 
U   HOP3   H N N 135 
U   HOP2   H N N 136 
U   "H5'"  H N N 137 
U   "H5''" H N N 138 
U   "H4'"  H N N 139 
U   "H3'"  H N N 140 
U   "HO3'" H N N 141 
U   "H2'"  H N N 142 
U   "HO2'" H N N 143 
U   "H1'"  H N N 144 
U   H3     H N N 145 
U   H5     H N N 146 
U   H6     H N N 147 
# 
loop_
_chem_comp_bond.comp_id 
_chem_comp_bond.atom_id_1 
_chem_comp_bond.atom_id_2 
_chem_comp_bond.value_order 
_chem_comp_bond.pdbx_aromatic_flag 
_chem_comp_bond.pdbx_stereo_config 
_chem_comp_bond.pdbx_ordinal 
A   OP3   P      sing N N 1   
A   OP3   HOP3   sing N N 2   
A   P     OP1    doub N N 3   
A   P     OP2    sing N N 4   
A   P     "O5'"  sing N N 5   
A   OP2   HOP2   sing N N 6   
A   "O5'" "C5'"  sing N N 7   
A   "C5'" "C4'"  sing N N 8   
A   "C5'" "H5'"  sing N N 9   
A   "C5'" "H5''" sing N N 10  
A   "C4'" "O4'"  sing N N 11  
A   "C4'" "C3'"  sing N N 12  
A   "C4'" "H4'"  sing N N 13  
A   "O4'" "C1'"  sing N N 14  
A   "C3'" "O3'"  sing N N 15  
A   "C3'" "C2'"  sing N N 16  
A   "C3'" "H3'"  sing N N 17  
A   "O3'" "HO3'" sing N N 18  
A   "C2'" "O2'"  sing N N 19  
A   "C2'" "C1'"  sing N N 20  
A   "C2'" "H2'"  sing N N 21  
A   "O2'" "HO2'" sing N N 22  
A   "C1'" N9     sing N N 23  
A   "C1'" "H1'"  sing N N 24  
A   N9    C8     sing Y N 25  
A   N9    C4     sing Y N 26  
A   C8    N7     doub Y N 27  
A   C8    H8     sing N N 28  
A   N7    C5     sing Y N 29  
A   C5    C6     sing Y N 30  
A   C5    C4     doub Y N 31  
A   C6    N6     sing N N 32  
A   C6    N1     doub Y N 33  
A   N6    H61    sing N N 34  
A   N6    H62    sing N N 35  
A   N1    C2     sing Y N 36  
A   C2    N3     doub Y N 37  
A   C2    H2     sing N N 38  
A   N3    C4     sing Y N 39  
C   OP3   P      sing N N 40  
C   OP3   HOP3   sing N N 41  
C   P     OP1    doub N N 42  
C   P     OP2    sing N N 43  
C   P     "O5'"  sing N N 44  
C   OP2   HOP2   sing N N 45  
C   "O5'" "C5'"  sing N N 46  
C   "C5'" "C4'"  sing N N 47  
C   "C5'" "H5'"  sing N N 48  
C   "C5'" "H5''" sing N N 49  
C   "C4'" "O4'"  sing N N 50  
C   "C4'" "C3'"  sing N N 51  
C   "C4'" "H4'"  sing N N 52  
C   "O4'" "C1'"  sing N N 53  
C   "C3'" "O3'"  sing N N 54  
C   "C3'" "C2'"  sing N N 55  
C   "C3'" "H3'"  sing N N 56  
C   "O3'" "HO3'" sing N N 57  
C   "C2'" "O2'"  sing N N 58  
C   "C2'" "C1'"  sing N N 59  
C   "C2'" "H2'"  sing N N 60  
C   "O2'" "HO2'" sing N N 61  
C   "C1'" N1     sing N N 62  
C   "C1'" "H1'"  sing N N 63  
C   N1    C2     sing N N 64  
C   N1    C6     sing N N 65  
C   C2    O2     doub N N 66  
C   C2    N3     sing N N 67  
C   N3    C4     doub N N 68  
C   C4    N4     sing N N 69  
C   C4    C5     sing N N 70  
C   N4    H41    sing N N 71  
C   N4    H42    sing N N 72  
C   C5    C6     doub N N 73  
C   C5    H5     sing N N 74  
C   C6    H6     sing N N 75  
G   OP3   P      sing N N 76  
G   OP3   HOP3   sing N N 77  
G   P     OP1    doub N N 78  
G   P     OP2    sing N N 79  
G   P     "O5'"  sing N N 80  
G   OP2   HOP2   sing N N 81  
G   "O5'" "C5'"  sing N N 82  
G   "C5'" "C4'"  sing N N 83  
G   "C5'" "H5'"  sing N N 84  
G   "C5'" "H5''" sing N N 85  
G   "C4'" "O4'"  sing N N 86  
G   "C4'" "C3'"  sing N N 87  
G   "C4'" "H4'"  sing N N 88  
G   "O4'" "C1'"  sing N N 89  
G   "C3'" "O3'"  sing N N 90  
G   "C3'" "C2'"  sing N N 91  
G   "C3'" "H3'"  sing N N 92  
G   "O3'" "HO3'" sing N N 93  
G   "C2'" "O2'"  sing N N 94  
G   "C2'" "C1'"  sing N N 95  
G   "C2'" "H2'"  sing N N 96  
G   "O2'" "HO2'" sing N N 97  
G   "C1'" N9     sing N N 98  
G   "C1'" "H1'"  sing N N 99  
G   N9    C8     sing Y N 100 
G   N9    C4     sing Y N 101 
G   C8    N7     doub Y N 102 
G   C8    H8     sing N N 103 
G   N7    C5     sing Y N 104 
G   C5    C6     sing N N 105 
G   C5    C4     doub Y N 106 
G   C6    O6     doub N N 107 
G   C6    N1     sing N N 108 
G   N1    C2     sing N N 109 
G   N1    H1     sing N N 110 
G   C2    N2     sing N N 111 
G   C2    N3     doub N N 112 
G   N2    H21    sing N N 113 
G   N2    H22    sing N N 114 
G   N3    C4     sing N N 115 
HOH O     H1     sing N N 116 
HOH O     H2     sing N N 117 
U   OP3   P      sing N N 118 
U   OP3   HOP3   sing N N 119 
U   P     OP1    doub N N 120 
U   P     OP2    sing N N 121 
U   P     "O5'"  sing N N 122 
U   OP2   HOP2   sing N N 123 
U   "O5'" "C5'"  sing N N 124 
U   "C5'" "C4'"  sing N N 125 
U   "C5'" "H5'"  sing N N 126 
U   "C5'" "H5''" sing N N 127 
U   "C4'" "O4'"  sing N N 128 
U   "C4'" "C3'"  sing N N 129 
U   "C4'" "H4'"  sing N N 130 
U   "O4'" "C1'"  sing N N 131 
U   "C3'" "O3'"  sing N N 132 
U   "C3'" "C2'"  sing N N 133 
U   "C3'" "H3'"  sing N N 134 
U   "O3'" "HO3'" sing N N 135 
U   "C2'" "O2'"  sing N N 136 
U   "C2'" "C1'"  sing N N 137 
U   "C2'" "H2'"  sing N N 138 
U   "O2'" "HO2'" sing N N 139 
U   "C1'" N1     sing N N 140 
U   "C1'" "H1'"  sing N N 141 
U   N1    C2     sing N N 142 
U   N1    C6     sing N N 143 
U   C2    O2     doub N N 144 
U   C2    N3     sing N N 145 
U   N3    C4     sing N N 146 
U   N3    H3     sing N N 147 
U   C4    O4     doub N N 148 
U   C4    C5     sing N N 149 
U   C5    C6     doub N N 150 
U   C5    H5     sing N N 151 
U   C6    H6     sing N N 152 
# 
_ndb_struct_conf_na.entry_id   1SDR 
_ndb_struct_conf_na.feature    'a-form double helix' 
# 
loop_
_ndb_struct_na_base_pair.model_number 
_ndb_struct_na_base_pair.i_label_asym_id 
_ndb_struct_na_base_pair.i_label_comp_id 
_ndb_struct_na_base_pair.i_label_seq_id 
_ndb_struct_na_base_pair.i_symmetry 
_ndb_struct_na_base_pair.j_label_asym_id 
_ndb_struct_na_base_pair.j_label_comp_id 
_ndb_struct_na_base_pair.j_label_seq_id 
_ndb_struct_na_base_pair.j_symmetry 
_ndb_struct_na_base_pair.shear 
_ndb_struct_na_base_pair.stretch 
_ndb_struct_na_base_pair.stagger 
_ndb_struct_na_base_pair.buckle 
_ndb_struct_na_base_pair.propeller 
_ndb_struct_na_base_pair.opening 
_ndb_struct_na_base_pair.pair_number 
_ndb_struct_na_base_pair.pair_name 
_ndb_struct_na_base_pair.i_auth_asym_id 
_ndb_struct_na_base_pair.i_auth_seq_id 
_ndb_struct_na_base_pair.i_PDB_ins_code 
_ndb_struct_na_base_pair.j_auth_asym_id 
_ndb_struct_na_base_pair.j_auth_seq_id 
_ndb_struct_na_base_pair.j_PDB_ins_code 
_ndb_struct_na_base_pair.hbond_type_28 
_ndb_struct_na_base_pair.hbond_type_12 
1 A U 1  1_555 B A 12 1_555 0.083  -0.293 -0.115 -9.992  -8.698  -2.005 1  A_U1:A24_B  A 1  ? B 24 ? 20 1 
1 A A 2  1_555 B U 11 1_555 0.479  -0.485 -0.253 0.811   -9.907  -1.760 2  A_A2:U23_B  A 2  ? B 23 ? 20 1 
1 A A 3  1_555 B U 10 1_555 0.500  -0.270 0.438  17.812  -9.339  -4.644 3  A_A3:U22_B  A 3  ? B 22 ? 20 1 
1 A G 4  1_555 B C 9  1_555 -0.159 -0.467 0.581  10.361  -12.003 -0.937 4  A_G4:C21_B  A 4  ? B 21 ? 19 1 
1 A G 5  1_555 B C 8  1_555 0.050  -0.391 0.236  -1.363  -10.320 1.273  5  A_G5:C20_B  A 5  ? B 20 ? 19 1 
1 A A 6  1_555 B U 7  1_555 -0.604 -0.389 0.131  -4.270  -5.463  -6.859 6  A_A6:U19_B  A 6  ? B 19 ? 20 1 
1 A G 7  1_555 B C 6  1_555 -0.127 -0.318 -0.261 -8.447  -9.812  -8.469 7  A_G7:C18_B  A 7  ? B 18 ? 19 1 
1 A G 8  1_555 B C 5  1_555 -0.333 -0.604 0.335  -4.058  -19.478 -4.278 8  A_G8:C17_B  A 8  ? B 17 ? 19 1 
1 A U 9  1_555 B A 4  1_555 -0.156 -0.437 0.552  -8.544  -11.791 2.712  9  A_U9:A16_B  A 9  ? B 16 ? 20 1 
1 A G 10 1_555 B C 3  1_555 0.258  -0.296 0.180  -8.094  -9.728  -5.827 10 A_G10:C15_B A 10 ? B 15 ? 19 1 
1 A A 11 1_555 B U 2  1_555 0.289  -0.229 0.069  -7.333  -16.115 -9.687 11 A_A11:U14_B A 11 ? B 14 ? 20 1 
1 A U 12 1_555 B A 1  1_555 -0.083 -0.350 -0.067 -11.680 -12.881 -8.086 12 A_U12:A13_B A 12 ? B 13 ? 20 1 
1 C U 1  1_555 D A 12 1_555 -0.067 -0.364 0.111  1.258   -11.730 -6.056 13 C_U25:A48_D C 25 ? D 48 ? 20 1 
1 C A 2  1_555 D U 11 1_555 0.068  -0.211 0.375  1.480   -13.201 -0.276 14 C_A26:U47_D C 26 ? D 47 ? 20 1 
1 C A 3  1_555 D U 10 1_555 -0.231 -0.528 0.456  7.316   -11.229 0.756  15 C_A27:U46_D C 27 ? D 46 ? 20 1 
1 C G 4  1_555 D C 9  1_555 -0.527 -0.407 0.244  1.844   -11.200 -1.264 16 C_G28:C45_D C 28 ? D 45 ? 19 1 
1 C G 5  1_555 D C 8  1_555 0.384  -0.288 0.077  -2.841  -9.968  -5.453 17 C_G29:C44_D C 29 ? D 44 ? 19 1 
1 C A 6  1_555 D U 7  1_555 -0.035 -0.339 0.096  -1.191  -3.709  -0.295 18 C_A30:U43_D C 30 ? D 43 ? 20 1 
1 C G 7  1_555 D C 6  1_555 0.485  -0.244 0.328  4.417   -8.769  0.734  19 C_G31:C42_D C 31 ? D 42 ? 19 1 
1 C G 8  1_555 D C 5  1_555 -0.127 -0.448 0.197  -8.029  -15.643 -4.454 20 C_G32:C41_D C 32 ? D 41 ? 19 1 
1 C U 9  1_555 D A 4  1_555 0.284  -0.271 0.464  -14.353 -21.266 -2.500 21 C_U33:A40_D C 33 ? D 40 ? 20 1 
1 C G 10 1_555 D C 3  1_555 -0.186 -0.454 0.347  -5.349  -13.186 -7.156 22 C_G34:C39_D C 34 ? D 39 ? 19 1 
1 C A 11 1_555 D U 2  1_555 0.131  -0.296 -0.397 -6.972  -15.387 -2.802 23 C_A35:U38_D C 35 ? D 38 ? 20 1 
1 C U 12 1_555 D A 1  1_555 0.471  -0.635 -0.076 -5.680  -17.133 1.605  24 C_U36:A37_D C 36 ? D 37 ? 20 1 
# 
loop_
_ndb_struct_na_base_pair_step.model_number 
_ndb_struct_na_base_pair_step.i_label_asym_id_1 
_ndb_struct_na_base_pair_step.i_label_comp_id_1 
_ndb_struct_na_base_pair_step.i_label_seq_id_1 
_ndb_struct_na_base_pair_step.i_symmetry_1 
_ndb_struct_na_base_pair_step.j_label_asym_id_1 
_ndb_struct_na_base_pair_step.j_label_comp_id_1 
_ndb_struct_na_base_pair_step.j_label_seq_id_1 
_ndb_struct_na_base_pair_step.j_symmetry_1 
_ndb_struct_na_base_pair_step.i_label_asym_id_2 
_ndb_struct_na_base_pair_step.i_label_comp_id_2 
_ndb_struct_na_base_pair_step.i_label_seq_id_2 
_ndb_struct_na_base_pair_step.i_symmetry_2 
_ndb_struct_na_base_pair_step.j_label_asym_id_2 
_ndb_struct_na_base_pair_step.j_label_comp_id_2 
_ndb_struct_na_base_pair_step.j_label_seq_id_2 
_ndb_struct_na_base_pair_step.j_symmetry_2 
_ndb_struct_na_base_pair_step.shift 
_ndb_struct_na_base_pair_step.slide 
_ndb_struct_na_base_pair_step.rise 
_ndb_struct_na_base_pair_step.tilt 
_ndb_struct_na_base_pair_step.roll 
_ndb_struct_na_base_pair_step.twist 
_ndb_struct_na_base_pair_step.x_displacement 
_ndb_struct_na_base_pair_step.y_displacement 
_ndb_struct_na_base_pair_step.helical_rise 
_ndb_struct_na_base_pair_step.inclination 
_ndb_struct_na_base_pair_step.tip 
_ndb_struct_na_base_pair_step.helical_twist 
_ndb_struct_na_base_pair_step.step_number 
_ndb_struct_na_base_pair_step.step_name 
_ndb_struct_na_base_pair_step.i_auth_asym_id_1 
_ndb_struct_na_base_pair_step.i_auth_seq_id_1 
_ndb_struct_na_base_pair_step.i_PDB_ins_code_1 
_ndb_struct_na_base_pair_step.j_auth_asym_id_1 
_ndb_struct_na_base_pair_step.j_auth_seq_id_1 
_ndb_struct_na_base_pair_step.j_PDB_ins_code_1 
_ndb_struct_na_base_pair_step.i_auth_asym_id_2 
_ndb_struct_na_base_pair_step.i_auth_seq_id_2 
_ndb_struct_na_base_pair_step.i_PDB_ins_code_2 
_ndb_struct_na_base_pair_step.j_auth_asym_id_2 
_ndb_struct_na_base_pair_step.j_auth_seq_id_2 
_ndb_struct_na_base_pair_step.j_PDB_ins_code_2 
1 A U 1  1_555 B A 12 1_555 A A 2  1_555 B U 11 1_555 -0.502 -1.037 3.146 0.234  13.354 27.959 -4.257 0.981  2.407 25.854 -0.453  
30.927 1  AA_U1A2:U23A24_BB   A 1  ? B 24 ? A 2  ? B 23 ? 
1 A A 2  1_555 B U 11 1_555 A A 3  1_555 B U 10 1_555 0.029  -1.225 2.934 -2.531 3.422  32.415 -2.696 -0.436 2.783 6.097  4.510   
32.686 2  AA_A2A3:U22U23_BB   A 2  ? B 23 ? A 3  ? B 22 ? 
1 A A 3  1_555 B U 10 1_555 A G 4  1_555 B C 9  1_555 0.243  -1.737 3.485 1.169  10.389 27.293 -5.647 -0.235 2.666 21.063 -2.371  
29.191 3  AA_A3G4:C21U22_BB   A 3  ? B 22 ? A 4  ? B 21 ? 
1 A G 4  1_555 B C 9  1_555 A G 5  1_555 B C 8  1_555 0.389  -2.029 3.479 1.333  11.705 34.890 -4.764 -0.440 2.695 18.868 -2.148  
36.766 4  AA_G4G5:C20C21_BB   A 4  ? B 21 ? A 5  ? B 20 ? 
1 A G 5  1_555 B C 8  1_555 A A 6  1_555 B U 7  1_555 -0.708 -2.232 3.211 -0.942 13.792 26.864 -6.614 1.201  1.888 27.495 1.878   
30.154 5  AA_G5A6:U19C20_BB   A 5  ? B 20 ? A 6  ? B 19 ? 
1 A A 6  1_555 B U 7  1_555 A G 7  1_555 B C 6  1_555 -0.184 -1.405 3.589 3.059  10.108 34.552 -3.753 0.746  3.045 16.546 -5.007  
36.082 6  AA_A6G7:C18U19_BB   A 6  ? B 19 ? A 7  ? B 18 ? 
1 A G 7  1_555 B C 6  1_555 A G 8  1_555 B C 5  1_555 0.690  -2.004 3.133 -2.981 11.773 28.167 -5.723 -1.794 2.067 22.892 5.796   
30.625 7  AA_G7G8:C17C18_BB   A 7  ? B 18 ? A 8  ? B 17 ? 
1 A G 8  1_555 B C 5  1_555 A U 9  1_555 B A 4  1_555 0.486  -1.438 3.464 -1.171 5.084  34.926 -3.143 -0.979 3.212 8.412  1.937   
35.301 8  AA_G8U9:A16C17_BB   A 8  ? B 17 ? A 9  ? B 16 ? 
1 A U 9  1_555 B A 4  1_555 A G 10 1_555 B C 3  1_555 -0.257 -1.183 3.173 1.925  10.724 35.991 -3.124 0.630  2.706 16.886 -3.031  
37.552 9  AA_U9G10:C15A16_BB  A 9  ? B 16 ? A 10 ? B 15 ? 
1 A G 10 1_555 B C 3  1_555 A A 11 1_555 B U 2  1_555 0.082  -2.135 3.429 4.313  4.718  28.522 -5.257 0.773  3.023 9.426  -8.618  
29.215 10 AA_G10A11:U14C15_BB A 10 ? B 15 ? A 11 ? B 14 ? 
1 A A 11 1_555 B U 2  1_555 A U 12 1_555 B A 1  1_555 0.121  -1.790 3.440 4.807  7.282  37.490 -3.628 0.417  3.045 11.145 -7.357  
38.456 11 AA_A11U12:A13U14_BB A 11 ? B 14 ? A 12 ? B 13 ? 
1 C U 1  1_555 D A 12 1_555 C A 2  1_555 D U 11 1_555 0.119  -1.137 3.258 -3.529 10.458 36.274 -3.027 -0.613 2.812 16.338 5.512   
37.862 12 CC_U25A26:U47A48_DD C 25 ? D 48 ? C 26 ? D 47 ? 
1 C A 2  1_555 D U 11 1_555 C A 3  1_555 D U 10 1_555 -0.239 -1.423 3.136 0.079  6.431  28.651 -4.071 0.488  2.757 12.793 -0.157  
29.349 13 CC_A26A27:U46U47_DD C 26 ? D 47 ? C 27 ? D 46 ? 
1 C A 3  1_555 D U 10 1_555 C G 4  1_555 D C 9  1_555 -0.506 -1.790 3.302 -1.029 15.249 32.091 -4.945 0.696  2.262 25.834 1.744   
35.458 14 CC_A27G28:C45U46_DD C 27 ? D 46 ? C 28 ? D 45 ? 
1 C G 4  1_555 D C 9  1_555 C G 5  1_555 D C 8  1_555 -0.296 -1.699 3.423 0.271  9.468  31.856 -4.521 0.562  2.814 16.792 -0.480  
33.199 15 CC_G28G29:C44C45_DD C 28 ? D 45 ? C 29 ? D 44 ? 
1 C G 5  1_555 D C 8  1_555 C A 6  1_555 D U 7  1_555 0.199  -1.763 3.291 -0.341 8.232  30.278 -4.714 -0.429 2.727 15.405 0.637   
31.354 16 CC_G29A30:U43C44_DD C 29 ? D 44 ? C 30 ? D 43 ? 
1 C A 6  1_555 D U 7  1_555 C G 7  1_555 D C 6  1_555 -0.129 -1.870 3.103 -1.357 9.510  33.196 -4.438 0.033  2.492 16.227 2.315   
34.520 17 CC_A30G31:C42U43_DD C 30 ? D 43 ? C 31 ? D 42 ? 
1 C G 7  1_555 D C 6  1_555 C G 8  1_555 D C 5  1_555 -0.231 -2.056 3.446 -0.739 13.771 31.554 -5.482 0.284  2.374 23.943 1.285   
34.366 18 CC_G31G32:C41C42_DD C 31 ? D 42 ? C 32 ? D 41 ? 
1 C G 8  1_555 D C 5  1_555 C U 9  1_555 D A 4  1_555 0.243  -1.599 3.442 -0.508 6.861  32.270 -3.987 -0.514 3.043 12.171 0.901   
32.976 19 CC_G32U33:A40C41_DD C 32 ? D 41 ? C 33 ? D 40 ? 
1 C U 9  1_555 D A 4  1_555 C G 10 1_555 D C 3  1_555 0.020  -1.273 2.957 -0.979 10.136 29.445 -4.005 -0.194 2.396 19.231 1.857   
31.119 20 CC_U33G34:C39A40_DD C 33 ? D 40 ? C 34 ? D 39 ? 
1 C G 10 1_555 D C 3  1_555 C A 11 1_555 D U 2  1_555 0.015  -2.138 3.426 6.093  13.349 27.534 -6.295 1.026  2.142 25.851 -11.799 
31.133 21 CC_G34A35:U38C39_DD C 34 ? D 39 ? C 35 ? D 38 ? 
1 C A 11 1_555 D U 2  1_555 C U 12 1_555 D A 1  1_555 0.579  -1.414 3.374 -0.293 3.069  38.009 -2.559 -0.924 3.249 4.702  0.448   
38.129 22 CC_A35U36:A37U38_DD C 35 ? D 38 ? C 36 ? D 37 ? 
# 
_atom_sites.entry_id                    1SDR 
_atom_sites.fract_transf_matrix[1][1]   0.02646166 
_atom_sites.fract_transf_matrix[1][2]   -0.02971546 
_atom_sites.fract_transf_matrix[1][3]   -0.00960971 
_atom_sites.fract_transf_matrix[2][1]   0.01517628 
_atom_sites.fract_transf_matrix[2][2]   -0.01611898 
_atom_sites.fract_transf_matrix[2][3]   0.02794622 
_atom_sites.fract_transf_matrix[3][1]   -0.01342332 
_atom_sites.fract_transf_matrix[3][2]   -0.02072745 
_atom_sites.fract_transf_matrix[3][3]   -0.00072388 
_atom_sites.fract_transf_vector[1]      0.203301 
_atom_sites.fract_transf_vector[2]      0.001608 
_atom_sites.fract_transf_vector[3]      0.262479 
# 
loop_
_atom_type.symbol 
C 
N 
O 
P 
# 
loop_
_atom_site.group_PDB 
_atom_site.id 
_atom_site.type_symbol 
_atom_site.label_atom_id 
_atom_site.label_alt_id 
_atom_site.label_comp_id 
_atom_site.label_asym_id 
_atom_site.label_entity_id 
_atom_site.label_seq_id 
_atom_site.pdbx_PDB_ins_code 
_atom_site.Cartn_x 
_atom_site.Cartn_y 
_atom_site.Cartn_z 
_atom_site.occupancy 
_atom_site.B_iso_or_equiv 
_atom_site.pdbx_formal_charge 
_atom_site.auth_seq_id 
_atom_site.auth_comp_id 
_atom_site.auth_asym_id 
_atom_site.auth_atom_id 
_atom_site.pdbx_PDB_model_num 
ATOM   1    O "O5'" . U   A 1 1  ? 12.958  8.326   15.122  1.00 14.68 ? 1  U   A "O5'" 1 
ATOM   2    C "C5'" . U   A 1 1  ? 13.453  9.614   15.560  1.00 19.68 ? 1  U   A "C5'" 1 
ATOM   3    C "C4'" . U   A 1 1  ? 14.626  10.141  14.713  1.00 18.27 ? 1  U   A "C4'" 1 
ATOM   4    O "O4'" . U   A 1 1  ? 15.476  9.043   14.382  1.00 18.16 ? 1  U   A "O4'" 1 
ATOM   5    C "C3'" . U   A 1 1  ? 14.304  10.642  13.328  1.00 21.00 ? 1  U   A "C3'" 1 
ATOM   6    O "O3'" . U   A 1 1  ? 13.696  11.942  13.291  1.00 26.32 ? 1  U   A "O3'" 1 
ATOM   7    C "C2'" . U   A 1 1  ? 15.676  10.642  12.683  1.00 18.46 ? 1  U   A "C2'" 1 
ATOM   8    O "O2'" . U   A 1 1  ? 16.455  11.648  13.286  1.00 17.54 ? 1  U   A "O2'" 1 
ATOM   9    C "C1'" . U   A 1 1  ? 16.172  9.295   13.147  1.00 16.54 ? 1  U   A "C1'" 1 
ATOM   10   N N1    . U   A 1 1  ? 16.020  8.112   12.243  1.00 13.90 ? 1  U   A N1    1 
ATOM   11   C C2    . U   A 1 1  ? 16.884  7.982   11.148  1.00 13.18 ? 1  U   A C2    1 
ATOM   12   O O2    . U   A 1 1  ? 17.743  8.806   10.867  1.00 19.84 ? 1  U   A O2    1 
ATOM   13   N N3    . U   A 1 1  ? 16.735  6.856   10.367  1.00 10.94 ? 1  U   A N3    1 
ATOM   14   C C4    . U   A 1 1  ? 15.787  5.836   10.577  1.00 13.11 ? 1  U   A C4    1 
ATOM   15   O O4    . U   A 1 1  ? 15.703  4.868   9.812   1.00 15.19 ? 1  U   A O4    1 
ATOM   16   C C5    . U   A 1 1  ? 14.940  6.047   11.731  1.00 9.27  ? 1  U   A C5    1 
ATOM   17   C C6    . U   A 1 1  ? 15.084  7.146   12.512  1.00 9.27  ? 1  U   A C6    1 
ATOM   18   P P     . A   A 1 2  ? 12.455  12.243  12.268  1.00 28.23 ? 2  A   A P     1 
ATOM   19   O OP1   . A   A 1 2  ? 11.896  13.556  12.665  1.00 28.28 ? 2  A   A OP1   1 
ATOM   20   O OP2   . A   A 1 2  ? 11.581  11.046  12.159  1.00 24.20 ? 2  A   A OP2   1 
ATOM   21   O "O5'" . A   A 1 2  ? 13.181  12.415  10.865  1.00 24.58 ? 2  A   A "O5'" 1 
ATOM   22   C "C5'" . A   A 1 2  ? 13.848  13.652  10.650  1.00 20.64 ? 2  A   A "C5'" 1 
ATOM   23   C "C4'" . A   A 1 2  ? 14.756  13.542  9.462   1.00 15.51 ? 2  A   A "C4'" 1 
ATOM   24   O "O4'" . A   A 1 2  ? 15.617  12.423  9.568   1.00 13.52 ? 2  A   A "O4'" 1 
ATOM   25   C "C3'" . A   A 1 2  ? 14.013  13.246  8.232   1.00 14.17 ? 2  A   A "C3'" 1 
ATOM   26   O "O3'" . A   A 1 2  ? 13.269  14.417  7.915   1.00 15.00 ? 2  A   A "O3'" 1 
ATOM   27   C "C2'" . A   A 1 2  ? 15.174  12.874  7.340   1.00 12.47 ? 2  A   A "C2'" 1 
ATOM   28   O "O2'" . A   A 1 2  ? 16.067  13.968  7.010   1.00 13.57 ? 2  A   A "O2'" 1 
ATOM   29   C "C1'" . A   A 1 2  ? 15.892  11.952  8.275   1.00 9.23  ? 2  A   A "C1'" 1 
ATOM   30   N N9    . A   A 1 2  ? 15.453  10.581  8.173   1.00 5.97  ? 2  A   A N9    1 
ATOM   31   C C8    . A   A 1 2  ? 14.530  9.896   8.914   1.00 8.31  ? 2  A   A C8    1 
ATOM   32   N N7    . A   A 1 2  ? 14.398  8.639   8.549   1.00 6.49  ? 2  A   A N7    1 
ATOM   33   C C5    . A   A 1 2  ? 15.303  8.515   7.510   1.00 2.00  ? 2  A   A C5    1 
ATOM   34   C C6    . A   A 1 2  ? 15.628  7.455   6.725   1.00 2.00  ? 2  A   A C6    1 
ATOM   35   N N6    . A   A 1 2  ? 15.045  6.280   6.883   1.00 9.33  ? 2  A   A N6    1 
ATOM   36   N N1    . A   A 1 2  ? 16.547  7.634   5.796   1.00 3.86  ? 2  A   A N1    1 
ATOM   37   C C2    . A   A 1 2  ? 17.110  8.829   5.647   1.00 7.19  ? 2  A   A C2    1 
ATOM   38   N N3    . A   A 1 2  ? 16.901  9.923   6.341   1.00 7.86  ? 2  A   A N3    1 
ATOM   39   C C4    . A   A 1 2  ? 15.955  9.679   7.279   1.00 3.36  ? 2  A   A C4    1 
ATOM   40   P P     . A   A 1 3  ? 11.933  14.519  7.023   1.00 12.46 ? 3  A   A P     1 
ATOM   41   O OP1   . A   A 1 3  ? 11.471  15.904  7.167   1.00 13.58 ? 3  A   A OP1   1 
ATOM   42   O OP2   . A   A 1 3  ? 11.015  13.374  7.284   1.00 8.23  ? 3  A   A OP2   1 
ATOM   43   O "O5'" . A   A 1 3  ? 12.550  14.359  5.542   1.00 16.84 ? 3  A   A "O5'" 1 
ATOM   44   C "C5'" . A   A 1 3  ? 13.453  15.305  4.946   1.00 18.01 ? 3  A   A "C5'" 1 
ATOM   45   C "C4'" . A   A 1 3  ? 14.150  14.672  3.727   1.00 18.68 ? 3  A   A "C4'" 1 
ATOM   46   O "O4'" . A   A 1 3  ? 14.935  13.516  4.042   1.00 17.05 ? 3  A   A "O4'" 1 
ATOM   47   C "C3'" . A   A 1 3  ? 13.151  14.066  2.775   1.00 21.07 ? 3  A   A "C3'" 1 
ATOM   48   O "O3'" . A   A 1 3  ? 12.417  15.057  2.059   1.00 26.04 ? 3  A   A "O3'" 1 
ATOM   49   C "C2'" . A   A 1 3  ? 14.020  13.157  1.905   1.00 19.59 ? 3  A   A "C2'" 1 
ATOM   50   O "O2'" . A   A 1 3  ? 14.835  13.980  1.002   1.00 18.60 ? 3  A   A "O2'" 1 
ATOM   51   C "C1'" . A   A 1 3  ? 14.770  12.462  3.068   1.00 13.57 ? 3  A   A "C1'" 1 
ATOM   52   N N9    . A   A 1 3  ? 14.083  11.275  3.686   1.00 9.85  ? 3  A   A N9    1 
ATOM   53   C C8    . A   A 1 3  ? 13.157  11.211  4.722   1.00 7.96  ? 3  A   A C8    1 
ATOM   54   N N7    . A   A 1 3  ? 12.759  9.981   5.014   1.00 6.40  ? 3  A   A N7    1 
ATOM   55   C C5    . A   A 1 3  ? 13.451  9.176   4.137   1.00 2.44  ? 3  A   A C5    1 
ATOM   56   C C6    . A   A 1 3  ? 13.452  7.795   3.957   1.00 5.04  ? 3  A   A C6    1 
ATOM   57   N N6    . A   A 1 3  ? 12.707  6.980   4.688   1.00 6.66  ? 3  A   A N6    1 
ATOM   58   N N1    . A   A 1 3  ? 14.238  7.288   2.988   1.00 5.15  ? 3  A   A N1    1 
ATOM   59   C C2    . A   A 1 3  ? 14.976  8.142   2.259   1.00 8.46  ? 3  A   A C2    1 
ATOM   60   N N3    . A   A 1 3  ? 15.078  9.466   2.330   1.00 7.90  ? 3  A   A N3    1 
ATOM   61   C C4    . A   A 1 3  ? 14.261  9.934   3.319   1.00 8.66  ? 3  A   A C4    1 
ATOM   62   P P     . G   A 1 4  ? 11.108  14.766  1.181   1.00 24.48 ? 4  G   A P     1 
ATOM   63   O OP1   . G   A 1 4  ? 10.914  16.071  0.516   1.00 26.66 ? 4  G   A OP1   1 
ATOM   64   O OP2   . G   A 1 4  ? 10.004  14.189  1.984   1.00 23.31 ? 4  G   A OP2   1 
ATOM   65   O "O5'" . G   A 1 4  ? 11.464  13.635  0.127   1.00 24.32 ? 4  G   A "O5'" 1 
ATOM   66   C "C5'" . G   A 1 4  ? 12.097  13.890  -1.146  1.00 24.86 ? 4  G   A "C5'" 1 
ATOM   67   C "C4'" . G   A 1 4  ? 12.262  12.562  -1.922  1.00 22.11 ? 4  G   A "C4'" 1 
ATOM   68   O "O4'" . G   A 1 4  ? 12.905  11.616  -1.047  1.00 17.40 ? 4  G   A "O4'" 1 
ATOM   69   C "C3'" . G   A 1 4  ? 10.945  11.858  -2.273  1.00 22.88 ? 4  G   A "C3'" 1 
ATOM   70   O "O3'" . G   A 1 4  ? 10.135  12.429  -3.350  1.00 24.83 ? 4  G   A "O3'" 1 
ATOM   71   C "C2'" . G   A 1 4  ? 11.449  10.408  -2.478  1.00 21.46 ? 4  G   A "C2'" 1 
ATOM   72   O "O2'" . G   A 1 4  ? 11.981  10.062  -3.796  1.00 24.47 ? 4  G   A "O2'" 1 
ATOM   73   C "C1'" . G   A 1 4  ? 12.486  10.311  -1.344  1.00 10.26 ? 4  G   A "C1'" 1 
ATOM   74   N N9    . G   A 1 4  ? 11.822  9.779   -0.188  1.00 4.95  ? 4  G   A N9    1 
ATOM   75   C C8    . G   A 1 4  ? 11.252  10.399  0.912   1.00 3.97  ? 4  G   A C8    1 
ATOM   76   N N7    . G   A 1 4  ? 10.721  9.563   1.752   1.00 2.00  ? 4  G   A N7    1 
ATOM   77   C C5    . G   A 1 4  ? 10.951  8.315   1.160   1.00 2.00  ? 4  G   A C5    1 
ATOM   78   C C6    . G   A 1 4  ? 10.598  7.012   1.592   1.00 3.10  ? 4  G   A C6    1 
ATOM   79   O O6    . G   A 1 4  ? 9.991   6.678   2.606   1.00 6.84  ? 4  G   A O6    1 
ATOM   80   N N1    . G   A 1 4  ? 11.012  6.036   0.696   1.00 2.00  ? 4  G   A N1    1 
ATOM   81   C C2    . G   A 1 4  ? 11.684  6.291   -0.475  1.00 4.07  ? 4  G   A C2    1 
ATOM   82   N N2    . G   A 1 4  ? 12.007  5.274   -1.234  1.00 5.53  ? 4  G   A N2    1 
ATOM   83   N N3    . G   A 1 4  ? 12.020  7.501   -0.894  1.00 3.38  ? 4  G   A N3    1 
ATOM   84   C C4    . G   A 1 4  ? 11.618  8.455   -0.022  1.00 3.31  ? 4  G   A C4    1 
ATOM   85   P P     . G   A 1 5  ? 8.545   12.132  -3.493  1.00 23.21 ? 5  G   A P     1 
ATOM   86   O OP1   . G   A 1 5  ? 8.040   12.965  -4.609  1.00 19.84 ? 5  G   A OP1   1 
ATOM   87   O OP2   . G   A 1 5  ? 7.930   12.242  -2.157  1.00 20.19 ? 5  G   A OP2   1 
ATOM   88   O "O5'" . G   A 1 5  ? 8.415   10.598  -3.909  1.00 18.72 ? 5  G   A "O5'" 1 
ATOM   89   C "C5'" . G   A 1 5  ? 8.896   10.125  -5.162  1.00 18.01 ? 5  G   A "C5'" 1 
ATOM   90   C "C4'" . G   A 1 5  ? 8.871   8.633   -5.157  1.00 17.28 ? 5  G   A "C4'" 1 
ATOM   91   O "O4'" . G   A 1 5  ? 9.567   8.116   -4.026  1.00 18.83 ? 5  G   A "O4'" 1 
ATOM   92   C "C3'" . G   A 1 5  ? 7.478   8.205   -4.831  1.00 18.58 ? 5  G   A "C3'" 1 
ATOM   93   O "O3'" . G   A 1 5  ? 6.576   8.386   -5.911  1.00 23.73 ? 5  G   A "O3'" 1 
ATOM   94   C "C2'" . G   A 1 5  ? 7.629   6.788   -4.385  1.00 14.96 ? 5  G   A "C2'" 1 
ATOM   95   O "O2'" . G   A 1 5  ? 8.044   5.923   -5.416  1.00 14.25 ? 5  G   A "O2'" 1 
ATOM   96   C "C1'" . G   A 1 5  ? 8.800   6.990   -3.504  1.00 14.08 ? 5  G   A "C1'" 1 
ATOM   97   N N9    . G   A 1 5  ? 8.385   7.140   -2.096  1.00 8.73  ? 5  G   A N9    1 
ATOM   98   C C8    . G   A 1 5  ? 8.401   8.272   -1.351  1.00 9.38  ? 5  G   A C8    1 
ATOM   99   N N7    . G   A 1 5  ? 7.986   8.106   -0.131  1.00 9.81  ? 5  G   A N7    1 
ATOM   100  C C5    . G   A 1 5  ? 7.690   6.770   -0.057  1.00 4.01  ? 5  G   A C5    1 
ATOM   101  C C6    . G   A 1 5  ? 7.218   6.055   1.048   1.00 9.63  ? 5  G   A C6    1 
ATOM   102  O O6    . G   A 1 5  ? 6.978   6.545   2.165   1.00 11.80 ? 5  G   A O6    1 
ATOM   103  N N1    . G   A 1 5  ? 7.033   4.681   0.724   1.00 5.27  ? 5  G   A N1    1 
ATOM   104  C C2    . G   A 1 5  ? 7.301   4.129   -0.521  1.00 4.81  ? 5  G   A C2    1 
ATOM   105  N N2    . G   A 1 5  ? 7.087   2.812   -0.719  1.00 2.00  ? 5  G   A N2    1 
ATOM   106  N N3    . G   A 1 5  ? 7.764   4.863   -1.549  1.00 2.00  ? 5  G   A N3    1 
ATOM   107  C C4    . G   A 1 5  ? 7.926   6.156   -1.245  1.00 3.41  ? 5  G   A C4    1 
ATOM   108  P P     . A   A 1 6  ? 5.016   8.621   -5.623  1.00 21.73 ? 6  A   A P     1 
ATOM   109  O OP1   . A   A 1 6  ? 4.420   8.986   -6.926  1.00 29.26 ? 6  A   A OP1   1 
ATOM   110  O OP2   . A   A 1 6  ? 4.892   9.583   -4.517  1.00 20.60 ? 6  A   A OP2   1 
ATOM   111  O "O5'" . A   A 1 6  ? 4.424   7.225   -5.186  1.00 18.58 ? 6  A   A "O5'" 1 
ATOM   112  C "C5'" . A   A 1 6  ? 4.193   6.275   -6.194  1.00 13.61 ? 6  A   A "C5'" 1 
ATOM   113  C "C4'" . A   A 1 6  ? 3.709   4.983   -5.568  1.00 17.04 ? 6  A   A "C4'" 1 
ATOM   114  O "O4'" . A   A 1 6  ? 4.551   4.637   -4.457  1.00 17.59 ? 6  A   A "O4'" 1 
ATOM   115  C "C3'" . A   A 1 6  ? 2.361   5.091   -4.914  1.00 19.27 ? 6  A   A "C3'" 1 
ATOM   116  O "O3'" . A   A 1 6  ? 1.236   5.078   -5.829  1.00 22.29 ? 6  A   A "O3'" 1 
ATOM   117  C "C2'" . A   A 1 6  ? 2.399   3.898   -3.956  1.00 17.82 ? 6  A   A "C2'" 1 
ATOM   118  O "O2'" . A   A 1 6  ? 2.339   2.633   -4.598  1.00 19.33 ? 6  A   A "O2'" 1 
ATOM   119  C "C1'" . A   A 1 6  ? 3.786   3.954   -3.450  1.00 11.50 ? 6  A   A "C1'" 1 
ATOM   120  N N9    . A   A 1 6  ? 3.872   4.597   -2.153  1.00 6.36  ? 6  A   A N9    1 
ATOM   121  C C8    . A   A 1 6  ? 4.381   5.840   -1.839  1.00 4.73  ? 6  A   A C8    1 
ATOM   122  N N7    . A   A 1 6  ? 4.327   6.116   -0.546  1.00 2.00  ? 6  A   A N7    1 
ATOM   123  C C5    . A   A 1 6  ? 3.761   4.973   -0.005  1.00 2.00  ? 6  A   A C5    1 
ATOM   124  C C6    . A   A 1 6  ? 3.430   4.659   1.283   1.00 3.41  ? 6  A   A C6    1 
ATOM   125  N N6    . A   A 1 6  ? 3.681   5.536   2.255   1.00 10.57 ? 6  A   A N6    1 
ATOM   126  N N1    . A   A 1 6  ? 2.865   3.474   1.523   1.00 2.00  ? 6  A   A N1    1 
ATOM   127  C C2    . A   A 1 6  ? 2.635   2.652   0.516   1.00 2.00  ? 6  A   A C2    1 
ATOM   128  N N3    . A   A 1 6  ? 2.897   2.841   -0.761  1.00 3.14  ? 6  A   A N3    1 
ATOM   129  C C4    . A   A 1 6  ? 3.475   4.042   -0.956  1.00 2.51  ? 6  A   A C4    1 
ATOM   130  P P     . G   A 1 7  ? -0.006  6.077   -5.518  1.00 22.20 ? 7  G   A P     1 
ATOM   131  O OP1   . G   A 1 7  ? -0.805  6.276   -6.743  1.00 28.45 ? 7  G   A OP1   1 
ATOM   132  O OP2   . G   A 1 7  ? 0.524   7.293   -4.846  1.00 21.16 ? 7  G   A OP2   1 
ATOM   133  O "O5'" . G   A 1 7  ? -0.844  5.156   -4.525  1.00 19.45 ? 7  G   A "O5'" 1 
ATOM   134  C "C5'" . G   A 1 7  ? -1.500  3.960   -4.974  1.00 19.49 ? 7  G   A "C5'" 1 
ATOM   135  C "C4'" . G   A 1 7  ? -1.963  3.079   -3.793  1.00 20.08 ? 7  G   A "C4'" 1 
ATOM   136  O "O4'" . G   A 1 7  ? -0.883  2.817   -2.878  1.00 17.98 ? 7  G   A "O4'" 1 
ATOM   137  C "C3'" . G   A 1 7  ? -2.868  3.822   -2.879  1.00 21.19 ? 7  G   A "C3'" 1 
ATOM   138  O "O3'" . G   A 1 7  ? -4.158  3.974   -3.459  1.00 25.78 ? 7  G   A "O3'" 1 
ATOM   139  C "C2'" . G   A 1 7  ? -2.800  3.003   -1.604  1.00 17.64 ? 7  G   A "C2'" 1 
ATOM   140  O "O2'" . G   A 1 7  ? -3.361  1.689   -1.790  1.00 18.99 ? 7  G   A "O2'" 1 
ATOM   141  C "C1'" . G   A 1 7  ? -1.315  2.887   -1.508  1.00 12.41 ? 7  G   A "C1'" 1 
ATOM   142  N N9    . G   A 1 7  ? -0.722  3.987   -0.749  1.00 5.05  ? 7  G   A N9    1 
ATOM   143  C C8    . G   A 1 7  ? -0.058  5.085   -1.221  1.00 4.86  ? 7  G   A C8    1 
ATOM   144  N N7    . G   A 1 7  ? 0.341   5.898   -0.282  1.00 2.12  ? 7  G   A N7    1 
ATOM   145  C C5    . G   A 1 7  ? -0.082  5.269   0.887   1.00 2.00  ? 7  G   A C5    1 
ATOM   146  C C6    . G   A 1 7  ? 0.077   5.681   2.208   1.00 2.00  ? 7  G   A C6    1 
ATOM   147  O O6    . G   A 1 7  ? 0.659   6.721   2.564   1.00 2.00  ? 7  G   A O6    1 
ATOM   148  N N1    . G   A 1 7  ? -0.492  4.772   3.131   1.00 2.00  ? 7  G   A N1    1 
ATOM   149  C C2    . G   A 1 7  ? -1.127  3.603   2.782   1.00 2.00  ? 7  G   A C2    1 
ATOM   150  N N2    . G   A 1 7  ? -1.609  2.818   3.746   1.00 2.00  ? 7  G   A N2    1 
ATOM   151  N N3    . G   A 1 7  ? -1.277  3.232   1.503   1.00 2.00  ? 7  G   A N3    1 
ATOM   152  C C4    . G   A 1 7  ? -0.724  4.103   0.621   1.00 2.00  ? 7  G   A C4    1 
ATOM   153  P P     . G   A 1 8  ? -5.025  5.256   -3.017  1.00 23.89 ? 8  G   A P     1 
ATOM   154  O OP1   . G   A 1 8  ? -6.229  5.186   -3.873  1.00 30.59 ? 8  G   A OP1   1 
ATOM   155  O OP2   . G   A 1 8  ? -4.146  6.446   -3.079  1.00 23.15 ? 8  G   A OP2   1 
ATOM   156  O "O5'" . G   A 1 8  ? -5.465  5.072   -1.481  1.00 21.66 ? 8  G   A "O5'" 1 
ATOM   157  C "C5'" . G   A 1 8  ? -6.145  3.909   -0.974  1.00 20.33 ? 8  G   A "C5'" 1 
ATOM   158  C "C4'" . G   A 1 8  ? -6.097  3.887   0.574   1.00 18.72 ? 8  G   A "C4'" 1 
ATOM   159  O "O4'" . G   A 1 8  ? -4.753  4.004   1.064   1.00 14.57 ? 8  G   A "O4'" 1 
ATOM   160  C "C3'" . G   A 1 8  ? -6.801  5.062   1.231   1.00 19.33 ? 8  G   A "C3'" 1 
ATOM   161  O "O3'" . G   A 1 8  ? -8.246  4.921   1.206   1.00 19.45 ? 8  G   A "O3'" 1 
ATOM   162  C "C2'" . G   A 1 8  ? -6.151  5.048   2.624   1.00 17.29 ? 8  G   A "C2'" 1 
ATOM   163  O "O2'" . G   A 1 8  ? -6.550  3.987   3.487   1.00 22.20 ? 8  G   A "O2'" 1 
ATOM   164  C "C1'" . G   A 1 8  ? -4.754  4.680   2.289   1.00 8.66  ? 8  G   A "C1'" 1 
ATOM   165  N N9    . G   A 1 8  ? -3.932  5.844   2.239   1.00 2.00  ? 8  G   A N9    1 
ATOM   166  C C8    . G   A 1 8  ? -3.396  6.496   1.180   1.00 2.00  ? 8  G   A C8    1 
ATOM   167  N N7    . G   A 1 8  ? -2.672  7.519   1.550   1.00 3.96  ? 8  G   A N7    1 
ATOM   168  C C5    . G   A 1 8  ? -2.743  7.532   2.950   1.00 2.00  ? 8  G   A C5    1 
ATOM   169  C C6    . G   A 1 8  ? -2.158  8.405   3.898   1.00 4.07  ? 8  G   A C6    1 
ATOM   170  O O6    . G   A 1 8  ? -1.435  9.379   3.664   1.00 8.77  ? 8  G   A O6    1 
ATOM   171  N N1    . G   A 1 8  ? -2.485  8.061   5.215   1.00 2.00  ? 8  G   A N1    1 
ATOM   172  C C2    . G   A 1 8  ? -3.256  6.990   5.565   1.00 2.00  ? 8  G   A C2    1 
ATOM   173  N N2    . G   A 1 8  ? -3.465  6.772   6.852   1.00 2.00  ? 8  G   A N2    1 
ATOM   174  N N3    . G   A 1 8  ? -3.795  6.176   4.672   1.00 2.00  ? 8  G   A N3    1 
ATOM   175  C C4    . G   A 1 8  ? -3.508  6.506   3.385   1.00 2.00  ? 8  G   A C4    1 
ATOM   176  P P     . U   A 1 9  ? -9.233  6.211   1.138   1.00 21.09 ? 9  U   A P     1 
ATOM   177  O OP1   . U   A 1 9  ? -10.522 5.727   0.600   1.00 20.48 ? 9  U   A OP1   1 
ATOM   178  O OP2   . U   A 1 9  ? -8.500  7.308   0.449   1.00 18.54 ? 9  U   A OP2   1 
ATOM   179  O "O5'" . U   A 1 9  ? -9.414  6.748   2.665   1.00 23.16 ? 9  U   A "O5'" 1 
ATOM   180  C "C5'" . U   A 1 9  ? -9.830  6.088   3.889   1.00 22.62 ? 9  U   A "C5'" 1 
ATOM   181  C "C4'" . U   A 1 9  ? -9.183  6.807   5.142   1.00 22.28 ? 9  U   A "C4'" 1 
ATOM   182  O "O4'" . U   A 1 9  ? -7.725  6.952   4.987   1.00 19.79 ? 9  U   A "O4'" 1 
ATOM   183  C "C3'" . U   A 1 9  ? -9.589  8.271   5.304   1.00 20.10 ? 9  U   A "C3'" 1 
ATOM   184  O "O3'" . U   A 1 9  ? -10.965 8.552   5.671   1.00 19.38 ? 9  U   A "O3'" 1 
ATOM   185  C "C2'" . U   A 1 9  ? -8.442  8.954   6.069   1.00 16.91 ? 9  U   A "C2'" 1 
ATOM   186  O "O2'" . U   A 1 9  ? -8.511  9.020   7.489   1.00 21.64 ? 9  U   A "O2'" 1 
ATOM   187  C "C1'" . U   A 1 9  ? -7.229  8.121   5.712   1.00 12.34 ? 9  U   A "C1'" 1 
ATOM   188  N N1    . U   A 1 9  ? -6.343  8.958   4.891   1.00 6.36  ? 9  U   A N1    1 
ATOM   189  C C2    . U   A 1 9  ? -5.570  9.952   5.490   1.00 10.25 ? 9  U   A C2    1 
ATOM   190  O O2    . U   A 1 9  ? -5.527  10.228  6.700   1.00 11.87 ? 9  U   A O2    1 
ATOM   191  N N3    . U   A 1 9  ? -4.798  10.679  4.616   1.00 6.08  ? 9  U   A N3    1 
ATOM   192  C C4    . U   A 1 9  ? -4.725  10.516  3.262   1.00 5.28  ? 9  U   A C4    1 
ATOM   193  O O4    . U   A 1 9  ? -3.977  11.228  2.620   1.00 13.82 ? 9  U   A O4    1 
ATOM   194  C C5    . U   A 1 9  ? -5.533  9.480   2.730   1.00 2.00  ? 9  U   A C5    1 
ATOM   195  C C6    . U   A 1 9  ? -6.305  8.747   3.550   1.00 6.15  ? 9  U   A C6    1 
ATOM   196  P P     . G   A 1 10 ? -11.792 9.869   5.079   1.00 14.52 ? 10 G   A P     1 
ATOM   197  O OP1   . G   A 1 10 ? -13.202 9.548   5.407   1.00 7.52  ? 10 G   A OP1   1 
ATOM   198  O OP2   . G   A 1 10 ? -11.382 10.098  3.679   1.00 12.91 ? 10 G   A OP2   1 
ATOM   199  O "O5'" . G   A 1 10 ? -11.238 11.169  5.857   1.00 9.05  ? 10 G   A "O5'" 1 
ATOM   200  C "C5'" . G   A 1 10 ? -11.594 11.431  7.219   1.00 15.05 ? 10 G   A "C5'" 1 
ATOM   201  C "C4'" . G   A 1 10 ? -10.616 12.339  7.988   1.00 13.98 ? 10 G   A "C4'" 1 
ATOM   202  O "O4'" . G   A 1 10 ? -9.253  11.896  7.888   1.00 15.60 ? 10 G   A "O4'" 1 
ATOM   203  C "C3'" . G   A 1 10 ? -10.606 13.698  7.392   1.00 17.08 ? 10 G   A "C3'" 1 
ATOM   204  O "O3'" . G   A 1 10 ? -11.740 14.469  7.836   1.00 23.89 ? 10 G   A "O3'" 1 
ATOM   205  C "C2'" . G   A 1 10 ? -9.246  14.256  7.774   1.00 13.74 ? 10 G   A "C2'" 1 
ATOM   206  O "O2'" . G   A 1 10 ? -9.186  14.846  9.066   1.00 16.50 ? 10 G   A "O2'" 1 
ATOM   207  C "C1'" . G   A 1 10 ? -8.385  13.007  7.711   1.00 9.39  ? 10 G   A "C1'" 1 
ATOM   208  N N9    . G   A 1 10 ? -7.781  13.001  6.393   1.00 6.05  ? 10 G   A N9    1 
ATOM   209  C C8    . G   A 1 10 ? -8.067  12.303  5.246   1.00 7.16  ? 10 G   A C8    1 
ATOM   210  N N7    . G   A 1 10 ? -7.302  12.610  4.220   1.00 4.71  ? 10 G   A N7    1 
ATOM   211  C C5    . G   A 1 10 ? -6.490  13.594  4.742   1.00 2.00  ? 10 G   A C5    1 
ATOM   212  C C6    . G   A 1 10 ? -5.475  14.282  4.124   1.00 5.17  ? 10 G   A C6    1 
ATOM   213  O O6    . G   A 1 10 ? -5.106  14.148  2.955   1.00 12.74 ? 10 G   A O6    1 
ATOM   214  N N1    . G   A 1 10 ? -4.874  15.188  4.989   1.00 6.92  ? 10 G   A N1    1 
ATOM   215  C C2    . G   A 1 10 ? -5.216  15.387  6.322   1.00 6.55  ? 10 G   A C2    1 
ATOM   216  N N2    . G   A 1 10 ? -4.541  16.302  7.048   1.00 4.55  ? 10 G   A N2    1 
ATOM   217  N N3    . G   A 1 10 ? -6.191  14.713  6.909   1.00 2.14  ? 10 G   A N3    1 
ATOM   218  C C4    . G   A 1 10 ? -6.771  13.840  6.053   1.00 4.76  ? 10 G   A C4    1 
ATOM   219  P P     . A   A 1 11 ? -12.355 15.650  6.940   1.00 25.78 ? 11 A   A P     1 
ATOM   220  O OP1   . A   A 1 11 ? -13.576 16.136  7.618   1.00 24.59 ? 11 A   A OP1   1 
ATOM   221  O OP2   . A   A 1 11 ? -12.463 15.087  5.564   1.00 25.16 ? 11 A   A OP2   1 
ATOM   222  O "O5'" . A   A 1 11 ? -11.316 16.870  6.862   1.00 19.93 ? 11 A   A "O5'" 1 
ATOM   223  C "C5'" . A   A 1 11 ? -11.209 17.747  7.958   1.00 17.20 ? 11 A   A "C5'" 1 
ATOM   224  C "C4'" . A   A 1 11 ? -9.880  18.419  7.897   1.00 18.06 ? 11 A   A "C4'" 1 
ATOM   225  O "O4'" . A   A 1 11 ? -8.872  17.494  7.433   1.00 22.00 ? 11 A   A "O4'" 1 
ATOM   226  C "C3'" . A   A 1 11 ? -9.768  19.537  6.935   1.00 20.33 ? 11 A   A "C3'" 1 
ATOM   227  O "O3'" . A   A 1 11 ? -10.376 20.742  7.416   1.00 27.43 ? 11 A   A "O3'" 1 
ATOM   228  C "C2'" . A   A 1 11 ? -8.243  19.628  6.917   1.00 22.30 ? 11 A   A "C2'" 1 
ATOM   229  O "O2'" . A   A 1 11 ? -7.621  19.988  8.176   1.00 25.74 ? 11 A   A "O2'" 1 
ATOM   230  C "C1'" . A   A 1 11 ? -7.879  18.208  6.693   1.00 16.25 ? 11 A   A "C1'" 1 
ATOM   231  N N9    . A   A 1 11 ? -7.697  17.786  5.283   1.00 7.42  ? 11 A   A N9    1 
ATOM   232  C C8    . A   A 1 11 ? -8.440  16.921  4.514   1.00 6.29  ? 11 A   A C8    1 
ATOM   233  N N7    . A   A 1 11 ? -7.963  16.743  3.296   1.00 5.60  ? 11 A   A N7    1 
ATOM   234  C C5    . A   A 1 11 ? -6.820  17.553  3.286   1.00 3.69  ? 11 A   A C5    1 
ATOM   235  C C6    . A   A 1 11 ? -5.860  17.814  2.308   1.00 3.57  ? 11 A   A C6    1 
ATOM   236  N N6    . A   A 1 11 ? -5.950  17.259  1.112   1.00 6.81  ? 11 A   A N6    1 
ATOM   237  N N1    . A   A 1 11 ? -4.852  18.654  2.571   1.00 4.10  ? 11 A   A N1    1 
ATOM   238  C C2    . A   A 1 11 ? -4.832  19.211  3.770   1.00 5.85  ? 11 A   A C2    1 
ATOM   239  N N3    . A   A 1 11 ? -5.671  19.037  4.792   1.00 6.94  ? 11 A   A N3    1 
ATOM   240  C C4    . A   A 1 11 ? -6.660  18.182  4.480   1.00 3.80  ? 11 A   A C4    1 
ATOM   241  P P     . U   A 1 12 ? -10.632 22.072  6.525   1.00 30.86 ? 12 U   A P     1 
ATOM   242  O OP1   . U   A 1 12 ? -11.082 23.137  7.449   1.00 32.10 ? 12 U   A OP1   1 
ATOM   243  O OP2   . U   A 1 12 ? -11.488 21.675  5.359   1.00 31.11 ? 12 U   A OP2   1 
ATOM   244  O "O5'" . U   A 1 12 ? -9.203  22.579  5.941   1.00 27.15 ? 12 U   A "O5'" 1 
ATOM   245  C "C5'" . U   A 1 12 ? -8.451  23.626  6.566   1.00 23.37 ? 12 U   A "C5'" 1 
ATOM   246  C "C4'" . U   A 1 12 ? -7.305  24.097  5.682   1.00 19.19 ? 12 U   A "C4'" 1 
ATOM   247  O "O4'" . U   A 1 12 ? -6.757  22.962  5.034   1.00 18.94 ? 12 U   A "O4'" 1 
ATOM   248  C "C3'" . U   A 1 12 ? -7.753  24.888  4.509   1.00 18.44 ? 12 U   A "C3'" 1 
ATOM   249  O "O3'" . U   A 1 12 ? -8.007  26.237  4.909   1.00 17.36 ? 12 U   A "O3'" 1 
ATOM   250  C "C2'" . U   A 1 12 ? -6.686  24.664  3.401   1.00 17.22 ? 12 U   A "C2'" 1 
ATOM   251  O "O2'" . U   A 1 12 ? -5.449  25.405  3.459   1.00 23.32 ? 12 U   A "O2'" 1 
ATOM   252  C "C1'" . U   A 1 12 ? -6.261  23.292  3.722   1.00 13.56 ? 12 U   A "C1'" 1 
ATOM   253  N N1    . U   A 1 12 ? -6.677  22.317  2.709   1.00 9.48  ? 12 U   A N1    1 
ATOM   254  C C2    . U   A 1 12 ? -5.861  22.141  1.587   1.00 6.12  ? 12 U   A C2    1 
ATOM   255  O O2    . U   A 1 12 ? -4.815  22.766  1.362   1.00 3.55  ? 12 U   A O2    1 
ATOM   256  N N3    . U   A 1 12 ? -6.318  21.192  0.713   1.00 2.08  ? 12 U   A N3    1 
ATOM   257  C C4    . U   A 1 12 ? -7.463  20.425  0.853   1.00 4.93  ? 12 U   A C4    1 
ATOM   258  O O4    . U   A 1 12 ? -7.770  19.604  -0.016  1.00 12.29 ? 12 U   A O4    1 
ATOM   259  C C5    . U   A 1 12 ? -8.229  20.664  2.039   1.00 2.00  ? 12 U   A C5    1 
ATOM   260  C C6    . U   A 1 12 ? -7.809  21.569  2.927   1.00 5.74  ? 12 U   A C6    1 
ATOM   261  O "O5'" . A   B 2 1  ? -0.980  16.688  -6.879  1.00 17.98 ? 13 A   B "O5'" 1 
ATOM   262  C "C5'" . A   B 2 1  ? 0.050   17.591  -7.322  1.00 16.51 ? 13 A   B "C5'" 1 
ATOM   263  C "C4'" . A   B 2 1  ? 0.097   18.909  -6.567  1.00 17.67 ? 13 A   B "C4'" 1 
ATOM   264  O "O4'" . A   B 2 1  ? -1.211  19.433  -6.461  1.00 17.69 ? 13 A   B "O4'" 1 
ATOM   265  C "C3'" . A   B 2 1  ? 0.529   18.798  -5.117  1.00 20.12 ? 13 A   B "C3'" 1 
ATOM   266  O "O3'" . A   B 2 1  ? 1.975   18.765  -5.020  1.00 26.79 ? 13 A   B "O3'" 1 
ATOM   267  C "C2'" . A   B 2 1  ? -0.063  20.096  -4.497  1.00 16.90 ? 13 A   B "C2'" 1 
ATOM   268  O "O2'" . A   B 2 1  ? 0.662   21.317  -4.804  1.00 8.25  ? 13 A   B "O2'" 1 
ATOM   269  C "C1'" . A   B 2 1  ? -1.392  20.125  -5.202  1.00 12.63 ? 13 A   B "C1'" 1 
ATOM   270  N N9    . A   B 2 1  ? -2.570  19.573  -4.506  1.00 5.50  ? 13 A   B N9    1 
ATOM   271  C C8    . A   B 2 1  ? -3.223  18.391  -4.779  1.00 2.00  ? 13 A   B C8    1 
ATOM   272  N N7    . A   B 2 1  ? -4.251  18.168  -4.015  1.00 2.00  ? 13 A   B N7    1 
ATOM   273  C C5    . A   B 2 1  ? -4.289  19.294  -3.216  1.00 2.00  ? 13 A   B C5    1 
ATOM   274  C C6    . A   B 2 1  ? -5.160  19.656  -2.214  1.00 2.00  ? 13 A   B C6    1 
ATOM   275  N N6    . A   B 2 1  ? -6.150  18.846  -1.899  1.00 3.75  ? 13 A   B N6    1 
ATOM   276  N N1    . A   B 2 1  ? -4.949  20.819  -1.563  1.00 4.32  ? 13 A   B N1    1 
ATOM   277  C C2    . A   B 2 1  ? -3.906  21.583  -1.946  1.00 6.12  ? 13 A   B C2    1 
ATOM   278  N N3    . A   B 2 1  ? -3.023  21.328  -2.904  1.00 2.00  ? 13 A   B N3    1 
ATOM   279  C C4    . A   B 2 1  ? -3.272  20.156  -3.501  1.00 2.00  ? 13 A   B C4    1 
ATOM   280  P P     . U   B 2 2  ? 2.748   18.105  -3.786  1.00 24.84 ? 14 U   B P     1 
ATOM   281  O OP1   . U   B 2 2  ? 4.194   18.291  -4.033  1.00 27.21 ? 14 U   B OP1   1 
ATOM   282  O OP2   . U   B 2 2  ? 2.158   16.740  -3.699  1.00 23.87 ? 14 U   B OP2   1 
ATOM   283  O "O5'" . U   B 2 2  ? 2.366   19.003  -2.447  1.00 23.53 ? 14 U   B "O5'" 1 
ATOM   284  C "C5'" . U   B 2 2  ? 3.015   20.257  -2.115  1.00 18.21 ? 14 U   B "C5'" 1 
ATOM   285  C "C4'" . U   B 2 2  ? 2.375   21.025  -0.916  1.00 16.20 ? 14 U   B "C4'" 1 
ATOM   286  O "O4'" . U   B 2 2  ? 0.996   21.236  -1.111  1.00 15.17 ? 14 U   B "O4'" 1 
ATOM   287  C "C3'" . U   B 2 2  ? 2.366   20.358  0.440   1.00 18.19 ? 14 U   B "C3'" 1 
ATOM   288  O "O3'" . U   B 2 2  ? 3.574   20.585  1.172   1.00 22.75 ? 14 U   B "O3'" 1 
ATOM   289  C "C2'" . U   B 2 2  ? 1.254   21.067  1.167   1.00 15.61 ? 14 U   B "C2'" 1 
ATOM   290  O "O2'" . U   B 2 2  ? 1.641   22.425  1.462   1.00 18.41 ? 14 U   B "O2'" 1 
ATOM   291  C "C1'" . U   B 2 2  ? 0.232   21.097  0.102   1.00 10.26 ? 14 U   B "C1'" 1 
ATOM   292  N N1    . U   B 2 2  ? -0.784  20.023  0.030   1.00 3.86  ? 14 U   B N1    1 
ATOM   293  C C2    . U   B 2 2  ? -1.818  20.028  0.964   1.00 7.86  ? 14 U   B C2    1 
ATOM   294  O O2    . U   B 2 2  ? -1.907  20.869  1.872   1.00 8.72  ? 14 U   B O2    1 
ATOM   295  N N3    . U   B 2 2  ? -2.782  19.015  0.826   1.00 2.43  ? 14 U   B N3    1 
ATOM   296  C C4    . U   B 2 2  ? -2.775  18.049  -0.155  1.00 3.03  ? 14 U   B C4    1 
ATOM   297  O O4    . U   B 2 2  ? -3.664  17.206  -0.194  1.00 2.00  ? 14 U   B O4    1 
ATOM   298  C C5    . U   B 2 2  ? -1.670  18.129  -1.079  1.00 2.00  ? 14 U   B C5    1 
ATOM   299  C C6    . U   B 2 2  ? -0.744  19.098  -0.965  1.00 2.00  ? 14 U   B C6    1 
ATOM   300  P P     . C   B 2 3  ? 4.216   19.409  2.021   1.00 25.35 ? 15 C   B P     1 
ATOM   301  O OP1   . C   B 2 3  ? 5.534   19.919  2.461   1.00 25.78 ? 15 C   B OP1   1 
ATOM   302  O OP2   . C   B 2 3  ? 4.089   18.171  1.213   1.00 20.46 ? 15 C   B OP2   1 
ATOM   303  O "O5'" . C   B 2 3  ? 3.341   19.129  3.331   1.00 22.70 ? 15 C   B "O5'" 1 
ATOM   304  C "C5'" . C   B 2 3  ? 3.379   20.072  4.383   1.00 20.11 ? 15 C   B "C5'" 1 
ATOM   305  C "C4'" . C   B 2 3  ? 2.202   19.858  5.272   1.00 20.39 ? 15 C   B "C4'" 1 
ATOM   306  O "O4'" . C   B 2 3  ? 0.989   19.770  4.516   1.00 19.33 ? 15 C   B "O4'" 1 
ATOM   307  C "C3'" . C   B 2 3  ? 2.212   18.530  5.924   1.00 22.37 ? 15 C   B "C3'" 1 
ATOM   308  O "O3'" . C   B 2 3  ? 3.293   18.432  6.883   1.00 27.42 ? 15 C   B "O3'" 1 
ATOM   309  C "C2'" . C   B 2 3  ? 0.755   18.521  6.457   1.00 23.20 ? 15 C   B "C2'" 1 
ATOM   310  O "O2'" . C   B 2 3  ? 0.482   19.437  7.534   1.00 25.89 ? 15 C   B "O2'" 1 
ATOM   311  C "C1'" . C   B 2 3  ? -0.020  19.074  5.270   1.00 16.52 ? 15 C   B "C1'" 1 
ATOM   312  N N1    . C   B 2 3  ? -0.722  18.024  4.507   1.00 9.82  ? 15 C   B N1    1 
ATOM   313  C C2    . C   B 2 3  ? -1.888  17.480  5.033   1.00 12.44 ? 15 C   B C2    1 
ATOM   314  O O2    . C   B 2 3  ? -2.348  17.840  6.124   1.00 17.00 ? 15 C   B O2    1 
ATOM   315  N N3    . C   B 2 3  ? -2.535  16.523  4.303   1.00 8.86  ? 15 C   B N3    1 
ATOM   316  C C4    . C   B 2 3  ? -2.033  16.115  3.125   1.00 8.09  ? 15 C   B C4    1 
ATOM   317  N N4    . C   B 2 3  ? -2.651  15.163  2.427   1.00 7.04  ? 15 C   B N4    1 
ATOM   318  C C5    . C   B 2 3  ? -0.851  16.678  2.580   1.00 4.25  ? 15 C   B C5    1 
ATOM   319  C C6    . C   B 2 3  ? -0.239  17.624  3.311   1.00 7.82  ? 15 C   B C6    1 
ATOM   320  P P     . A   B 2 4  ? 3.840   17.035  7.565   1.00 28.59 ? 16 A   B P     1 
ATOM   321  O OP1   . A   B 2 4  ? 4.929   17.421  8.481   1.00 31.77 ? 16 A   B OP1   1 
ATOM   322  O OP2   . A   B 2 4  ? 4.084   15.985  6.550   1.00 28.06 ? 16 A   B OP2   1 
ATOM   323  O "O5'" . A   B 2 4  ? 2.623   16.468  8.454   1.00 24.70 ? 16 A   B "O5'" 1 
ATOM   324  C "C5'" . A   B 2 4  ? 2.260   16.983  9.749   1.00 20.70 ? 16 A   B "C5'" 1 
ATOM   325  C "C4'" . A   B 2 4  ? 1.028   16.245  10.262  1.00 15.10 ? 16 A   B "C4'" 1 
ATOM   326  O "O4'" . A   B 2 4  ? -0.005  16.322  9.291   1.00 14.66 ? 16 A   B "O4'" 1 
ATOM   327  C "C3'" . A   B 2 4  ? 1.291   14.786  10.251  1.00 17.50 ? 16 A   B "C3'" 1 
ATOM   328  O "O3'" . A   B 2 4  ? 2.163   14.310  11.298  1.00 19.71 ? 16 A   B "O3'" 1 
ATOM   329  C "C2'" . A   B 2 4  ? -0.087  14.205  10.185  1.00 16.37 ? 16 A   B "C2'" 1 
ATOM   330  O "O2'" . A   B 2 4  ? -0.779  14.398  11.415  1.00 20.52 ? 16 A   B "O2'" 1 
ATOM   331  C "C1'" . A   B 2 4  ? -0.694  15.090  9.150   1.00 11.46 ? 16 A   B "C1'" 1 
ATOM   332  N N9    . A   B 2 4  ? -0.676  14.607  7.748   1.00 8.99  ? 16 A   B N9    1 
ATOM   333  C C8    . A   B 2 4  ? 0.198   14.927  6.734   1.00 9.75  ? 16 A   B C8    1 
ATOM   334  N N7    . A   B 2 4  ? -0.081  14.331  5.598   1.00 11.12 ? 16 A   B N7    1 
ATOM   335  C C5    . A   B 2 4  ? -1.225  13.575  5.879   1.00 7.07  ? 16 A   B C5    1 
ATOM   336  C C6    . A   B 2 4  ? -2.039  12.715  5.084   1.00 9.99  ? 16 A   B C6    1 
ATOM   337  N N6    . A   B 2 4  ? -1.801  12.461  3.794   1.00 3.76  ? 16 A   B N6    1 
ATOM   338  N N1    . A   B 2 4  ? -3.103  12.116  5.690   1.00 10.26 ? 16 A   B N1    1 
ATOM   339  C C2    . A   B 2 4  ? -3.339  12.372  6.988   1.00 5.95  ? 16 A   B C2    1 
ATOM   340  N N3    . A   B 2 4  ? -2.648  13.168  7.792   1.00 5.90  ? 16 A   B N3    1 
ATOM   341  C C4    . A   B 2 4  ? -1.590  13.744  7.178   1.00 5.48  ? 16 A   B C4    1 
ATOM   342  P P     . C   B 2 5  ? 2.833   12.814  11.253  1.00 20.99 ? 17 C   B P     1 
ATOM   343  O OP1   . C   B 2 5  ? 3.649   12.718  12.473  1.00 23.58 ? 17 C   B OP1   1 
ATOM   344  O OP2   . C   B 2 5  ? 3.451   12.482  9.930   1.00 16.23 ? 17 C   B OP2   1 
ATOM   345  O "O5'" . C   B 2 5  ? 1.564   11.883  11.421  1.00 17.79 ? 17 C   B "O5'" 1 
ATOM   346  C "C5'" . C   B 2 5  ? 0.898   11.743  12.648  1.00 13.75 ? 17 C   B "C5'" 1 
ATOM   347  C "C4'" . C   B 2 5  ? -0.163  10.730  12.401  1.00 14.90 ? 17 C   B "C4'" 1 
ATOM   348  O "O4'" . C   B 2 5  ? -0.928  11.178  11.272  1.00 16.93 ? 17 C   B "O4'" 1 
ATOM   349  C "C3'" . C   B 2 5  ? 0.387   9.423   11.894  1.00 16.26 ? 17 C   B "C3'" 1 
ATOM   350  O "O3'" . C   B 2 5  ? 1.069   8.608   12.863  1.00 21.67 ? 17 C   B "O3'" 1 
ATOM   351  C "C2'" . C   B 2 5  ? -0.874  8.822   11.293  1.00 16.08 ? 17 C   B "C2'" 1 
ATOM   352  O "O2'" . C   B 2 5  ? -1.891  8.526   12.255  1.00 14.64 ? 17 C   B "O2'" 1 
ATOM   353  C "C1'" . C   B 2 5  ? -1.340  10.028  10.475  1.00 15.71 ? 17 C   B "C1'" 1 
ATOM   354  N N1    . C   B 2 5  ? -0.841  10.056  9.054   1.00 9.94  ? 17 C   B N1    1 
ATOM   355  C C2    . C   B 2 5  ? -1.513  9.366   8.077   1.00 11.09 ? 17 C   B C2    1 
ATOM   356  O O2    . C   B 2 5  ? -2.521  8.707   8.322   1.00 15.16 ? 17 C   B O2    1 
ATOM   357  N N3    . C   B 2 5  ? -1.054  9.407   6.800   1.00 10.94 ? 17 C   B N3    1 
ATOM   358  C C4    . C   B 2 5  ? 0.037   10.127  6.496   1.00 15.84 ? 17 C   B C4    1 
ATOM   359  N N4    . C   B 2 5  ? 0.501   10.186  5.252   1.00 15.06 ? 17 C   B N4    1 
ATOM   360  C C5    . C   B 2 5  ? 0.732   10.854  7.489   1.00 15.97 ? 17 C   B C5    1 
ATOM   361  C C6    . C   B 2 5  ? 0.253   10.783  8.744   1.00 13.22 ? 17 C   B C6    1 
ATOM   362  P P     . C   B 2 6  ? 2.254   7.535   12.556  1.00 16.30 ? 18 C   B P     1 
ATOM   363  O OP1   . C   B 2 6  ? 2.899   7.262   13.853  1.00 25.87 ? 18 C   B OP1   1 
ATOM   364  O OP2   . C   B 2 6  ? 3.061   8.109   11.455  1.00 20.45 ? 18 C   B OP2   1 
ATOM   365  O "O5'" . C   B 2 6  ? 1.675   6.155   12.045  1.00 13.78 ? 18 C   B "O5'" 1 
ATOM   366  C "C5'" . C   B 2 6  ? 0.653   5.424   12.665  1.00 14.66 ? 18 C   B "C5'" 1 
ATOM   367  C "C4'" . C   B 2 6  ? -0.097  4.595   11.597  1.00 18.99 ? 18 C   B "C4'" 1 
ATOM   368  O "O4'" . C   B 2 6  ? -0.683  5.327   10.495  1.00 17.24 ? 18 C   B "O4'" 1 
ATOM   369  C "C3'" . C   B 2 6  ? 0.799   3.657   10.816  1.00 19.81 ? 18 C   B "C3'" 1 
ATOM   370  O "O3'" . C   B 2 6  ? 1.295   2.596   11.640  1.00 23.42 ? 18 C   B "O3'" 1 
ATOM   371  C "C2'" . C   B 2 6  ? -0.203  3.146   9.778   1.00 18.13 ? 18 C   B "C2'" 1 
ATOM   372  O "O2'" . C   B 2 6  ? -1.194  2.371   10.482  1.00 16.41 ? 18 C   B "O2'" 1 
ATOM   373  C "C1'" . C   B 2 6  ? -0.813  4.455   9.325   1.00 14.07 ? 18 C   B "C1'" 1 
ATOM   374  N N1    . C   B 2 6  ? -0.263  5.162   8.107   1.00 10.04 ? 18 C   B N1    1 
ATOM   375  C C2    . C   B 2 6  ? -0.673  4.856   6.772   1.00 7.70  ? 18 C   B C2    1 
ATOM   376  O O2    . C   B 2 6  ? -1.474  3.952   6.491   1.00 2.28  ? 18 C   B O2    1 
ATOM   377  N N3    . C   B 2 6  ? -0.119  5.603   5.751   1.00 2.00  ? 18 C   B N3    1 
ATOM   378  C C4    . C   B 2 6  ? 0.756   6.614   6.029   1.00 4.47  ? 18 C   B C4    1 
ATOM   379  N N4    . C   B 2 6  ? 1.311   7.365   5.088   1.00 3.90  ? 18 C   B N4    1 
ATOM   380  C C5    . C   B 2 6  ? 1.164   6.932   7.348   1.00 8.51  ? 18 C   B C5    1 
ATOM   381  C C6    . C   B 2 6  ? 0.625   6.192   8.340   1.00 11.07 ? 18 C   B C6    1 
ATOM   382  P P     . U   B 2 7  ? 2.676   1.830   11.323  1.00 21.50 ? 19 U   B P     1 
ATOM   383  O OP1   . U   B 2 7  ? 2.796   0.747   12.327  1.00 20.49 ? 19 U   B OP1   1 
ATOM   384  O OP2   . U   B 2 7  ? 3.747   2.871   11.150  1.00 14.48 ? 19 U   B OP2   1 
ATOM   385  O "O5'" . U   B 2 7  ? 2.360   1.091   9.941   1.00 17.12 ? 19 U   B "O5'" 1 
ATOM   386  C "C5'" . U   B 2 7  ? 1.580   -0.116  9.866   1.00 15.84 ? 19 U   B "C5'" 1 
ATOM   387  C "C4'" . U   B 2 7  ? 1.412   -0.564  8.389   1.00 17.18 ? 19 U   B "C4'" 1 
ATOM   388  O "O4'" . U   B 2 7  ? 0.706   0.431   7.586   1.00 14.38 ? 19 U   B "O4'" 1 
ATOM   389  C "C3'" . U   B 2 7  ? 2.750   -0.710  7.583   1.00 16.45 ? 19 U   B "C3'" 1 
ATOM   390  O "O3'" . U   B 2 7  ? 3.607   -1.837  7.906   1.00 23.72 ? 19 U   B "O3'" 1 
ATOM   391  C "C2'" . U   B 2 7  ? 2.159   -0.829  6.210   1.00 10.41 ? 19 U   B "C2'" 1 
ATOM   392  O "O2'" . U   B 2 7  ? 1.434   -2.101  6.216   1.00 9.70  ? 19 U   B "O2'" 1 
ATOM   393  C "C1'" . U   B 2 7  ? 1.247   0.426   6.236   1.00 7.14  ? 19 U   B "C1'" 1 
ATOM   394  N N1    . U   B 2 7  ? 1.926   1.729   5.905   1.00 2.00  ? 19 U   B N1    1 
ATOM   395  C C2    . U   B 2 7  ? 2.113   2.089   4.590   1.00 2.00  ? 19 U   B C2    1 
ATOM   396  O O2    . U   B 2 7  ? 1.765   1.405   3.624   1.00 2.00  ? 19 U   B O2    1 
ATOM   397  N N3    . U   B 2 7  ? 2.746   3.294   4.355   1.00 2.00  ? 19 U   B N3    1 
ATOM   398  C C4    . U   B 2 7  ? 3.184   4.190   5.297   1.00 4.18  ? 19 U   B C4    1 
ATOM   399  O O4    . U   B 2 7  ? 3.743   5.257   4.976   1.00 2.17  ? 19 U   B O4    1 
ATOM   400  C C5    . U   B 2 7  ? 2.927   3.741   6.645   1.00 3.35  ? 19 U   B C5    1 
ATOM   401  C C6    . U   B 2 7  ? 2.324   2.564   6.890   1.00 2.00  ? 19 U   B C6    1 
ATOM   402  P P     . C   B 2 8  ? 5.231   -2.007  7.645   1.00 23.04 ? 20 C   B P     1 
ATOM   403  O OP1   . C   B 2 8  ? 5.546   -3.326  8.249   1.00 23.47 ? 20 C   B OP1   1 
ATOM   404  O OP2   . C   B 2 8  ? 5.927   -0.778  8.098   1.00 15.78 ? 20 C   B OP2   1 
ATOM   405  O "O5'" . C   B 2 8  ? 5.550   -2.100  6.065   1.00 20.29 ? 20 C   B "O5'" 1 
ATOM   406  C "C5'" . C   B 2 8  ? 5.343   -3.234  5.210   1.00 19.84 ? 20 C   B "C5'" 1 
ATOM   407  C "C4'" . C   B 2 8  ? 5.436   -2.706  3.779   1.00 21.24 ? 20 C   B "C4'" 1 
ATOM   408  O "O4'" . C   B 2 8  ? 4.630   -1.477  3.613   1.00 19.21 ? 20 C   B "O4'" 1 
ATOM   409  C "C3'" . C   B 2 8  ? 6.828   -2.211  3.481   1.00 21.17 ? 20 C   B "C3'" 1 
ATOM   410  O "O3'" . C   B 2 8  ? 7.816   -3.242  3.348   1.00 26.15 ? 20 C   B "O3'" 1 
ATOM   411  C "C2'" . C   B 2 8  ? 6.559   -1.421  2.229   1.00 19.98 ? 20 C   B "C2'" 1 
ATOM   412  O "O2'" . C   B 2 8  ? 6.308   -2.269  1.091   1.00 22.33 ? 20 C   B "O2'" 1 
ATOM   413  C "C1'" . C   B 2 8  ? 5.274   -0.651  2.636   1.00 14.86 ? 20 C   B "C1'" 1 
ATOM   414  N N1    . C   B 2 8  ? 5.616   0.717   3.077   1.00 4.57  ? 20 C   B N1    1 
ATOM   415  C C2    . C   B 2 8  ? 6.030   1.635   2.097   1.00 7.51  ? 20 C   B C2    1 
ATOM   416  O O2    . C   B 2 8  ? 6.104   1.315   0.901   1.00 7.37  ? 20 C   B O2    1 
ATOM   417  N N3    . C   B 2 8  ? 6.368   2.919   2.464   1.00 3.18  ? 20 C   B N3    1 
ATOM   418  C C4    . C   B 2 8  ? 6.294   3.268   3.766   1.00 5.36  ? 20 C   B C4    1 
ATOM   419  N N4    . C   B 2 8  ? 6.629   4.509   4.109   1.00 5.49  ? 20 C   B N4    1 
ATOM   420  C C5    . C   B 2 8  ? 5.869   2.337   4.783   1.00 2.00  ? 20 C   B C5    1 
ATOM   421  C C6    . C   B 2 8  ? 5.546   1.085   4.381   1.00 3.00  ? 20 C   B C6    1 
ATOM   422  P P     . C   B 2 9  ? 9.428   -2.954  3.536   1.00 25.69 ? 21 C   B P     1 
ATOM   423  O OP1   . C   B 2 9  ? 10.058  -4.280  3.631   1.00 25.16 ? 21 C   B OP1   1 
ATOM   424  O OP2   . C   B 2 9  ? 9.687   -1.929  4.590   1.00 23.13 ? 21 C   B OP2   1 
ATOM   425  O "O5'" . C   B 2 9  ? 9.910   -2.235  2.153   1.00 27.25 ? 21 C   B "O5'" 1 
ATOM   426  C "C5'" . C   B 2 9  ? 9.994   -2.896  0.868   1.00 21.28 ? 21 C   B "C5'" 1 
ATOM   427  C "C4'" . C   B 2 9  ? 10.370  -1.878  -0.194  1.00 18.73 ? 21 C   B "C4'" 1 
ATOM   428  O "O4'" . C   B 2 9  ? 9.504   -0.743  -0.140  1.00 17.88 ? 21 C   B "O4'" 1 
ATOM   429  C "C3'" . C   B 2 9  ? 11.676  -1.241  0.133   1.00 20.21 ? 21 C   B "C3'" 1 
ATOM   430  O "O3'" . C   B 2 9  ? 12.703  -2.174  -0.152  1.00 24.88 ? 21 C   B "O3'" 1 
ATOM   431  C "C2'" . C   B 2 9  ? 11.666  -0.001  -0.735  1.00 17.99 ? 21 C   B "C2'" 1 
ATOM   432  O "O2'" . C   B 2 9  ? 11.833  -0.298  -2.126  1.00 19.43 ? 21 C   B "O2'" 1 
ATOM   433  C "C1'" . C   B 2 9  ? 10.235  0.448   -0.461  1.00 12.34 ? 21 C   B "C1'" 1 
ATOM   434  N N1    . C   B 2 9  ? 10.147  1.405   0.661   1.00 6.01  ? 21 C   B N1    1 
ATOM   435  C C2    . C   B 2 9  ? 10.615  2.685   0.432   1.00 6.25  ? 21 C   B C2    1 
ATOM   436  O O2    . C   B 2 9  ? 11.096  3.043   -0.630  1.00 7.94  ? 21 C   B O2    1 
ATOM   437  N N3    . C   B 2 9  ? 10.558  3.595   1.429   1.00 3.85  ? 21 C   B N3    1 
ATOM   438  C C4    . C   B 2 9  ? 10.056  3.261   2.619   1.00 2.00  ? 21 C   B C4    1 
ATOM   439  N N4    . C   B 2 9  ? 10.039  4.218   3.529   1.00 3.30  ? 21 C   B N4    1 
ATOM   440  C C5    . C   B 2 9  ? 9.564   1.943   2.899   1.00 2.00  ? 21 C   B C5    1 
ATOM   441  C C6    . C   B 2 9  ? 9.627   1.055   1.884   1.00 2.32  ? 21 C   B C6    1 
ATOM   442  P P     . U   B 2 10 ? 14.144  -2.149  0.518   1.00 21.65 ? 22 U   B P     1 
ATOM   443  O OP1   . U   B 2 10 ? 14.794  -3.361  -0.026  1.00 21.32 ? 22 U   B OP1   1 
ATOM   444  O OP2   . U   B 2 10 ? 13.981  -1.921  1.979   1.00 21.03 ? 22 U   B OP2   1 
ATOM   445  O "O5'" . U   B 2 10 ? 14.857  -0.860  -0.087  1.00 18.86 ? 22 U   B "O5'" 1 
ATOM   446  C "C5'" . U   B 2 10 ? 15.337  -0.828  -1.436  1.00 17.64 ? 22 U   B "C5'" 1 
ATOM   447  C "C4'" . U   B 2 10 ? 15.701  0.596   -1.772  1.00 13.44 ? 22 U   B "C4'" 1 
ATOM   448  O "O4'" . U   B 2 10 ? 14.595  1.446   -1.452  1.00 14.76 ? 22 U   B "O4'" 1 
ATOM   449  C "C3'" . U   B 2 10 ? 16.756  1.059   -0.831  1.00 15.47 ? 22 U   B "C3'" 1 
ATOM   450  O "O3'" . U   B 2 10 ? 18.051  0.523   -1.182  1.00 19.19 ? 22 U   B "O3'" 1 
ATOM   451  C "C2'" . U   B 2 10 ? 16.584  2.550   -0.952  1.00 14.70 ? 22 U   B "C2'" 1 
ATOM   452  O "O2'" . U   B 2 10 ? 17.072  2.972   -2.207  1.00 19.63 ? 22 U   B "O2'" 1 
ATOM   453  C "C1'" . U   B 2 10 ? 15.073  2.713   -0.932  1.00 11.71 ? 22 U   B "C1'" 1 
ATOM   454  N N1    . U   B 2 10 ? 14.528  3.144   0.402   1.00 4.88  ? 22 U   B N1    1 
ATOM   455  C C2    . U   B 2 10 ? 14.813  4.428   0.828   1.00 7.03  ? 22 U   B C2    1 
ATOM   456  O O2    . U   B 2 10 ? 15.469  5.229   0.168   1.00 12.87 ? 22 U   B O2    1 
ATOM   457  N N3    . U   B 2 10 ? 14.334  4.808   2.072   1.00 2.90  ? 22 U   B N3    1 
ATOM   458  C C4    . U   B 2 10 ? 13.586  4.028   2.928   1.00 2.91  ? 22 U   B C4    1 
ATOM   459  O O4    . U   B 2 10 ? 13.203  4.518   3.986   1.00 2.00  ? 22 U   B O4    1 
ATOM   460  C C5    . U   B 2 10 ? 13.328  2.693   2.426   1.00 2.00  ? 22 U   B C5    1 
ATOM   461  C C6    . U   B 2 10 ? 13.794  2.312   1.206   1.00 5.65  ? 22 U   B C6    1 
ATOM   462  P P     . U   B 2 11 ? 19.371  0.458   -0.218  1.00 17.42 ? 23 U   B P     1 
ATOM   463  O OP1   . U   B 2 11 ? 20.516  0.028   -1.034  1.00 20.05 ? 23 U   B OP1   1 
ATOM   464  O OP2   . U   B 2 11 ? 19.057  -0.341  0.989   1.00 16.70 ? 23 U   B OP2   1 
ATOM   465  O "O5'" . U   B 2 11 ? 19.648  1.988   0.192   1.00 10.83 ? 23 U   B "O5'" 1 
ATOM   466  C "C5'" . U   B 2 11 ? 20.480  2.731   -0.703  1.00 14.25 ? 23 U   B "C5'" 1 
ATOM   467  C "C4'" . U   B 2 11 ? 20.511  4.243   -0.426  1.00 17.85 ? 23 U   B "C4'" 1 
ATOM   468  O "O4'" . U   B 2 11 ? 19.186  4.726   -0.174  1.00 15.69 ? 23 U   B "O4'" 1 
ATOM   469  C "C3'" . U   B 2 11 ? 21.263  4.594   0.840   1.00 19.29 ? 23 U   B "C3'" 1 
ATOM   470  O "O3'" . U   B 2 11 ? 22.700  4.424   0.741   1.00 21.95 ? 23 U   B "O3'" 1 
ATOM   471  C "C2'" . U   B 2 11 ? 20.758  6.008   1.166   1.00 18.71 ? 23 U   B "C2'" 1 
ATOM   472  O "O2'" . U   B 2 11 ? 21.287  7.082   0.350   1.00 21.63 ? 23 U   B "O2'" 1 
ATOM   473  C "C1'" . U   B 2 11 ? 19.293  5.777   0.817   1.00 15.40 ? 23 U   B "C1'" 1 
ATOM   474  N N1    . U   B 2 11 ? 18.438  5.474   1.991   1.00 11.24 ? 23 U   B N1    1 
ATOM   475  C C2    . U   B 2 11 ? 18.044  6.529   2.820   1.00 8.48  ? 23 U   B C2    1 
ATOM   476  O O2    . U   B 2 11 ? 18.357  7.723   2.674   1.00 5.29  ? 23 U   B O2    1 
ATOM   477  N N3    . U   B 2 11 ? 17.239  6.140   3.865   1.00 3.69  ? 23 U   B N3    1 
ATOM   478  C C4    . U   B 2 11 ? 16.805  4.874   4.158   1.00 5.92  ? 23 U   B C4    1 
ATOM   479  O O4    . U   B 2 11 ? 16.080  4.695   5.131   1.00 8.95  ? 23 U   B O4    1 
ATOM   480  C C5    . U   B 2 11 ? 17.249  3.858   3.267   1.00 2.00  ? 23 U   B C5    1 
ATOM   481  C C6    . U   B 2 11 ? 18.033  4.184   2.229   1.00 8.08  ? 23 U   B C6    1 
ATOM   482  P P     . A   B 2 12 ? 23.592  3.585   1.830   1.00 21.76 ? 24 A   B P     1 
ATOM   483  O OP1   . A   B 2 12 ? 24.937  3.418   1.234   1.00 23.45 ? 24 A   B OP1   1 
ATOM   484  O OP2   . A   B 2 12 ? 22.852  2.376   2.313   1.00 15.06 ? 24 A   B OP2   1 
ATOM   485  O "O5'" . A   B 2 12 ? 23.720  4.671   2.981   1.00 16.43 ? 24 A   B "O5'" 1 
ATOM   486  C "C5'" . A   B 2 12 ? 24.440  5.863   2.690   1.00 16.21 ? 24 A   B "C5'" 1 
ATOM   487  C "C4'" . A   B 2 12 ? 23.982  6.950   3.643   1.00 18.14 ? 24 A   B "C4'" 1 
ATOM   488  O "O4'" . A   B 2 12 ? 22.565  6.792   3.725   1.00 16.15 ? 24 A   B "O4'" 1 
ATOM   489  C "C3'" . A   B 2 12 ? 24.498  6.861   5.100   1.00 17.05 ? 24 A   B "C3'" 1 
ATOM   490  O "O3'" . A   B 2 12 ? 25.731  7.597   5.268   1.00 16.66 ? 24 A   B "O3'" 1 
ATOM   491  C "C2'" . A   B 2 12 ? 23.364  7.539   5.874   1.00 15.03 ? 24 A   B "C2'" 1 
ATOM   492  O "O2'" . A   B 2 12 ? 23.542  8.963   5.817   1.00 19.90 ? 24 A   B "O2'" 1 
ATOM   493  C "C1'" . A   B 2 12 ? 22.149  7.174   5.027   1.00 11.15 ? 24 A   B "C1'" 1 
ATOM   494  N N9    . A   B 2 12 ? 21.167  6.197   5.513   1.00 5.07  ? 24 A   B N9    1 
ATOM   495  C C8    . A   B 2 12 ? 20.888  4.884   5.161   1.00 2.00  ? 24 A   B C8    1 
ATOM   496  N N7    . A   B 2 12 ? 19.869  4.387   5.825   1.00 2.00  ? 24 A   B N7    1 
ATOM   497  C C5    . A   B 2 12 ? 19.463  5.454   6.631   1.00 2.00  ? 24 A   B C5    1 
ATOM   498  C C6    . A   B 2 12 ? 18.456  5.612   7.581   1.00 2.17  ? 24 A   B C6    1 
ATOM   499  N N6    . A   B 2 12 ? 17.590  4.669   7.921   1.00 3.31  ? 24 A   B N6    1 
ATOM   500  N N1    . A   B 2 12 ? 18.353  6.776   8.200   1.00 2.09  ? 24 A   B N1    1 
ATOM   501  C C2    . A   B 2 12 ? 19.194  7.733   7.875   1.00 4.10  ? 24 A   B C2    1 
ATOM   502  N N3    . A   B 2 12 ? 20.166  7.731   6.997   1.00 2.00  ? 24 A   B N3    1 
ATOM   503  C C4    . A   B 2 12 ? 20.244  6.539   6.420   1.00 2.00  ? 24 A   B C4    1 
ATOM   504  O "O5'" . U   C 1 1  ? -11.035 -11.446 -14.353 1.00 22.55 ? 25 U   C "O5'" 1 
ATOM   505  C "C5'" . U   C 1 1  ? -11.749 -12.678 -14.539 1.00 18.03 ? 25 U   C "C5'" 1 
ATOM   506  C "C4'" . U   C 1 1  ? -10.874 -13.649 -15.309 1.00 19.35 ? 25 U   C "C4'" 1 
ATOM   507  O "O4'" . U   C 1 1  ? -10.469 -13.029 -16.520 1.00 13.81 ? 25 U   C "O4'" 1 
ATOM   508  C "C3'" . U   C 1 1  ? -9.522  -13.948 -14.640 1.00 20.87 ? 25 U   C "C3'" 1 
ATOM   509  O "O3'" . U   C 1 1  ? -9.642  -14.918 -13.579 1.00 25.98 ? 25 U   C "O3'" 1 
ATOM   510  C "C2'" . U   C 1 1  ? -8.724  -14.447 -15.820 1.00 16.07 ? 25 U   C "C2'" 1 
ATOM   511  O "O2'" . U   C 1 1  ? -9.290  -15.651 -16.311 1.00 17.27 ? 25 U   C "O2'" 1 
ATOM   512  C "C1'" . U   C 1 1  ? -9.113  -13.382 -16.789 1.00 12.09 ? 25 U   C "C1'" 1 
ATOM   513  N N1    . U   C 1 1  ? -8.276  -12.160 -16.839 1.00 11.35 ? 25 U   C N1    1 
ATOM   514  C C2    . U   C 1 1  ? -7.024  -12.288 -17.415 1.00 13.27 ? 25 U   C C2    1 
ATOM   515  O O2    . U   C 1 1  ? -6.591  -13.369 -17.837 1.00 18.47 ? 25 U   C O2    1 
ATOM   516  N N3    . U   C 1 1  ? -6.285  -11.129 -17.503 1.00 7.39  ? 25 U   C N3    1 
ATOM   517  C C4    . U   C 1 1  ? -6.675  -9.880  -17.062 1.00 9.98  ? 25 U   C C4    1 
ATOM   518  O O4    . U   C 1 1  ? -5.911  -8.919  -17.183 1.00 14.84 ? 25 U   C O4    1 
ATOM   519  C C5    . U   C 1 1  ? -7.985  -9.825  -16.481 1.00 4.05  ? 25 U   C C5    1 
ATOM   520  C C6    . U   C 1 1  ? -8.729  -10.940 -16.391 1.00 6.86  ? 25 U   C C6    1 
ATOM   521  P P     . A   C 1 2  ? -8.929  -14.845 -12.112 1.00 22.76 ? 26 A   C P     1 
ATOM   522  O OP1   . A   C 1 2  ? -9.598  -15.905 -11.340 1.00 23.09 ? 26 A   C OP1   1 
ATOM   523  O OP2   . A   C 1 2  ? -8.911  -13.425 -11.666 1.00 17.42 ? 26 A   C OP2   1 
ATOM   524  O "O5'" . A   C 1 2  ? -7.445  -15.334 -12.324 1.00 22.45 ? 26 A   C "O5'" 1 
ATOM   525  C "C5'" . A   C 1 2  ? -7.244  -16.689 -12.746 1.00 23.11 ? 26 A   C "C5'" 1 
ATOM   526  C "C4'" . A   C 1 2  ? -5.939  -16.853 -13.524 1.00 20.90 ? 26 A   C "C4'" 1 
ATOM   527  O "O4'" . A   C 1 2  ? -5.816  -15.986 -14.660 1.00 20.23 ? 26 A   C "O4'" 1 
ATOM   528  C "C3'" . A   C 1 2  ? -4.841  -16.372 -12.637 1.00 22.68 ? 26 A   C "C3'" 1 
ATOM   529  O "O3'" . A   C 1 2  ? -4.647  -17.375 -11.654 1.00 28.51 ? 26 A   C "O3'" 1 
ATOM   530  C "C2'" . A   C 1 2  ? -3.697  -16.138 -13.595 1.00 19.93 ? 26 A   C "C2'" 1 
ATOM   531  O "O2'" . A   C 1 2  ? -3.116  -17.381 -14.025 1.00 19.53 ? 26 A   C "O2'" 1 
ATOM   532  C "C1'" . A   C 1 2  ? -4.476  -15.484 -14.736 1.00 13.91 ? 26 A   C "C1'" 1 
ATOM   533  N N9    . A   C 1 2  ? -4.601  -14.040 -14.632 1.00 6.70  ? 26 A   C N9    1 
ATOM   534  C C8    . A   C 1 2  ? -5.690  -13.298 -14.224 1.00 6.21  ? 26 A   C C8    1 
ATOM   535  N N7    . A   C 1 2  ? -5.493  -12.000 -14.269 1.00 7.74  ? 26 A   C N7    1 
ATOM   536  C C5    . A   C 1 2  ? -4.185  -11.895 -14.740 1.00 3.94  ? 26 A   C C5    1 
ATOM   537  C C6    . A   C 1 2  ? -3.398  -10.789 -14.998 1.00 5.60  ? 26 A   C C6    1 
ATOM   538  N N6    . A   C 1 2  ? -3.879  -9.563  -14.784 1.00 2.71  ? 26 A   C N6    1 
ATOM   539  N N1    . A   C 1 2  ? -2.146  -11.000 -15.465 1.00 7.86  ? 26 A   C N1    1 
ATOM   540  C C2    . A   C 1 2  ? -1.743  -12.256 -15.646 1.00 7.56  ? 26 A   C C2    1 
ATOM   541  N N3    . A   C 1 2  ? -2.401  -13.392 -15.434 1.00 4.52  ? 26 A   C N3    1 
ATOM   542  C C4    . A   C 1 2  ? -3.636  -13.126 -14.967 1.00 4.04  ? 26 A   C C4    1 
ATOM   543  P P     . A   C 1 3  ? -4.175  -17.055 -10.165 1.00 28.71 ? 27 A   C P     1 
ATOM   544  O OP1   . A   C 1 3  ? -4.340  -18.369 -9.494  1.00 26.35 ? 27 A   C OP1   1 
ATOM   545  O OP2   . A   C 1 3  ? -4.907  -15.866 -9.657  1.00 26.18 ? 27 A   C OP2   1 
ATOM   546  O "O5'" . A   C 1 3  ? -2.614  -16.613 -10.269 1.00 22.67 ? 27 A   C "O5'" 1 
ATOM   547  C "C5'" . A   C 1 3  ? -1.514  -17.478 -10.529 1.00 18.50 ? 27 A   C "C5'" 1 
ATOM   548  C "C4'" . A   C 1 3  ? -0.298  -16.645 -10.945 1.00 18.51 ? 27 A   C "C4'" 1 
ATOM   549  O "O4'" . A   C 1 3  ? -0.636  -15.708 -11.986 1.00 22.07 ? 27 A   C "O4'" 1 
ATOM   550  C "C3'" . A   C 1 3  ? 0.132   -15.643 -9.937  1.00 19.79 ? 27 A   C "C3'" 1 
ATOM   551  O "O3'" . A   C 1 3  ? 0.780   -16.249 -8.843  1.00 21.88 ? 27 A   C "O3'" 1 
ATOM   552  C "C2'" . A   C 1 3  ? 1.069   -14.761 -10.736 1.00 19.78 ? 27 A   C "C2'" 1 
ATOM   553  O "O2'" . A   C 1 3  ? 2.312   -15.447 -10.998 1.00 26.00 ? 27 A   C "O2'" 1 
ATOM   554  C "C1'" . A   C 1 3  ? 0.247   -14.552 -11.994 1.00 13.59 ? 27 A   C "C1'" 1 
ATOM   555  N N9    . A   C 1 3  ? -0.577  -13.339 -11.938 1.00 6.41  ? 27 A   C N9    1 
ATOM   556  C C8    . A   C 1 3  ? -1.888  -13.241 -11.553 1.00 2.00  ? 27 A   C C8    1 
ATOM   557  N N7    . A   C 1 3  ? -2.334  -12.013 -11.600 1.00 4.54  ? 27 A   C N7    1 
ATOM   558  C C5    . A   C 1 3  ? -1.266  -11.260 -12.037 1.00 2.95  ? 27 A   C C5    1 
ATOM   559  C C6    . A   C 1 3  ? -1.124  -9.885  -12.296 1.00 8.60  ? 27 A   C C6    1 
ATOM   560  N N6    . A   C 1 3  ? -2.152  -9.065  -12.119 1.00 8.97  ? 27 A   C N6    1 
ATOM   561  N N1    . A   C 1 3  ? 0.074   -9.408  -12.735 1.00 6.27  ? 27 A   C N1    1 
ATOM   562  C C2    . A   C 1 3  ? 1.063   -10.287 -12.889 1.00 4.14  ? 27 A   C C2    1 
ATOM   563  N N3    . A   C 1 3  ? 1.038   -11.606 -12.662 1.00 6.20  ? 27 A   C N3    1 
ATOM   564  C C4    . A   C 1 3  ? -0.177  -12.044 -12.239 1.00 3.40  ? 27 A   C C4    1 
ATOM   565  P P     . G   C 1 4  ? 1.077   -15.418 -7.508  1.00 22.75 ? 28 G   C P     1 
ATOM   566  O OP1   . G   C 1 4  ? 1.770   -16.421 -6.695  1.00 28.33 ? 28 G   C OP1   1 
ATOM   567  O OP2   . G   C 1 4  ? -0.156  -14.775 -6.950  1.00 17.98 ? 28 G   C OP2   1 
ATOM   568  O "O5'" . G   C 1 4  ? 2.130   -14.283 -7.947  1.00 14.60 ? 28 G   C "O5'" 1 
ATOM   569  C "C5'" . G   C 1 4  ? 3.501   -14.597 -7.890  1.00 12.68 ? 28 G   C "C5'" 1 
ATOM   570  C "C4'" . G   C 1 4  ? 4.303   -13.366 -8.026  1.00 10.21 ? 28 G   C "C4'" 1 
ATOM   571  O "O4'" . G   C 1 4  ? 3.857   -12.690 -9.192  1.00 11.94 ? 28 G   C "O4'" 1 
ATOM   572  C "C3'" . G   C 1 4  ? 3.925   -12.414 -6.976  1.00 12.58 ? 28 G   C "C3'" 1 
ATOM   573  O "O3'" . G   C 1 4  ? 4.424   -12.702 -5.648  1.00 21.09 ? 28 G   C "O3'" 1 
ATOM   574  C "C2'" . G   C 1 4  ? 4.446   -11.140 -7.601  1.00 14.51 ? 28 G   C "C2'" 1 
ATOM   575  O "O2'" . G   C 1 4  ? 5.866   -10.931 -7.667  1.00 14.65 ? 28 G   C "O2'" 1 
ATOM   576  C "C1'" . G   C 1 4  ? 3.873   -11.273 -8.973  1.00 8.90  ? 28 G   C "C1'" 1 
ATOM   577  N N9    . G   C 1 4  ? 2.528   -10.665 -9.049  1.00 2.00  ? 28 G   C N9    1 
ATOM   578  C C8    . G   C 1 4  ? 1.340   -11.300 -8.944  1.00 2.00  ? 28 G   C C8    1 
ATOM   579  N N7    . G   C 1 4  ? 0.319   -10.533 -9.077  1.00 2.46  ? 28 G   C N7    1 
ATOM   580  C C5    . G   C 1 4  ? 0.877   -9.278  -9.288  1.00 2.00  ? 28 G   C C5    1 
ATOM   581  C C6    . G   C 1 4  ? 0.231   -8.034  -9.482  1.00 2.18  ? 28 G   C C6    1 
ATOM   582  O O6    . G   C 1 4  ? -0.981  -7.872  -9.498  1.00 4.12  ? 28 G   C O6    1 
ATOM   583  N N1    . G   C 1 4  ? 1.109   -6.949  -9.631  1.00 2.00  ? 28 G   C N1    1 
ATOM   584  C C2    . G   C 1 4  ? 2.481   -7.095  -9.606  1.00 2.15  ? 28 G   C C2    1 
ATOM   585  N N2    . G   C 1 4  ? 3.228   -6.006  -9.770  1.00 2.00  ? 28 G   C N2    1 
ATOM   586  N N3    . G   C 1 4  ? 3.094   -8.302  -9.434  1.00 2.00  ? 28 G   C N3    1 
ATOM   587  C C4    . G   C 1 4  ? 2.233   -9.341  -9.276  1.00 2.00  ? 28 G   C C4    1 
ATOM   588  P P     . G   C 1 5  ? 3.799   -12.129 -4.251  1.00 14.08 ? 29 G   C P     1 
ATOM   589  O OP1   . G   C 1 5  ? 4.450   -12.818 -3.130  1.00 18.94 ? 29 G   C OP1   1 
ATOM   590  O OP2   . G   C 1 5  ? 2.319   -12.166 -4.327  1.00 20.42 ? 29 G   C OP2   1 
ATOM   591  O "O5'" . G   C 1 5  ? 4.235   -10.618 -4.332  1.00 8.53  ? 29 G   C "O5'" 1 
ATOM   592  C "C5'" . G   C 1 5  ? 5.547   -10.145 -4.247  1.00 4.26  ? 29 G   C "C5'" 1 
ATOM   593  C "C4'" . G   C 1 5  ? 5.443   -8.660  -4.497  1.00 8.45  ? 29 G   C "C4'" 1 
ATOM   594  O "O4'" . G   C 1 5  ? 4.892   -8.299  -5.791  1.00 12.21 ? 29 G   C "O4'" 1 
ATOM   595  C "C3'" . G   C 1 5  ? 4.468   -8.034  -3.569  1.00 8.42  ? 29 G   C "C3'" 1 
ATOM   596  O "O3'" . G   C 1 5  ? 5.046   -8.046  -2.291  1.00 15.75 ? 29 G   C "O3'" 1 
ATOM   597  C "C2'" . G   C 1 5  ? 4.330   -6.667  -4.211  1.00 10.62 ? 29 G   C "C2'" 1 
ATOM   598  O "O2'" . G   C 1 5  ? 5.497   -5.850  -4.042  1.00 7.42  ? 29 G   C "O2'" 1 
ATOM   599  C "C1'" . G   C 1 5  ? 4.127   -7.078  -5.647  1.00 7.19  ? 29 G   C "C1'" 1 
ATOM   600  N N9    . G   C 1 5  ? 2.705   -7.342  -5.852  1.00 4.14  ? 29 G   C N9    1 
ATOM   601  C C8    . G   C 1 5  ? 2.012   -8.545  -5.858  1.00 7.63  ? 29 G   C C8    1 
ATOM   602  N N7    . G   C 1 5  ? 0.729   -8.431  -6.074  1.00 7.24  ? 29 G   C N7    1 
ATOM   603  C C5    . G   C 1 5  ? 0.578   -7.042  -6.209  1.00 4.26  ? 29 G   C C5    1 
ATOM   604  C C6    . G   C 1 5  ? -0.585  -6.296  -6.476  1.00 6.00  ? 29 G   C C6    1 
ATOM   605  O O6    . G   C 1 5  ? -1.740  -6.711  -6.634  1.00 14.09 ? 29 G   C O6    1 
ATOM   606  N N1    . G   C 1 5  ? -0.327  -4.943  -6.554  1.00 2.00  ? 29 G   C N1    1 
ATOM   607  C C2    . G   C 1 5  ? 0.901   -4.375  -6.398  1.00 2.00  ? 29 G   C C2    1 
ATOM   608  N N2    . G   C 1 5  ? 0.950   -3.056  -6.485  1.00 2.00  ? 29 G   C N2    1 
ATOM   609  N N3    . G   C 1 5  ? 2.015   -5.063  -6.150  1.00 2.00  ? 29 G   C N3    1 
ATOM   610  C C4    . G   C 1 5  ? 1.774   -6.389  -6.074  1.00 3.74  ? 29 G   C C4    1 
ATOM   611  P P     . A   C 1 6  ? 4.384   -7.569  -0.918  1.00 17.60 ? 30 A   C P     1 
ATOM   612  O OP1   . A   C 1 6  ? 5.516   -7.521  0.024   1.00 19.27 ? 30 A   C OP1   1 
ATOM   613  O OP2   . A   C 1 6  ? 3.169   -8.383  -0.633  1.00 9.12  ? 30 A   C OP2   1 
ATOM   614  O "O5'" . A   C 1 6  ? 3.966   -6.049  -1.200  1.00 14.52 ? 30 A   C "O5'" 1 
ATOM   615  C "C5'" . A   C 1 6  ? 4.579   -4.908  -0.636  1.00 16.18 ? 30 A   C "C5'" 1 
ATOM   616  C "C4'" . A   C 1 6  ? 3.673   -3.696  -0.882  1.00 18.35 ? 30 A   C "C4'" 1 
ATOM   617  O "O4'" . A   C 1 6  ? 3.117   -3.751  -2.220  1.00 18.50 ? 30 A   C "O4'" 1 
ATOM   618  C "C3'" . A   C 1 6  ? 2.406   -3.561  -0.022  1.00 17.88 ? 30 A   C "C3'" 1 
ATOM   619  O "O3'" . A   C 1 6  ? 2.652   -3.177  1.356   1.00 19.94 ? 30 A   C "O3'" 1 
ATOM   620  C "C2'" . A   C 1 6  ? 1.696   -2.469  -0.870  1.00 16.06 ? 30 A   C "C2'" 1 
ATOM   621  O "O2'" . A   C 1 6  ? 2.425   -1.208  -0.831  1.00 20.54 ? 30 A   C "O2'" 1 
ATOM   622  C "C1'" . A   C 1 6  ? 1.833   -3.092  -2.260  1.00 10.54 ? 30 A   C "C1'" 1 
ATOM   623  N N9    . A   C 1 6  ? 0.810   -4.088  -2.604  1.00 2.00  ? 30 A   C N9    1 
ATOM   624  C C8    . A   C 1 6  ? 0.913   -5.433  -2.671  1.00 2.00  ? 30 A   C C8    1 
ATOM   625  N N7    . A   C 1 6  ? -0.190  -6.037  -3.027  1.00 2.00  ? 30 A   C N7    1 
ATOM   626  C C5    . A   C 1 6  ? -1.081  -4.992  -3.218  1.00 2.00  ? 30 A   C C5    1 
ATOM   627  C C6    . A   C 1 6  ? -2.436  -4.965  -3.617  1.00 2.52  ? 30 A   C C6    1 
ATOM   628  N N6    . A   C 1 6  ? -3.115  -6.095  -3.874  1.00 2.00  ? 30 A   C N6    1 
ATOM   629  N N1    . A   C 1 6  ? -3.048  -3.744  -3.724  1.00 2.76  ? 30 A   C N1    1 
ATOM   630  C C2    . A   C 1 6  ? -2.331  -2.638  -3.440  1.00 4.25  ? 30 A   C C2    1 
ATOM   631  N N3    . A   C 1 6  ? -1.041  -2.546  -3.060  1.00 5.62  ? 30 A   C N3    1 
ATOM   632  C C4    . A   C 1 6  ? -0.475  -3.795  -2.963  1.00 2.24  ? 30 A   C C4    1 
ATOM   633  P P     . G   C 1 7  ? 1.659   -3.595  2.590   1.00 17.96 ? 31 G   C P     1 
ATOM   634  O OP1   . G   C 1 7  ? 2.330   -3.285  3.858   1.00 17.73 ? 31 G   C OP1   1 
ATOM   635  O OP2   . G   C 1 7  ? 1.097   -4.947  2.341   1.00 14.88 ? 31 G   C OP2   1 
ATOM   636  O "O5'" . G   C 1 7  ? 0.482   -2.540  2.474   1.00 22.25 ? 31 G   C "O5'" 1 
ATOM   637  C "C5'" . G   C 1 7  ? 0.645   -1.121  2.548   1.00 20.76 ? 31 G   C "C5'" 1 
ATOM   638  C "C4'" . G   C 1 7  ? -0.662  -0.479  2.075   1.00 23.11 ? 31 G   C "C4'" 1 
ATOM   639  O "O4'" . G   C 1 7  ? -1.045  -0.906  0.728   1.00 21.02 ? 31 G   C "O4'" 1 
ATOM   640  C "C3'" . G   C 1 7  ? -1.909  -0.898  2.877   1.00 24.27 ? 31 G   C "C3'" 1 
ATOM   641  O "O3'" . G   C 1 7  ? -1.996  -0.376  4.223   1.00 24.73 ? 31 G   C "O3'" 1 
ATOM   642  C "C2'" . G   C 1 7  ? -3.025  -0.434  1.923   1.00 22.36 ? 31 G   C "C2'" 1 
ATOM   643  O "O2'" . G   C 1 7  ? -3.044  1.036   1.837   1.00 25.20 ? 31 G   C "O2'" 1 
ATOM   644  C "C1'" . G   C 1 7  ? -2.469  -1.040  0.640   1.00 14.05 ? 31 G   C "C1'" 1 
ATOM   645  N N9    . G   C 1 7  ? -2.742  -2.439  0.322   1.00 6.74  ? 31 G   C N9    1 
ATOM   646  C C8    . G   C 1 7  ? -1.919  -3.517  0.370   1.00 4.22  ? 31 G   C C8    1 
ATOM   647  N N7    . G   C 1 7  ? -2.462  -4.626  -0.051  1.00 2.97  ? 31 G   C N7    1 
ATOM   648  C C5    . G   C 1 7  ? -3.734  -4.266  -0.409  1.00 3.18  ? 31 G   C C5    1 
ATOM   649  C C6    . G   C 1 7  ? -4.786  -5.059  -0.938  1.00 9.42  ? 31 G   C C6    1 
ATOM   650  O O6    . G   C 1 7  ? -4.766  -6.277  -1.175  1.00 12.43 ? 31 G   C O6    1 
ATOM   651  N N1    . G   C 1 7  ? -5.938  -4.283  -1.181  1.00 6.87  ? 31 G   C N1    1 
ATOM   652  C C2    . G   C 1 7  ? -6.034  -2.926  -0.929  1.00 6.42  ? 31 G   C C2    1 
ATOM   653  N N2    . G   C 1 7  ? -7.167  -2.286  -1.197  1.00 6.46  ? 31 G   C N2    1 
ATOM   654  N N3    . G   C 1 7  ? -5.039  -2.201  -0.436  1.00 7.66  ? 31 G   C N3    1 
ATOM   655  C C4    . G   C 1 7  ? -3.920  -2.930  -0.201  1.00 8.11  ? 31 G   C C4    1 
ATOM   656  P P     . G   C 1 8  ? -2.795  -1.233  5.348   1.00 24.61 ? 32 G   C P     1 
ATOM   657  O OP1   . G   C 1 8  ? -2.540  -0.557  6.639   1.00 27.28 ? 32 G   C OP1   1 
ATOM   658  O OP2   . G   C 1 8  ? -2.555  -2.691  5.207   1.00 22.09 ? 32 G   C OP2   1 
ATOM   659  O "O5'" . G   C 1 8  ? -4.355  -1.104  5.011   1.00 26.73 ? 32 G   C "O5'" 1 
ATOM   660  C "C5'" . G   C 1 8  ? -5.071  0.153   4.925   1.00 21.89 ? 32 G   C "C5'" 1 
ATOM   661  C "C4'" . G   C 1 8  ? -6.447  -0.099  4.354   1.00 15.10 ? 32 G   C "C4'" 1 
ATOM   662  O "O4'" . G   C 1 8  ? -6.313  -0.766  3.109   1.00 15.20 ? 32 G   C "O4'" 1 
ATOM   663  C "C3'" . G   C 1 8  ? -7.221  -1.130  5.142   1.00 17.91 ? 32 G   C "C3'" 1 
ATOM   664  O "O3'" . G   C 1 8  ? -7.780  -0.655  6.401   1.00 20.65 ? 32 G   C "O3'" 1 
ATOM   665  C "C2'" . G   C 1 8  ? -8.279  -1.520  4.134   1.00 17.15 ? 32 G   C "C2'" 1 
ATOM   666  O "O2'" . G   C 1 8  ? -9.207  -0.430  3.932   1.00 23.34 ? 32 G   C "O2'" 1 
ATOM   667  C "C1'" . G   C 1 8  ? -7.434  -1.642  2.907   1.00 11.49 ? 32 G   C "C1'" 1 
ATOM   668  N N9    . G   C 1 8  ? -7.008  -2.999  2.576   1.00 8.00  ? 32 G   C N9    1 
ATOM   669  C C8    . G   C 1 8  ? -5.736  -3.495  2.642   1.00 7.38  ? 32 G   C C8    1 
ATOM   670  N N7    . G   C 1 8  ? -5.668  -4.743  2.270   1.00 8.44  ? 32 G   C N7    1 
ATOM   671  C C5    . G   C 1 8  ? -6.967  -5.103  1.932   1.00 4.35  ? 32 G   C C5    1 
ATOM   672  C C6    . G   C 1 8  ? -7.472  -6.340  1.435   1.00 9.02  ? 32 G   C C6    1 
ATOM   673  O O6    . G   C 1 8  ? -6.855  -7.387  1.202   1.00 12.20 ? 32 G   C O6    1 
ATOM   674  N N1    . G   C 1 8  ? -8.833  -6.308  1.204   1.00 8.03  ? 32 G   C N1    1 
ATOM   675  C C2    . G   C 1 8  ? -9.615  -5.194  1.413   1.00 9.84  ? 32 G   C C2    1 
ATOM   676  N N2    . G   C 1 8  ? -10.905 -5.320  1.149   1.00 9.10  ? 32 G   C N2    1 
ATOM   677  N N3    . G   C 1 8  ? -9.137  -4.021  1.869   1.00 7.82  ? 32 G   C N3    1 
ATOM   678  C C4    . G   C 1 8  ? -7.803  -4.046  2.111   1.00 6.34  ? 32 G   C C4    1 
ATOM   679  P P     . U   C 1 9  ? -8.213  -1.644  7.629   1.00 17.11 ? 33 U   C P     1 
ATOM   680  O OP1   . U   C 1 9  ? -8.626  -0.748  8.733   1.00 23.06 ? 33 U   C OP1   1 
ATOM   681  O OP2   . U   C 1 9  ? -7.106  -2.595  7.847   1.00 19.26 ? 33 U   C OP2   1 
ATOM   682  O "O5'" . U   C 1 9  ? -9.426  -2.582  7.210   1.00 15.41 ? 33 U   C "O5'" 1 
ATOM   683  C "C5'" . U   C 1 9  ? -10.792 -2.173  7.189   1.00 15.31 ? 33 U   C "C5'" 1 
ATOM   684  C "C4'" . U   C 1 9  ? -11.567 -3.271  6.486   1.00 14.49 ? 33 U   C "C4'" 1 
ATOM   685  O "O4'" . U   C 1 9  ? -10.744 -3.589  5.345   1.00 12.61 ? 33 U   C "O4'" 1 
ATOM   686  C "C3'" . U   C 1 9  ? -11.545 -4.587  7.213   1.00 16.74 ? 33 U   C "C3'" 1 
ATOM   687  O "O3'" . U   C 1 9  ? -12.427 -4.884  8.330   1.00 20.45 ? 33 U   C "O3'" 1 
ATOM   688  C "C2'" . U   C 1 9  ? -11.755 -5.551  6.079   1.00 16.23 ? 33 U   C "C2'" 1 
ATOM   689  O "O2'" . U   C 1 9  ? -13.082 -5.790  5.630   1.00 22.66 ? 33 U   C "O2'" 1 
ATOM   690  C "C1'" . U   C 1 9  ? -10.950 -4.961  4.952   1.00 13.54 ? 33 U   C "C1'" 1 
ATOM   691  N N1    . U   C 1 9  ? -9.751  -5.818  4.825   1.00 9.01  ? 33 U   C N1    1 
ATOM   692  C C2    . U   C 1 9  ? -9.963  -7.091  4.347   1.00 11.14 ? 33 U   C C2    1 
ATOM   693  O O2    . U   C 1 9  ? -11.063 -7.530  4.010   1.00 14.27 ? 33 U   C O2    1 
ATOM   694  N N3    . U   C 1 9  ? -8.860  -7.898  4.245   1.00 12.96 ? 33 U   C N3    1 
ATOM   695  C C4    . U   C 1 9  ? -7.581  -7.553  4.593   1.00 13.13 ? 33 U   C C4    1 
ATOM   696  O O4    . U   C 1 9  ? -6.703  -8.396  4.437   1.00 15.28 ? 33 U   C O4    1 
ATOM   697  C C5    . U   C 1 9  ? -7.433  -6.203  5.093   1.00 8.16  ? 33 U   C C5    1 
ATOM   698  C C6    . U   C 1 9  ? -8.503  -5.395  5.189   1.00 8.10  ? 33 U   C C6    1 
ATOM   699  P P     . G   C 1 10 ? -11.894 -5.295  9.827   1.00 14.23 ? 34 G   C P     1 
ATOM   700  O OP1   . G   C 1 10 ? -11.734 -4.013  10.547  1.00 14.73 ? 34 G   C OP1   1 
ATOM   701  O OP2   . G   C 1 10 ? -10.724 -6.201  9.755   1.00 16.67 ? 34 G   C OP2   1 
ATOM   702  O "O5'" . G   C 1 10 ? -13.072 -6.119  10.481  1.00 12.29 ? 34 G   C "O5'" 1 
ATOM   703  C "C5'" . G   C 1 10 ? -14.132 -6.782  9.808   1.00 14.98 ? 34 G   C "C5'" 1 
ATOM   704  C "C4'" . G   C 1 10 ? -13.854 -8.060  9.001   1.00 15.11 ? 34 G   C "C4'" 1 
ATOM   705  O "O4'" . G   C 1 10 ? -12.847 -7.861  8.011   1.00 13.00 ? 34 G   C "O4'" 1 
ATOM   706  C "C3'" . G   C 1 10 ? -13.399 -9.339  9.656   1.00 17.87 ? 34 G   C "C3'" 1 
ATOM   707  O "O3'" . G   C 1 10 ? -14.256 -10.014 10.617  1.00 25.04 ? 34 G   C "O3'" 1 
ATOM   708  C "C2'" . G   C 1 10 ? -13.194 -10.183 8.397   1.00 15.03 ? 34 G   C "C2'" 1 
ATOM   709  O "O2'" . G   C 1 10 ? -14.387 -10.775 7.905   1.00 15.11 ? 34 G   C "O2'" 1 
ATOM   710  C "C1'" . G   C 1 10 ? -12.660 -9.172  7.390   1.00 11.18 ? 34 G   C "C1'" 1 
ATOM   711  N N9    . G   C 1 10 ? -11.222 -9.417  7.163   1.00 7.61  ? 34 G   C N9    1 
ATOM   712  C C8    . G   C 1 10 ? -10.196 -8.560  7.473   1.00 7.91  ? 34 G   C C8    1 
ATOM   713  N N7    . G   C 1 10 ? -9.014  -9.005  7.172   1.00 10.05 ? 34 G   C N7    1 
ATOM   714  C C5    . G   C 1 10 ? -9.271  -10.254 6.631   1.00 7.22  ? 34 G   C C5    1 
ATOM   715  C C6    . G   C 1 10 ? -8.358  -11.184 6.156   1.00 9.83  ? 34 G   C C6    1 
ATOM   716  O O6    . G   C 1 10 ? -7.143  -11.066 6.120   1.00 13.90 ? 34 G   C O6    1 
ATOM   717  N N1    . G   C 1 10 ? -8.972  -12.326 5.700   1.00 13.13 ? 34 G   C N1    1 
ATOM   718  C C2    . G   C 1 10 ? -10.337 -12.544 5.704   1.00 13.04 ? 34 G   C C2    1 
ATOM   719  N N2    . G   C 1 10 ? -10.777 -13.722 5.215   1.00 13.46 ? 34 G   C N2    1 
ATOM   720  N N3    . G   C 1 10 ? -11.212 -11.633 6.158   1.00 7.60  ? 34 G   C N3    1 
ATOM   721  C C4    . G   C 1 10 ? -10.611 -10.522 6.607   1.00 4.96  ? 34 G   C C4    1 
ATOM   722  P P     . A   C 1 11 ? -13.715 -10.510 12.098  1.00 26.30 ? 35 A   C P     1 
ATOM   723  O OP1   . A   C 1 11 ? -14.917 -10.905 12.845  1.00 27.59 ? 35 A   C OP1   1 
ATOM   724  O OP2   . A   C 1 11 ? -12.851 -9.448  12.687  1.00 21.15 ? 35 A   C OP2   1 
ATOM   725  O "O5'" . A   C 1 11 ? -12.847 -11.860 11.854  1.00 20.47 ? 35 A   C "O5'" 1 
ATOM   726  C "C5'" . A   C 1 11 ? -13.595 -13.062 11.574  1.00 22.03 ? 35 A   C "C5'" 1 
ATOM   727  C "C4'" . A   C 1 11 ? -12.849 -14.141 10.732  1.00 22.47 ? 35 A   C "C4'" 1 
ATOM   728  O "O4'" . A   C 1 11 ? -11.982 -13.475 9.796   1.00 22.85 ? 35 A   C "O4'" 1 
ATOM   729  C "C3'" . A   C 1 11 ? -11.844 -15.118 11.331  1.00 19.91 ? 35 A   C "C3'" 1 
ATOM   730  O "O3'" . A   C 1 11 ? -12.329 -16.177 12.163  1.00 19.50 ? 35 A   C "O3'" 1 
ATOM   731  C "C2'" . A   C 1 11 ? -11.151 -15.681 10.093  1.00 18.08 ? 35 A   C "C2'" 1 
ATOM   732  O "O2'" . A   C 1 11 ? -11.871 -16.723 9.401   1.00 20.88 ? 35 A   C "O2'" 1 
ATOM   733  C "C1'" . A   C 1 11 ? -11.091 -14.453 9.243   1.00 14.08 ? 35 A   C "C1'" 1 
ATOM   734  N N9    . A   C 1 11 ? -9.814  -13.815 9.117   1.00 8.64  ? 35 A   C N9    1 
ATOM   735  C C8    . A   C 1 11 ? -9.439  -12.548 9.521   1.00 7.83  ? 35 A   C C8    1 
ATOM   736  N N7    . A   C 1 11 ? -8.200  -12.253 9.211   1.00 10.12 ? 35 A   C N7    1 
ATOM   737  C C5    . A   C 1 11 ? -7.746  -13.416 8.561   1.00 7.72  ? 35 A   C C5    1 
ATOM   738  C C6    . A   C 1 11 ? -6.517  -13.755 8.000   1.00 5.72  ? 35 A   C C6    1 
ATOM   739  N N6    . A   C 1 11 ? -5.478  -12.932 8.000   1.00 9.65  ? 35 A   C N6    1 
ATOM   740  N N1    . A   C 1 11 ? -6.400  -14.956 7.448   1.00 6.64  ? 35 A   C N1    1 
ATOM   741  C C2    . A   C 1 11 ? -7.454  -15.780 7.463   1.00 8.06  ? 35 A   C C2    1 
ATOM   742  N N3    . A   C 1 11 ? -8.669  -15.579 7.968   1.00 7.37  ? 35 A   C N3    1 
ATOM   743  C C4    . A   C 1 11 ? -8.737  -14.355 8.501   1.00 6.11  ? 35 A   C C4    1 
ATOM   744  P P     . U   C 1 12 ? -11.424 -16.646 13.436  1.00 15.44 ? 36 U   C P     1 
ATOM   745  O OP1   . U   C 1 12 ? -12.261 -17.603 14.191  1.00 15.44 ? 36 U   C OP1   1 
ATOM   746  O OP2   . U   C 1 12 ? -10.897 -15.449 14.093  1.00 6.98  ? 36 U   C OP2   1 
ATOM   747  O "O5'" . U   C 1 12 ? -10.146 -17.402 12.754  1.00 10.18 ? 36 U   C "O5'" 1 
ATOM   748  C "C5'" . U   C 1 12 ? -10.407 -18.685 12.145  1.00 15.01 ? 36 U   C "C5'" 1 
ATOM   749  C "C4'" . U   C 1 12 ? -9.371  -19.246 11.135  1.00 12.61 ? 36 U   C "C4'" 1 
ATOM   750  O "O4'" . U   C 1 12 ? -8.732  -18.114 10.577  1.00 9.27  ? 36 U   C "O4'" 1 
ATOM   751  C "C3'" . U   C 1 12 ? -8.266  -20.194 11.593  1.00 13.70 ? 36 U   C "C3'" 1 
ATOM   752  O "O3'" . U   C 1 12 ? -8.158  -21.279 10.655  1.00 13.14 ? 36 U   C "O3'" 1 
ATOM   753  C "C2'" . U   C 1 12 ? -6.988  -19.361 11.405  1.00 11.68 ? 36 U   C "C2'" 1 
ATOM   754  O "O2'" . U   C 1 12 ? -5.999  -20.109 10.665  1.00 20.02 ? 36 U   C "O2'" 1 
ATOM   755  C "C1'" . U   C 1 12 ? -7.346  -18.279 10.473  1.00 5.63  ? 36 U   C "C1'" 1 
ATOM   756  N N1    . U   C 1 12 ? -6.668  -17.014 10.762  1.00 2.00  ? 36 U   C N1    1 
ATOM   757  C C2    . U   C 1 12 ? -5.417  -16.847 10.257  1.00 4.57  ? 36 U   C C2    1 
ATOM   758  O O2    . U   C 1 12 ? -4.810  -17.700 9.604   1.00 5.51  ? 36 U   C O2    1 
ATOM   759  N N3    . U   C 1 12 ? -4.832  -15.647 10.515  1.00 2.71  ? 36 U   C N3    1 
ATOM   760  C C4    . U   C 1 12 ? -5.358  -14.606 11.240  1.00 11.58 ? 36 U   C C4    1 
ATOM   761  O O4    . U   C 1 12 ? -4.683  -13.569 11.419  1.00 16.68 ? 36 U   C O4    1 
ATOM   762  C C5    . U   C 1 12 ? -6.687  -14.869 11.738  1.00 5.41  ? 36 U   C C5    1 
ATOM   763  C C6    . U   C 1 12 ? -7.276  -16.046 11.487  1.00 2.05  ? 36 U   C C6    1 
ATOM   764  O "O5'" . A   D 2 1  ? 4.701   -13.653 6.241   1.00 18.97 ? 37 A   D "O5'" 1 
ATOM   765  C "C5'" . A   D 2 1  ? 3.732   -14.291 5.427   1.00 16.57 ? 37 A   D "C5'" 1 
ATOM   766  C "C4'" . A   D 2 1  ? 3.540   -15.747 5.801   1.00 14.17 ? 37 A   D "C4'" 1 
ATOM   767  O "O4'" . A   D 2 1  ? 3.254   -15.959 7.178   1.00 14.37 ? 37 A   D "O4'" 1 
ATOM   768  C "C3'" . A   D 2 1  ? 2.279   -16.171 5.168   1.00 18.41 ? 37 A   D "C3'" 1 
ATOM   769  O "O3'" . A   D 2 1  ? 2.604   -16.538 3.827   1.00 25.78 ? 37 A   D "O3'" 1 
ATOM   770  C "C2'" . A   D 2 1  ? 1.816   -17.289 6.093   1.00 14.48 ? 37 A   D "C2'" 1 
ATOM   771  O "O2'" . A   D 2 1  ? 2.724   -18.384 5.987   1.00 10.36 ? 37 A   D "O2'" 1 
ATOM   772  C "C1'" . A   D 2 1  ? 2.015   -16.643 7.415   1.00 8.37  ? 37 A   D "C1'" 1 
ATOM   773  N N9    . A   D 2 1  ? 1.035   -15.633 7.929   1.00 5.67  ? 37 A   D N9    1 
ATOM   774  C C8    . A   D 2 1  ? 1.150   -14.240 8.007   1.00 4.28  ? 37 A   D C8    1 
ATOM   775  N N7    . A   D 2 1  ? 0.137   -13.636 8.576   1.00 2.00  ? 37 A   D N7    1 
ATOM   776  C C5    . A   D 2 1  ? -0.699  -14.699 8.892   1.00 2.00  ? 37 A   D C5    1 
ATOM   777  C C6    . A   D 2 1  ? -1.965  -14.730 9.496   1.00 7.35  ? 37 A   D C6    1 
ATOM   778  N N6    . A   D 2 1  ? -2.609  -13.616 9.891   1.00 6.72  ? 37 A   D N6    1 
ATOM   779  N N1    . A   D 2 1  ? -2.534  -15.936 9.692   1.00 5.09  ? 37 A   D N1    1 
ATOM   780  C C2    . A   D 2 1  ? -1.881  -17.030 9.295   1.00 5.05  ? 37 A   D C2    1 
ATOM   781  N N3    . A   D 2 1  ? -0.695  -17.119 8.694   1.00 4.39  ? 37 A   D N3    1 
ATOM   782  C C4    . A   D 2 1  ? -0.158  -15.897 8.520   1.00 2.00  ? 37 A   D C4    1 
ATOM   783  P P     . U   D 2 2  ? 1.539   -16.686 2.644   1.00 26.31 ? 38 U   D P     1 
ATOM   784  O OP1   . U   D 2 2  ? 2.242   -17.386 1.541   1.00 26.20 ? 38 U   D OP1   1 
ATOM   785  O OP2   . U   D 2 2  ? 0.914   -15.361 2.444   1.00 26.31 ? 38 U   D OP2   1 
ATOM   786  O "O5'" . U   D 2 2  ? 0.410   -17.685 3.200   1.00 26.08 ? 38 U   D "O5'" 1 
ATOM   787  C "C5'" . U   D 2 2  ? 0.332   -19.094 2.901   1.00 24.57 ? 38 U   D "C5'" 1 
ATOM   788  C "C4'" . U   D 2 2  ? -1.012  -19.660 3.426   1.00 22.20 ? 38 U   D "C4'" 1 
ATOM   789  O "O4'" . U   D 2 2  ? -1.253  -19.126 4.746   1.00 21.20 ? 38 U   D "O4'" 1 
ATOM   790  C "C3'" . U   D 2 2  ? -2.206  -19.111 2.698   1.00 19.72 ? 38 U   D "C3'" 1 
ATOM   791  O "O3'" . U   D 2 2  ? -2.425  -19.751 1.462   1.00 21.51 ? 38 U   D "O3'" 1 
ATOM   792  C "C2'" . U   D 2 2  ? -3.337  -19.331 3.633   1.00 17.27 ? 38 U   D "C2'" 1 
ATOM   793  O "O2'" . U   D 2 2  ? -3.708  -20.710 3.545   1.00 15.11 ? 38 U   D "O2'" 1 
ATOM   794  C "C1'" . U   D 2 2  ? -2.652  -18.919 4.944   1.00 16.19 ? 38 U   D "C1'" 1 
ATOM   795  N N1    . U   D 2 2  ? -2.826  -17.505 5.351   1.00 12.98 ? 38 U   D N1    1 
ATOM   796  C C2    . U   D 2 2  ? -3.933  -17.192 6.119   1.00 15.53 ? 38 U   D C2    1 
ATOM   797  O O2    . U   D 2 2  ? -4.792  -18.018 6.473   1.00 18.94 ? 38 U   D O2    1 
ATOM   798  N N3    . U   D 2 2  ? -4.039  -15.857 6.478   1.00 9.68  ? 38 U   D N3    1 
ATOM   799  C C4    . U   D 2 2  ? -3.168  -14.850 6.151   1.00 11.56 ? 38 U   D C4    1 
ATOM   800  O O4    . U   D 2 2  ? -3.383  -13.700 6.527   1.00 18.19 ? 38 U   D O4    1 
ATOM   801  C C5    . U   D 2 2  ? -2.055  -15.257 5.360   1.00 8.50  ? 38 U   D C5    1 
ATOM   802  C C6    . U   D 2 2  ? -1.928  -16.543 4.998   1.00 11.87 ? 38 U   D C6    1 
ATOM   803  P P     . C   D 2 3  ? -2.771  -18.860 0.155   1.00 16.63 ? 39 C   D P     1 
ATOM   804  O OP1   . C   D 2 3  ? -2.547  -19.793 -0.978  1.00 25.34 ? 39 C   D OP1   1 
ATOM   805  O OP2   . C   D 2 3  ? -2.011  -17.586 0.227   1.00 15.26 ? 39 C   D OP2   1 
ATOM   806  O "O5'" . C   D 2 3  ? -4.321  -18.476 0.207   1.00 14.36 ? 39 C   D "O5'" 1 
ATOM   807  C "C5'" . C   D 2 3  ? -5.334  -19.432 0.515   1.00 13.51 ? 39 C   D "C5'" 1 
ATOM   808  C "C4'" . C   D 2 3  ? -6.510  -18.752 1.260   1.00 16.99 ? 39 C   D "C4'" 1 
ATOM   809  O "O4'" . C   D 2 3  ? -6.269  -18.270 2.610   1.00 15.34 ? 39 C   D "O4'" 1 
ATOM   810  C "C3'" . C   D 2 3  ? -7.083  -17.495 0.564   1.00 16.67 ? 39 C   D "C3'" 1 
ATOM   811  O "O3'" . C   D 2 3  ? -7.626  -17.822 -0.731  1.00 21.60 ? 39 C   D "O3'" 1 
ATOM   812  C "C2'" . C   D 2 3  ? -8.184  -17.260 1.620   1.00 16.37 ? 39 C   D "C2'" 1 
ATOM   813  O "O2'" . C   D 2 3  ? -9.189  -18.332 1.569   1.00 16.68 ? 39 C   D "O2'" 1 
ATOM   814  C "C1'" . C   D 2 3  ? -7.330  -17.331 2.913   1.00 10.96 ? 39 C   D "C1'" 1 
ATOM   815  N N1    . C   D 2 3  ? -6.843  -15.992 3.300   1.00 2.00  ? 39 C   D N1    1 
ATOM   816  C C2    . C   D 2 3  ? -7.708  -15.129 3.950   1.00 3.71  ? 39 C   D C2    1 
ATOM   817  O O2    . C   D 2 3  ? -8.855  -15.477 4.220   1.00 7.99  ? 39 C   D O2    1 
ATOM   818  N N3    . C   D 2 3  ? -7.292  -13.887 4.321   1.00 2.00  ? 39 C   D N3    1 
ATOM   819  C C4    . C   D 2 3  ? -6.045  -13.506 4.033   1.00 3.41  ? 39 C   D C4    1 
ATOM   820  N N4    . C   D 2 3  ? -5.605  -12.285 4.375   1.00 3.72  ? 39 C   D N4    1 
ATOM   821  C C5    . C   D 2 3  ? -5.145  -14.390 3.355   1.00 2.00  ? 39 C   D C5    1 
ATOM   822  C C6    . C   D 2 3  ? -5.593  -15.614 3.023   1.00 2.00  ? 39 C   D C6    1 
ATOM   823  P P     . A   D 2 4  ? -7.697  -17.013 -2.114  1.00 15.86 ? 40 A   D P     1 
ATOM   824  O OP1   . A   D 2 4  ? -8.123  -18.016 -3.093  1.00 11.92 ? 40 A   D OP1   1 
ATOM   825  O OP2   . A   D 2 4  ? -6.425  -16.280 -2.334  1.00 20.15 ? 40 A   D OP2   1 
ATOM   826  O "O5'" . A   D 2 4  ? -8.922  -15.988 -1.848  1.00 18.39 ? 40 A   D "O5'" 1 
ATOM   827  C "C5'" . A   D 2 4  ? -10.215 -16.631 -1.828  1.00 20.28 ? 40 A   D "C5'" 1 
ATOM   828  C "C4'" . A   D 2 4  ? -11.344 -15.947 -1.046  1.00 19.71 ? 40 A   D "C4'" 1 
ATOM   829  O "O4'" . A   D 2 4  ? -10.969 -15.686 0.310   1.00 20.07 ? 40 A   D "O4'" 1 
ATOM   830  C "C3'" . A   D 2 4  ? -11.690 -14.612 -1.629  1.00 21.01 ? 40 A   D "C3'" 1 
ATOM   831  O "O3'" . A   D 2 4  ? -12.487 -14.756 -2.828  1.00 25.99 ? 40 A   D "O3'" 1 
ATOM   832  C "C2'" . A   D 2 4  ? -12.336 -13.872 -0.458  1.00 18.61 ? 40 A   D "C2'" 1 
ATOM   833  O "O2'" . A   D 2 4  ? -13.727 -14.249 -0.272  1.00 17.69 ? 40 A   D "O2'" 1 
ATOM   834  C "C1'" . A   D 2 4  ? -11.409 -14.377 0.682   1.00 15.38 ? 40 A   D "C1'" 1 
ATOM   835  N N9    . A   D 2 4  ? -10.210 -13.570 0.919   1.00 6.91  ? 40 A   D N9    1 
ATOM   836  C C8    . A   D 2 4  ? -8.925  -13.754 0.480   1.00 6.76  ? 40 A   D C8    1 
ATOM   837  N N7    . A   D 2 4  ? -8.078  -12.832 0.884   1.00 6.99  ? 40 A   D N7    1 
ATOM   838  C C5    . A   D 2 4  ? -8.879  -12.001 1.647   1.00 4.78  ? 40 A   D C5    1 
ATOM   839  C C6    . A   D 2 4  ? -8.590  -10.852 2.347   1.00 7.39  ? 40 A   D C6    1 
ATOM   840  N N6    . A   D 2 4  ? -7.372  -10.340 2.385   1.00 10.73 ? 40 A   D N6    1 
ATOM   841  N N1    . A   D 2 4  ? -9.588  -10.268 2.999   1.00 13.27 ? 40 A   D N1    1 
ATOM   842  C C2    . A   D 2 4  ? -10.797 -10.811 2.929   1.00 11.39 ? 40 A   D C2    1 
ATOM   843  N N3    . A   D 2 4  ? -11.197 -11.902 2.309   1.00 5.72  ? 40 A   D N3    1 
ATOM   844  C C4    . A   D 2 4  ? -10.165 -12.450 1.679   1.00 3.90  ? 40 A   D C4    1 
ATOM   845  P P     . C   D 2 5  ? -12.118 -13.922 -4.158  1.00 22.34 ? 41 C   D P     1 
ATOM   846  O OP1   . C   D 2 5  ? -12.861 -14.550 -5.269  1.00 28.69 ? 41 C   D OP1   1 
ATOM   847  O OP2   . C   D 2 5  ? -10.648 -13.818 -4.247  1.00 25.48 ? 41 C   D OP2   1 
ATOM   848  O "O5'" . C   D 2 5  ? -12.661 -12.448 -3.890  1.00 23.57 ? 41 C   D "O5'" 1 
ATOM   849  C "C5'" . C   D 2 5  ? -14.041 -12.265 -3.511  1.00 23.26 ? 41 C   D "C5'" 1 
ATOM   850  C "C4'" . C   D 2 5  ? -14.263 -11.000 -2.646  1.00 23.01 ? 41 C   D "C4'" 1 
ATOM   851  O "O4'" . C   D 2 5  ? -13.552 -11.010 -1.391  1.00 20.16 ? 41 C   D "O4'" 1 
ATOM   852  C "C3'" . C   D 2 5  ? -13.740 -9.742  -3.303  1.00 23.57 ? 41 C   D "C3'" 1 
ATOM   853  O "O3'" . C   D 2 5  ? -14.512 -9.289  -4.443  1.00 27.53 ? 41 C   D "O3'" 1 
ATOM   854  C "C2'" . C   D 2 5  ? -13.717 -8.779  -2.122  1.00 19.89 ? 41 C   D "C2'" 1 
ATOM   855  O "O2'" . C   D 2 5  ? -15.039 -8.326  -1.821  1.00 17.41 ? 41 C   D "O2'" 1 
ATOM   856  C "C1'" . C   D 2 5  ? -13.145 -9.683  -1.007  1.00 15.33 ? 41 C   D "C1'" 1 
ATOM   857  N N1    . C   D 2 5  ? -11.658 -9.563  -0.878  1.00 12.30 ? 41 C   D N1    1 
ATOM   858  C C2    . C   D 2 5  ? -11.131 -8.481  -0.173  1.00 15.02 ? 41 C   D C2    1 
ATOM   859  O O2    . C   D 2 5  ? -11.822 -7.616  0.357   1.00 16.04 ? 41 C   D O2    1 
ATOM   860  N N3    . C   D 2 5  ? -9.780  -8.360  -0.063  1.00 15.29 ? 41 C   D N3    1 
ATOM   861  C C4    . C   D 2 5  ? -8.973  -9.258  -0.628  1.00 14.84 ? 41 C   D C4    1 
ATOM   862  N N4    . C   D 2 5  ? -7.660  -9.073  -0.485  1.00 15.22 ? 41 C   D N4    1 
ATOM   863  C C5    . C   D 2 5  ? -9.487  -10.378 -1.364  1.00 11.56 ? 41 C   D C5    1 
ATOM   864  C C6    . C   D 2 5  ? -10.827 -10.489 -1.453  1.00 11.21 ? 41 C   D C6    1 
ATOM   865  P P     . C   D 2 6  ? -13.929 -8.357  -5.653  1.00 27.38 ? 42 C   D P     1 
ATOM   866  O OP1   . C   D 2 6  ? -15.129 -8.195  -6.502  1.00 31.68 ? 42 C   D OP1   1 
ATOM   867  O OP2   . C   D 2 6  ? -12.710 -8.994  -6.220  1.00 23.31 ? 42 C   D OP2   1 
ATOM   868  O "O5'" . C   D 2 6  ? -13.459 -6.899  -5.067  1.00 23.94 ? 42 C   D "O5'" 1 
ATOM   869  C "C5'" . C   D 2 6  ? -14.372 -5.815  -4.848  1.00 21.96 ? 42 C   D "C5'" 1 
ATOM   870  C "C4'" . C   D 2 6  ? -13.758 -4.601  -4.140  1.00 19.22 ? 42 C   D "C4'" 1 
ATOM   871  O "O4'" . C   D 2 6  ? -13.133 -5.004  -2.921  1.00 20.88 ? 42 C   D "O4'" 1 
ATOM   872  C "C3'" . C   D 2 6  ? -12.650 -3.941  -4.905  1.00 20.55 ? 42 C   D "C3'" 1 
ATOM   873  O "O3'" . C   D 2 6  ? -13.054 -3.037  -5.929  1.00 24.28 ? 42 C   D "O3'" 1 
ATOM   874  C "C2'" . C   D 2 6  ? -11.917 -3.166  -3.857  1.00 20.13 ? 42 C   D "C2'" 1 
ATOM   875  O "O2'" . C   D 2 6  ? -12.576 -1.955  -3.508  1.00 21.60 ? 42 C   D "O2'" 1 
ATOM   876  C "C1'" . C   D 2 6  ? -11.957 -4.167  -2.712  1.00 17.95 ? 42 C   D "C1'" 1 
ATOM   877  N N1    . C   D 2 6  ? -10.679 -4.935  -2.696  1.00 12.08 ? 42 C   D N1    1 
ATOM   878  C C2    . C   D 2 6  ? -9.529  -4.313  -2.244  1.00 11.35 ? 42 C   D C2    1 
ATOM   879  O O2    . C   D 2 6  ? -9.518  -3.154  -1.850  1.00 16.44 ? 42 C   D O2    1 
ATOM   880  N N3    . C   D 2 6  ? -8.360  -4.972  -2.234  1.00 9.26  ? 42 C   D N3    1 
ATOM   881  C C4    . C   D 2 6  ? -8.335  -6.229  -2.628  1.00 14.07 ? 42 C   D C4    1 
ATOM   882  N N4    . C   D 2 6  ? -7.162  -6.872  -2.582  1.00 18.48 ? 42 C   D N4    1 
ATOM   883  C C5    . C   D 2 6  ? -9.512  -6.898  -3.101  1.00 12.30 ? 42 C   D C5    1 
ATOM   884  C C6    . C   D 2 6  ? -10.660 -6.211  -3.110  1.00 8.05  ? 42 C   D C6    1 
ATOM   885  P P     . U   D 2 7  ? -12.214 -2.860  -7.311  1.00 25.08 ? 43 U   D P     1 
ATOM   886  O OP1   . U   D 2 7  ? -13.132 -2.183  -8.255  1.00 27.49 ? 43 U   D OP1   1 
ATOM   887  O OP2   . U   D 2 7  ? -11.649 -4.187  -7.687  1.00 19.37 ? 43 U   D OP2   1 
ATOM   888  O "O5'" . U   D 2 7  ? -10.978 -1.881  -7.009  1.00 16.65 ? 43 U   D "O5'" 1 
ATOM   889  C "C5'" . U   D 2 7  ? -11.136 -0.493  -6.791  1.00 17.22 ? 43 U   D "C5'" 1 
ATOM   890  C "C4'" . U   D 2 7  ? -9.884  0.081   -6.142  1.00 19.64 ? 43 U   D "C4'" 1 
ATOM   891  O "O4'" . U   D 2 7  ? -9.405  -0.791  -5.074  1.00 22.19 ? 43 U   D "O4'" 1 
ATOM   892  C "C3'" . U   D 2 7  ? -8.699  0.024   -7.047  1.00 21.76 ? 43 U   D "C3'" 1 
ATOM   893  O "O3'" . U   D 2 7  ? -8.748  0.906   -8.175  1.00 27.06 ? 43 U   D "O3'" 1 
ATOM   894  C "C2'" . U   D 2 7  ? -7.570  0.291   -6.065  1.00 19.91 ? 43 U   D "C2'" 1 
ATOM   895  O "O2'" . U   D 2 7  ? -7.639  1.647   -5.559  1.00 19.10 ? 43 U   D "O2'" 1 
ATOM   896  C "C1'" . U   D 2 7  ? -7.951  -0.727  -4.984  1.00 17.17 ? 43 U   D "C1'" 1 
ATOM   897  N N1    . U   D 2 7  ? -7.303  -2.092  -4.983  1.00 8.80  ? 43 U   D N1    1 
ATOM   898  C C2    . U   D 2 7  ? -5.979  -2.248  -4.556  1.00 10.57 ? 43 U   D C2    1 
ATOM   899  O O2    . U   D 2 7  ? -5.207  -1.350  -4.197  1.00 12.95 ? 43 U   D O2    1 
ATOM   900  N N3    . U   D 2 7  ? -5.499  -3.532  -4.554  1.00 10.69 ? 43 U   D N3    1 
ATOM   901  C C4    . U   D 2 7  ? -6.186  -4.687  -4.935  1.00 14.20 ? 43 U   D C4    1 
ATOM   902  O O4    . U   D 2 7  ? -5.635  -5.798  -4.898  1.00 11.83 ? 43 U   D O4    1 
ATOM   903  C C5    . U   D 2 7  ? -7.551  -4.431  -5.357  1.00 10.83 ? 43 U   D C5    1 
ATOM   904  C C6    . U   D 2 7  ? -8.047  -3.176  -5.354  1.00 9.60  ? 43 U   D C6    1 
ATOM   905  P P     . C   D 2 8  ? -7.985  0.522   -9.546  1.00 26.20 ? 44 C   D P     1 
ATOM   906  O OP1   . C   D 2 8  ? -8.156  1.693   -10.447 1.00 30.65 ? 44 C   D OP1   1 
ATOM   907  O OP2   . C   D 2 8  ? -8.361  -0.842  -9.998  1.00 23.40 ? 44 C   D OP2   1 
ATOM   908  O "O5'" . C   D 2 8  ? -6.457  0.523   -9.087  1.00 25.23 ? 44 C   D "O5'" 1 
ATOM   909  C "C5'" . C   D 2 8  ? -6.017  1.871   -8.862  1.00 23.93 ? 44 C   D "C5'" 1 
ATOM   910  C "C4'" . C   D 2 8  ? -4.591  1.931   -8.499  1.00 20.62 ? 44 C   D "C4'" 1 
ATOM   911  O "O4'" . C   D 2 8  ? -4.404  1.196   -7.294  1.00 19.74 ? 44 C   D "O4'" 1 
ATOM   912  C "C3'" . C   D 2 8  ? -3.742  1.216   -9.524  1.00 18.95 ? 44 C   D "C3'" 1 
ATOM   913  O "O3'" . C   D 2 8  ? -3.577  1.894   -10.786 1.00 19.63 ? 44 C   D "O3'" 1 
ATOM   914  C "C2'" . C   D 2 8  ? -2.515  1.140   -8.678  1.00 19.17 ? 44 C   D "C2'" 1 
ATOM   915  O "O2'" . C   D 2 8  ? -1.982  2.487   -8.509  1.00 22.51 ? 44 C   D "O2'" 1 
ATOM   916  C "C1'" . C   D 2 8  ? -3.134  0.549   -7.402  1.00 17.52 ? 44 C   D "C1'" 1 
ATOM   917  N N1    . C   D 2 8  ? -3.258  -0.940  -7.454  1.00 10.93 ? 44 C   D N1    1 
ATOM   918  C C2    . C   D 2 8  ? -2.142  -1.682  -7.082  1.00 8.86  ? 44 C   D C2    1 
ATOM   919  O O2    . C   D 2 8  ? -1.082  -1.161  -6.698  1.00 8.18  ? 44 C   D O2    1 
ATOM   920  N N3    . C   D 2 8  ? -2.233  -3.033  -7.141  1.00 7.79  ? 44 C   D N3    1 
ATOM   921  C C4    . C   D 2 8  ? -3.376  -3.630  -7.501  1.00 11.12 ? 44 C   D C4    1 
ATOM   922  N N4    . C   D 2 8  ? -3.415  -4.971  -7.512  1.00 9.87  ? 44 C   D N4    1 
ATOM   923  C C5    . C   D 2 8  ? -4.537  -2.874  -7.889  1.00 7.81  ? 44 C   D C5    1 
ATOM   924  C C6    . C   D 2 8  ? -4.422  -1.541  -7.842  1.00 7.05  ? 44 C   D C6    1 
ATOM   925  P P     . C   D 2 9  ? -3.315  1.072   -12.169 1.00 19.20 ? 45 C   D P     1 
ATOM   926  O OP1   . C   D 2 9  ? -3.196  2.074   -13.234 1.00 22.63 ? 45 C   D OP1   1 
ATOM   927  O OP2   . C   D 2 9  ? -4.280  -0.042  -12.320 1.00 19.41 ? 45 C   D OP2   1 
ATOM   928  O "O5'" . C   D 2 9  ? -1.847  0.433   -11.997 1.00 23.25 ? 45 C   D "O5'" 1 
ATOM   929  C "C5'" . C   D 2 9  ? -0.802  1.416   -11.804 1.00 21.91 ? 45 C   D "C5'" 1 
ATOM   930  C "C4'" . C   D 2 9  ? 0.446   0.812   -11.229 1.00 20.26 ? 45 C   D "C4'" 1 
ATOM   931  O "O4'" . C   D 2 9  ? 0.150   -0.056  -10.118 1.00 17.55 ? 45 C   D "O4'" 1 
ATOM   932  C "C3'" . C   D 2 9  ? 1.059   -0.113  -12.224 1.00 23.20 ? 45 C   D "C3'" 1 
ATOM   933  O "O3'" . C   D 2 9  ? 1.733   0.606   -13.282 1.00 25.97 ? 45 C   D "O3'" 1 
ATOM   934  C "C2'" . C   D 2 9  ? 1.955   -1.002  -11.356 1.00 21.59 ? 45 C   D "C2'" 1 
ATOM   935  O "O2'" . C   D 2 9  ? 3.151   -0.241  -11.062 1.00 20.22 ? 45 C   D "O2'" 1 
ATOM   936  C "C1'" . C   D 2 9  ? 0.979   -1.225  -10.170 1.00 14.91 ? 45 C   D "C1'" 1 
ATOM   937  N N1    . C   D 2 9  ? 0.042   -2.369  -10.287 1.00 8.87  ? 45 C   D N1    1 
ATOM   938  C C2    . C   D 2 9  ? 0.556   -3.644  -10.080 1.00 7.49  ? 45 C   D C2    1 
ATOM   939  O O2    . C   D 2 9  ? 1.734   -3.835  -9.836  1.00 6.11  ? 45 C   D O2    1 
ATOM   940  N N3    . C   D 2 9  ? -0.265  -4.716  -10.158 1.00 4.05  ? 45 C   D N3    1 
ATOM   941  C C4    . C   D 2 9  ? -1.573  -4.516  -10.418 1.00 4.33  ? 45 C   D C4    1 
ATOM   942  N N4    . C   D 2 9  ? -2.378  -5.579  -10.497 1.00 3.08  ? 45 C   D N4    1 
ATOM   943  C C5    . C   D 2 9  ? -2.135  -3.209  -10.621 1.00 2.00  ? 45 C   D C5    1 
ATOM   944  C C6    . C   D 2 9  ? -1.287  -2.173  -10.554 1.00 2.80  ? 45 C   D C6    1 
ATOM   945  P P     . U   D 2 10 ? 1.615   0.027   -14.786 1.00 23.58 ? 46 U   D P     1 
ATOM   946  O OP1   . U   D 2 10 ? 2.206   1.091   -15.627 1.00 25.45 ? 46 U   D OP1   1 
ATOM   947  O OP2   . U   D 2 10 ? 0.230   -0.479  -14.999 1.00 18.17 ? 46 U   D OP2   1 
ATOM   948  O "O5'" . U   D 2 10 ? 2.563   -1.290  -14.839 1.00 24.94 ? 46 U   D "O5'" 1 
ATOM   949  C "C5'" . U   D 2 10 ? 3.990   -1.432  -14.573 1.00 18.55 ? 46 U   D "C5'" 1 
ATOM   950  C "C4'" . U   D 2 10 ? 4.331   -2.941  -14.398 1.00 13.24 ? 46 U   D "C4'" 1 
ATOM   951  O "O4'" . U   D 2 10 ? 3.364   -3.520  -13.526 1.00 9.46  ? 46 U   D "O4'" 1 
ATOM   952  C "C3'" . U   D 2 10 ? 4.042   -3.790  -15.589 1.00 12.57 ? 46 U   D "C3'" 1 
ATOM   953  O "O3'" . U   D 2 10 ? 5.038   -3.741  -16.619 1.00 17.90 ? 46 U   D "O3'" 1 
ATOM   954  C "C2'" . U   D 2 10 ? 3.992   -5.158  -15.009 1.00 11.41 ? 46 U   D "C2'" 1 
ATOM   955  O "O2'" . U   D 2 10 ? 5.341   -5.603  -14.832 1.00 14.29 ? 46 U   D "O2'" 1 
ATOM   956  C "C1'" . U   D 2 10 ? 3.294   -4.933  -13.680 1.00 6.05  ? 46 U   D "C1'" 1 
ATOM   957  N N1    . U   D 2 10 ? 1.870   -5.371  -13.557 1.00 2.00  ? 46 U   D N1    1 
ATOM   958  C C2    . U   D 2 10 ? 1.558   -6.720  -13.400 1.00 3.57  ? 46 U   D C2    1 
ATOM   959  O O2    . U   D 2 10 ? 2.382   -7.633  -13.349 1.00 4.54  ? 46 U   D O2    1 
ATOM   960  N N3    . U   D 2 10 ? 0.217   -7.036  -13.293 1.00 2.00  ? 46 U   D N3    1 
ATOM   961  C C4    . U   D 2 10 ? -0.833  -6.149  -13.311 1.00 5.04  ? 46 U   D C4    1 
ATOM   962  O O4    . U   D 2 10 ? -1.987  -6.550  -13.178 1.00 5.03  ? 46 U   D O4    1 
ATOM   963  C C5    . U   D 2 10 ? -0.433  -4.780  -13.476 1.00 2.00  ? 46 U   D C5    1 
ATOM   964  C C6    . U   D 2 10 ? 0.872   -4.440  -13.568 1.00 3.16  ? 46 U   D C6    1 
ATOM   965  P P     . U   D 2 11 ? 4.661   -3.890  -18.202 1.00 16.93 ? 47 U   D P     1 
ATOM   966  O OP1   . U   D 2 11 ? 5.788   -3.208  -18.865 1.00 14.64 ? 47 U   D OP1   1 
ATOM   967  O OP2   . U   D 2 11 ? 3.270   -3.412  -18.353 1.00 16.49 ? 47 U   D OP2   1 
ATOM   968  O "O5'" . U   D 2 11 ? 4.597   -5.433  -18.650 1.00 13.46 ? 47 U   D "O5'" 1 
ATOM   969  C "C5'" . U   D 2 11 ? 5.661   -6.369  -18.496 1.00 12.15 ? 47 U   D "C5'" 1 
ATOM   970  C "C4'" . U   D 2 11 ? 5.066   -7.688  -18.088 1.00 11.06 ? 47 U   D "C4'" 1 
ATOM   971  O "O4'" . U   D 2 11 ? 4.092   -7.538  -17.038 1.00 15.03 ? 47 U   D "O4'" 1 
ATOM   972  C "C3'" . U   D 2 11 ? 4.203   -8.228  -19.125 1.00 10.85 ? 47 U   D "C3'" 1 
ATOM   973  O "O3'" . U   D 2 11 ? 4.932   -8.580  -20.333 1.00 19.64 ? 47 U   D "O3'" 1 
ATOM   974  C "C2'" . U   D 2 11 ? 3.441   -9.312  -18.337 1.00 12.03 ? 47 U   D "C2'" 1 
ATOM   975  O "O2'" . U   D 2 11 ? 4.148   -10.499 -17.988 1.00 14.59 ? 47 U   D "O2'" 1 
ATOM   976  C "C1'" . U   D 2 11 ? 3.192   -8.669  -17.008 1.00 9.90  ? 47 U   D "C1'" 1 
ATOM   977  N N1    . U   D 2 11 ? 1.762   -8.347  -16.791 1.00 8.33  ? 47 U   D N1    1 
ATOM   978  C C2    . U   D 2 11 ? 0.863   -9.375  -16.481 1.00 13.47 ? 47 U   D C2    1 
ATOM   979  O O2    . U   D 2 11 ? 1.156   -10.563 -16.357 1.00 19.87 ? 47 U   D O2    1 
ATOM   980  N N3    . U   D 2 11 ? -0.457  -9.018  -16.296 1.00 12.30 ? 47 U   D N3    1 
ATOM   981  C C4    . U   D 2 11 ? -0.961  -7.737  -16.381 1.00 10.45 ? 47 U   D C4    1 
ATOM   982  O O4    . U   D 2 11 ? -2.153  -7.544  -16.179 1.00 12.70 ? 47 U   D O4    1 
ATOM   983  C C5    . U   D 2 11 ? 0.027   -6.725  -16.691 1.00 7.27  ? 47 U   D C5    1 
ATOM   984  C C6    . U   D 2 11 ? 1.319   -7.055  -16.894 1.00 7.65  ? 47 U   D C6    1 
ATOM   985  P P     . A   D 2 12 ? 4.202   -8.674  -21.822 1.00 21.67 ? 48 A   D P     1 
ATOM   986  O OP1   . A   D 2 12 ? 5.213   -9.111  -22.822 1.00 20.08 ? 48 A   D OP1   1 
ATOM   987  O OP2   . A   D 2 12 ? 3.492   -7.372  -22.006 1.00 15.57 ? 48 A   D OP2   1 
ATOM   988  O "O5'" . A   D 2 12 ? 3.103   -9.856  -21.781 1.00 14.23 ? 48 A   D "O5'" 1 
ATOM   989  C "C5'" . A   D 2 12 ? 3.601   -11.153 -22.047 1.00 16.20 ? 48 A   D "C5'" 1 
ATOM   990  C "C4'" . A   D 2 12 ? 2.663   -12.254 -21.656 1.00 16.50 ? 48 A   D "C4'" 1 
ATOM   991  O "O4'" . A   D 2 12 ? 2.092   -11.915 -20.395 1.00 17.75 ? 48 A   D "O4'" 1 
ATOM   992  C "C3'" . A   D 2 12 ? 1.518   -12.484 -22.605 1.00 15.78 ? 48 A   D "C3'" 1 
ATOM   993  O "O3'" . A   D 2 12 ? 1.864   -13.393 -23.655 1.00 17.42 ? 48 A   D "O3'" 1 
ATOM   994  C "C2'" . A   D 2 12 ? 0.502   -13.153 -21.682 1.00 18.12 ? 48 A   D "C2'" 1 
ATOM   995  O "O2'" . A   D 2 12 ? 0.652   -14.586 -21.558 1.00 20.54 ? 48 A   D "O2'" 1 
ATOM   996  C "C1'" . A   D 2 12 ? 0.773   -12.477 -20.354 1.00 15.42 ? 48 A   D "C1'" 1 
ATOM   997  N N9    . A   D 2 12 ? -0.161  -11.395 -20.016 1.00 10.94 ? 48 A   D N9    1 
ATOM   998  C C8    . A   D 2 12 ? 0.032   -10.044 -20.116 1.00 9.35  ? 48 A   D C8    1 
ATOM   999  N N7    . A   D 2 12 ? -0.987  -9.338  -19.733 1.00 8.96  ? 48 A   D N7    1 
ATOM   1000 C C5    . A   D 2 12 ? -1.916  -10.293 -19.357 1.00 6.56  ? 48 A   D C5    1 
ATOM   1001 C C6    . A   D 2 12 ? -3.195  -10.161 -18.845 1.00 6.06  ? 48 A   D C6    1 
ATOM   1002 N N6    . A   D 2 12 ? -3.710  -8.945  -18.646 1.00 4.76  ? 48 A   D N6    1 
ATOM   1003 N N1    . A   D 2 12 ? -3.868  -11.297 -18.569 1.00 4.67  ? 48 A   D N1    1 
ATOM   1004 C C2    . A   D 2 12 ? -3.264  -12.471 -18.786 1.00 3.52  ? 48 A   D C2    1 
ATOM   1005 N N3    . A   D 2 12 ? -2.057  -12.729 -19.269 1.00 2.00  ? 48 A   D N3    1 
ATOM   1006 C C4    . A   D 2 12 ? -1.428  -11.558 -19.529 1.00 6.81  ? 48 A   D C4    1 
HETATM 1007 O O     . HOH E 3 .  ? 10.256  4.162   29.184  1.00 10.42 ? 49 HOH A O     1 
HETATM 1008 O O     . HOH E 3 .  ? 5.686   14.582  -5.684  1.00 17.23 ? 62 HOH A O     1 
HETATM 1009 O O     . HOH E 3 .  ? -6.572  28.451  4.142   1.00 9.85  ? 65 HOH A O     1 
HETATM 1010 O O     . HOH E 3 .  ? 10.856  12.620  -6.654  1.00 21.86 ? 69 HOH A O     1 
HETATM 1011 O O     . HOH E 3 .  ? -5.108  4.042   5.907   1.00 29.21 ? 72 HOH A O     1 
HETATM 1012 O O     . HOH E 3 .  ? 7.304   3.205   28.164  1.00 36.45 ? 82 HOH A O     1 
HETATM 1013 O O     . HOH E 3 .  ? -11.468 3.944   2.291   1.00 49.99 ? 83 HOH A O     1 
HETATM 1014 O O     . HOH F 3 .  ? 3.592   13.185  6.884   1.00 12.22 ? 50 HOH B O     1 
HETATM 1015 O O     . HOH F 3 .  ? 12.249  -8.458  8.737   1.00 9.60  ? 52 HOH B O     1 
HETATM 1016 O O     . HOH F 3 .  ? -0.157  14.613  -4.532  1.00 14.93 ? 57 HOH B O     1 
HETATM 1017 O O     . HOH F 3 .  ? 1.726   17.334  0.021   1.00 23.02 ? 58 HOH B O     1 
HETATM 1018 O O     . HOH F 3 .  ? 4.378   -0.401  15.288  1.00 23.96 ? 64 HOH B O     1 
HETATM 1019 O O     . HOH F 3 .  ? 13.772  -3.020  4.991   1.00 22.59 ? 67 HOH B O     1 
HETATM 1020 O O     . HOH F 3 .  ? 14.444  -12.674 10.568  1.00 27.63 ? 68 HOH B O     1 
HETATM 1021 O O     . HOH F 3 .  ? 16.153  6.048   -2.372  1.00 26.46 ? 71 HOH B O     1 
HETATM 1022 O O     . HOH F 3 .  ? 7.241   16.397  0.566   1.00 18.31 ? 74 HOH B O     1 
HETATM 1023 O O     . HOH F 3 .  ? 19.217  -10.771 6.102   1.00 27.80 ? 79 HOH B O     1 
HETATM 1024 O O     . HOH F 3 .  ? 7.740   19.357  4.614   1.00 31.50 ? 81 HOH B O     1 
HETATM 1025 O O     . HOH F 3 .  ? 16.310  -9.427  8.207   1.00 45.26 ? 87 HOH B O     1 
HETATM 1026 O O     . HOH G 3 .  ? -6.107  0.235   -0.541  1.00 8.56  ? 53 HOH C O     1 
HETATM 1027 O O     . HOH G 3 .  ? 4.050   -13.029 -12.205 1.00 18.04 ? 54 HOH C O     1 
HETATM 1028 O O     . HOH G 3 .  ? -4.584  -4.117  6.499   1.00 21.39 ? 55 HOH C O     1 
HETATM 1029 O O     . HOH G 3 .  ? -10.343 -17.762 7.094   1.00 24.84 ? 56 HOH C O     1 
HETATM 1030 O O     . HOH G 3 .  ? -3.307  -5.596  3.488   1.00 13.61 ? 59 HOH C O     1 
HETATM 1031 O O     . HOH G 3 .  ? 1.178   -19.920 -10.075 1.00 17.26 ? 60 HOH C O     1 
HETATM 1032 O O     . HOH G 3 .  ? -2.663  -13.127 -7.864  1.00 45.46 ? 66 HOH C O     1 
HETATM 1033 O O     . HOH G 3 .  ? -6.066  -16.357 -18.041 1.00 32.54 ? 75 HOH C O     1 
HETATM 1034 O O     . HOH G 3 .  ? 1.423   -19.299 -7.436  1.00 38.30 ? 77 HOH C O     1 
HETATM 1035 O O     . HOH G 3 .  ? -6.024  -7.773  15.836  1.00 21.45 ? 78 HOH C O     1 
HETATM 1036 O O     . HOH G 3 .  ? -13.137 -15.623 5.986   1.00 23.48 ? 80 HOH C O     1 
HETATM 1037 O O     . HOH G 3 .  ? 2.248   -20.411 -13.337 1.00 40.67 ? 84 HOH C O     1 
HETATM 1038 O O     . HOH G 3 .  ? -3.764  -22.688 -10.706 1.00 21.18 ? 85 HOH C O     1 
HETATM 1039 O O     . HOH H 3 .  ? 0.743   -6.186  -19.738 1.00 16.68 ? 51 HOH D O     1 
HETATM 1040 O O     . HOH H 3 .  ? -5.390  -25.737 -3.115  1.00 17.21 ? 61 HOH D O     1 
HETATM 1041 O O     . HOH H 3 .  ? -5.153  -14.502 -0.529  1.00 31.94 ? 63 HOH D O     1 
HETATM 1042 O O     . HOH H 3 .  ? -11.242 -14.367 -8.036  1.00 29.45 ? 70 HOH D O     1 
HETATM 1043 O O     . HOH H 3 .  ? -7.867  -23.929 -2.676  1.00 21.39 ? 73 HOH D O     1 
HETATM 1044 O O     . HOH H 3 .  ? 2.065   -20.822 5.742   1.00 36.37 ? 76 HOH D O     1 
HETATM 1045 O O     . HOH H 3 .  ? -3.455  -5.031  -16.398 1.00 28.74 ? 86 HOH D O     1 
# 
